data_5MAC
#
_entry.id   5MAC
#
_cell.length_a   273.760
_cell.length_b   273.760
_cell.length_c   96.740
_cell.angle_alpha   90.00
_cell.angle_beta   90.00
_cell.angle_gamma   120.00
#
_symmetry.space_group_name_H-M   'P 3 2 1'
#
loop_
_entity.id
_entity.type
_entity.pdbx_description
1 polymer 'Ribulose-1,5-bisphosphate carboxylase-oxygenase type III'
2 non-polymer 2-CARBOXYARABINITOL-1,5-DIPHOSPHATE
3 non-polymer 'MAGNESIUM ION'
4 non-polymer 'CHLORIDE ION'
5 water water
#
_entity_poly.entity_id   1
_entity_poly.type   'polypeptide(L)'
_entity_poly.pdbx_seq_one_letter_code
;MSLIYEDLVKSLDSKQQAYVDLKLPDPTNGEFLLAVFHMIPGGDLNVLQAAAEIAAESSTGTNIKVSTETAFSRTMNARV
YQLDLERELVWIAYPWRLFDRGGNVQNILTYIIGNILGMKEIQALKLMDIWFPPSMLEQYDGPSYTVDDMRKYLDVYDRP
ILGTIVKPKMGLTSAEYAEVCYDFWVGGGDFV(KCX)NDEPQANQDFCPYEKMVAHVKEAMDKAVKETGQKKVHSFNVSA
ADFDTMIERCEMITNAGFEPGSYAFLIDGITAGWMAVQTLRRRYPDVFLHFHRAAHGAFTRQENPIGFSVLVLSKFARLA
GASGIHTGTAGIGKMKGTPAEDVVAAHSIQYLKSPGHFFEQTWSKIMDTDKDVINLVNEDLAHHVILEDDSWRAMKKCCP
IVSGGLNPVKLKPFIDVMENVDFITTMGSGVHSHPGGTQSGAKALVQACDAYLQGMDIEEYAKDHKELAEAIEFYLNR
;
_entity_poly.pdbx_strand_id   A,B,C,D,E
#
loop_
_chem_comp.id
_chem_comp.type
_chem_comp.name
_chem_comp.formula
CAP saccharide 2-CARBOXYARABINITOL-1,5-DIPHOSPHATE 'C6 H14 O13 P2'
CL non-polymer 'CHLORIDE ION' 'Cl -1'
MG non-polymer 'MAGNESIUM ION' 'Mg 2'
#
# COMPACT_ATOMS: atom_id res chain seq x y z
N MET A 1 -9.79 37.30 68.50
CA MET A 1 -9.64 36.15 67.62
C MET A 1 -10.29 34.90 68.24
N SER A 2 -9.81 34.51 69.45
CA SER A 2 -10.22 33.38 70.29
C SER A 2 -8.98 32.81 70.98
N LEU A 3 -9.20 32.19 72.14
CA LEU A 3 -8.14 31.58 72.95
C LEU A 3 -7.29 30.55 72.19
N ILE A 4 -7.94 29.59 71.50
CA ILE A 4 -7.20 28.52 70.80
C ILE A 4 -6.62 29.03 69.48
N TYR A 5 -7.41 29.78 68.70
CA TYR A 5 -6.91 30.34 67.44
C TYR A 5 -5.71 31.28 67.69
N GLU A 6 -5.67 32.00 68.84
CA GLU A 6 -4.53 32.84 69.23
C GLU A 6 -3.29 32.00 69.47
N ASP A 7 -3.41 30.93 70.27
CA ASP A 7 -2.30 30.00 70.62
C ASP A 7 -1.70 29.36 69.36
N LEU A 8 -2.57 28.91 68.43
CA LEU A 8 -2.13 28.34 67.17
C LEU A 8 -1.29 29.33 66.37
N VAL A 9 -1.68 30.60 66.34
CA VAL A 9 -0.93 31.64 65.60
C VAL A 9 0.43 31.94 66.28
N LYS A 10 0.46 31.91 67.62
CA LYS A 10 1.70 32.15 68.39
C LYS A 10 2.72 31.01 68.18
N SER A 11 2.24 29.80 67.81
CA SER A 11 3.09 28.63 67.52
C SER A 11 3.82 28.68 66.17
N LEU A 12 3.43 29.59 65.27
CA LEU A 12 4.01 29.63 63.93
C LEU A 12 5.42 30.22 63.83
N ASP A 13 6.25 29.65 62.92
CA ASP A 13 7.60 30.11 62.56
C ASP A 13 7.45 31.43 61.84
N SER A 14 8.57 32.11 61.53
CA SER A 14 8.55 33.32 60.72
C SER A 14 8.17 32.96 59.24
N LYS A 15 8.47 31.71 58.84
CA LYS A 15 8.13 31.20 57.52
C LYS A 15 6.64 30.88 57.47
N GLN A 16 6.15 30.06 58.40
CA GLN A 16 4.73 29.70 58.47
C GLN A 16 3.82 30.94 58.69
N GLN A 17 4.36 32.00 59.33
CA GLN A 17 3.64 33.26 59.56
C GLN A 17 3.23 33.87 58.20
N ALA A 18 4.17 33.84 57.24
CA ALA A 18 3.99 34.35 55.88
C ALA A 18 2.88 33.67 55.05
N TYR A 19 2.42 32.45 55.43
CA TYR A 19 1.37 31.73 54.68
C TYR A 19 0.09 31.58 55.49
N VAL A 20 -0.18 32.54 56.35
CA VAL A 20 -1.37 32.59 57.20
C VAL A 20 -1.84 34.02 57.30
N ASP A 21 -3.13 34.23 57.02
CA ASP A 21 -3.81 35.50 57.23
C ASP A 21 -5.24 35.16 57.58
N LEU A 22 -5.48 34.96 58.88
CA LEU A 22 -6.80 34.60 59.42
C LEU A 22 -7.73 35.78 59.43
N LYS A 23 -7.18 36.98 59.22
CA LYS A 23 -7.91 38.21 59.16
C LYS A 23 -7.85 38.73 57.70
N LEU A 24 -7.86 37.83 56.70
CA LEU A 24 -7.82 38.24 55.30
C LEU A 24 -9.05 39.11 55.02
N PRO A 25 -8.87 40.39 54.61
CA PRO A 25 -10.04 41.27 54.45
C PRO A 25 -11.14 40.77 53.52
N ASP A 26 -10.83 40.57 52.22
CA ASP A 26 -11.83 40.13 51.24
C ASP A 26 -11.28 39.01 50.38
N PRO A 27 -11.51 37.75 50.77
CA PRO A 27 -11.04 36.63 49.93
C PRO A 27 -11.65 36.60 48.52
N THR A 28 -12.89 37.09 48.35
CA THR A 28 -13.58 37.16 47.05
C THR A 28 -13.35 38.47 46.28
N ASN A 29 -12.25 39.17 46.52
CA ASN A 29 -11.94 40.40 45.82
C ASN A 29 -11.57 40.17 44.33
N GLY A 30 -11.23 38.93 43.96
CA GLY A 30 -10.85 38.58 42.61
C GLY A 30 -9.38 38.29 42.40
N GLU A 31 -8.53 38.50 43.42
CA GLU A 31 -7.10 38.17 43.33
C GLU A 31 -6.86 36.71 43.60
N PHE A 32 -7.75 36.04 44.36
CA PHE A 32 -7.55 34.67 44.82
C PHE A 32 -8.43 33.57 44.19
N LEU A 33 -7.84 32.36 44.13
CA LEU A 33 -8.49 31.10 43.80
C LEU A 33 -8.67 30.57 45.23
N LEU A 34 -9.93 30.43 45.69
CA LEU A 34 -10.20 29.95 47.05
C LEU A 34 -10.32 28.45 47.02
N ALA A 35 -9.81 27.78 48.06
CA ALA A 35 -9.77 26.32 48.14
C ALA A 35 -10.01 25.88 49.55
N VAL A 36 -10.67 24.72 49.73
CA VAL A 36 -10.90 24.12 51.03
C VAL A 36 -10.55 22.63 51.01
N PHE A 37 -9.56 22.24 51.84
CA PHE A 37 -9.13 20.86 51.99
C PHE A 37 -9.60 20.27 53.30
N HIS A 38 -9.93 18.97 53.27
CA HIS A 38 -10.09 18.22 54.51
C HIS A 38 -8.62 17.84 54.87
N MET A 39 -8.18 18.07 56.12
CA MET A 39 -6.79 17.82 56.49
C MET A 39 -6.62 17.42 57.94
N ILE A 40 -5.74 16.43 58.17
CA ILE A 40 -5.35 15.91 59.49
C ILE A 40 -3.83 15.93 59.52
N PRO A 41 -3.16 16.53 60.52
CA PRO A 41 -1.68 16.51 60.53
C PRO A 41 -1.10 15.15 60.94
N GLY A 42 0.09 14.83 60.44
CA GLY A 42 0.74 13.55 60.71
C GLY A 42 1.95 13.60 61.64
N GLY A 43 1.69 14.02 62.89
CA GLY A 43 2.68 14.08 63.96
C GLY A 43 3.77 15.12 63.79
N ASP A 44 4.16 15.76 64.92
CA ASP A 44 5.16 16.83 65.07
C ASP A 44 4.53 18.22 64.92
N LEU A 45 3.56 18.38 64.00
CA LEU A 45 2.92 19.68 63.72
C LEU A 45 1.47 19.73 64.16
N ASN A 46 1.00 20.96 64.48
CA ASN A 46 -0.38 21.25 64.83
C ASN A 46 -1.14 21.60 63.53
N VAL A 47 -2.46 21.79 63.62
CA VAL A 47 -3.29 22.06 62.45
C VAL A 47 -2.79 23.26 61.65
N LEU A 48 -2.52 24.38 62.31
CA LEU A 48 -2.11 25.61 61.64
C LEU A 48 -0.72 25.54 61.09
N GLN A 49 0.19 24.85 61.78
CA GLN A 49 1.56 24.70 61.26
C GLN A 49 1.54 23.86 59.98
N ALA A 50 0.76 22.76 59.97
CA ALA A 50 0.58 21.88 58.78
C ALA A 50 -0.05 22.64 57.62
N ALA A 51 -1.09 23.43 57.91
CA ALA A 51 -1.78 24.25 56.91
C ALA A 51 -0.86 25.30 56.30
N ALA A 52 -0.02 25.95 57.13
CA ALA A 52 0.98 26.93 56.67
C ALA A 52 2.01 26.24 55.76
N GLU A 53 2.39 24.99 56.12
CA GLU A 53 3.32 24.17 55.34
C GLU A 53 2.74 23.79 53.99
N ILE A 54 1.50 23.29 53.97
CA ILE A 54 0.80 22.96 52.73
C ILE A 54 0.76 24.22 51.87
N ALA A 55 0.23 25.33 52.42
CA ALA A 55 0.13 26.62 51.71
C ALA A 55 1.46 27.06 51.06
N ALA A 56 2.59 26.99 51.77
CA ALA A 56 3.94 27.30 51.26
C ALA A 56 4.32 26.42 50.05
N GLU A 57 4.13 25.12 50.22
CA GLU A 57 4.45 24.15 49.19
C GLU A 57 3.54 24.18 47.97
N SER A 58 2.34 24.79 48.08
CA SER A 58 1.40 24.95 46.97
C SER A 58 1.38 26.39 46.45
N SER A 59 2.46 27.15 46.66
CA SER A 59 2.57 28.49 46.15
C SER A 59 4.00 28.86 45.92
N THR A 60 4.62 29.59 46.84
CA THR A 60 5.95 30.15 46.66
C THR A 60 7.05 29.62 47.60
N GLY A 61 6.70 28.76 48.56
CA GLY A 61 7.62 28.33 49.60
C GLY A 61 8.26 26.97 49.54
N THR A 62 9.06 26.68 50.58
CA THR A 62 9.74 25.40 50.77
C THR A 62 9.85 25.13 52.27
N ASN A 63 10.42 23.97 52.69
CA ASN A 63 10.45 23.63 54.14
C ASN A 63 11.33 24.56 55.02
N ILE A 64 12.23 25.37 54.42
CA ILE A 64 13.03 26.37 55.14
C ILE A 64 12.97 27.70 54.38
N LYS A 65 12.87 28.85 55.10
CA LYS A 65 12.90 30.16 54.43
C LYS A 65 14.26 30.31 53.68
N VAL A 66 14.22 30.85 52.44
CA VAL A 66 15.40 30.95 51.59
C VAL A 66 15.97 32.37 51.47
N SER A 67 17.27 32.45 51.25
CA SER A 67 18.00 33.72 51.06
C SER A 67 17.58 34.42 49.74
N THR A 68 17.13 33.64 48.75
CA THR A 68 16.72 34.11 47.43
C THR A 68 15.32 34.78 47.37
N GLU A 69 14.56 34.74 48.47
CA GLU A 69 13.22 35.33 48.62
C GLU A 69 13.24 36.84 48.49
N THR A 70 12.20 37.39 47.85
CA THR A 70 12.02 38.82 47.61
C THR A 70 10.69 39.32 48.21
N ALA A 71 10.55 40.65 48.36
CA ALA A 71 9.30 41.23 48.85
C ALA A 71 8.18 40.98 47.86
N PHE A 72 8.50 40.99 46.55
CA PHE A 72 7.56 40.80 45.46
C PHE A 72 7.06 39.37 45.46
N SER A 73 7.92 38.42 45.78
CA SER A 73 7.54 36.99 45.86
C SER A 73 6.55 36.73 47.00
N ARG A 74 6.67 37.49 48.13
CA ARG A 74 5.79 37.36 49.29
C ARG A 74 4.36 37.79 48.96
N THR A 75 4.19 38.71 48.02
CA THR A 75 2.83 39.14 47.59
C THR A 75 1.99 37.94 47.08
N MET A 76 2.66 36.88 46.56
CA MET A 76 2.02 35.73 45.94
C MET A 76 1.90 34.49 46.81
N ASN A 77 2.19 34.60 48.10
CA ASN A 77 2.02 33.49 49.02
C ASN A 77 0.54 33.11 49.12
N ALA A 78 0.26 31.81 49.12
CA ALA A 78 -1.11 31.34 49.36
C ALA A 78 -1.28 31.56 50.86
N ARG A 79 -2.49 31.96 51.30
N ARG A 79 -2.47 31.97 51.32
CA ARG A 79 -2.77 32.30 52.70
CA ARG A 79 -2.66 32.28 52.75
C ARG A 79 -3.86 31.42 53.29
C ARG A 79 -3.85 31.51 53.34
N VAL A 80 -3.62 30.88 54.49
CA VAL A 80 -4.63 30.13 55.24
C VAL A 80 -5.47 31.23 55.89
N TYR A 81 -6.74 31.37 55.48
CA TYR A 81 -7.58 32.45 55.98
C TYR A 81 -8.79 32.01 56.85
N GLN A 82 -9.12 30.71 56.90
CA GLN A 82 -10.25 30.26 57.72
C GLN A 82 -10.01 28.81 58.16
N LEU A 83 -10.63 28.38 59.30
CA LEU A 83 -10.56 27.00 59.83
C LEU A 83 -11.89 26.50 60.41
N ASP A 84 -12.00 25.17 60.51
CA ASP A 84 -13.11 24.44 61.16
C ASP A 84 -12.39 23.25 61.75
N LEU A 85 -12.00 23.36 63.03
CA LEU A 85 -11.20 22.34 63.70
C LEU A 85 -12.01 21.05 63.92
N GLU A 86 -13.30 21.18 64.26
CA GLU A 86 -14.23 20.06 64.47
C GLU A 86 -14.34 19.22 63.18
N ARG A 87 -14.65 19.90 62.06
CA ARG A 87 -14.83 19.26 60.75
C ARG A 87 -13.53 18.97 60.01
N GLU A 88 -12.40 19.46 60.54
CA GLU A 88 -11.05 19.24 60.02
C GLU A 88 -10.87 19.80 58.63
N LEU A 89 -11.38 21.02 58.42
CA LEU A 89 -11.31 21.75 57.15
C LEU A 89 -10.41 22.96 57.28
N VAL A 90 -9.70 23.29 56.20
CA VAL A 90 -8.84 24.47 56.13
C VAL A 90 -9.05 25.18 54.78
N TRP A 91 -9.25 26.52 54.82
CA TRP A 91 -9.50 27.36 53.65
C TRP A 91 -8.22 28.08 53.30
N ILE A 92 -7.74 27.92 52.05
CA ILE A 92 -6.52 28.56 51.57
C ILE A 92 -6.84 29.39 50.36
N ALA A 93 -6.25 30.59 50.32
CA ALA A 93 -6.41 31.54 49.24
C ALA A 93 -5.16 31.55 48.40
N TYR A 94 -5.31 31.24 47.11
CA TYR A 94 -4.20 31.17 46.18
C TYR A 94 -4.25 32.33 45.21
N PRO A 95 -3.30 33.26 45.24
CA PRO A 95 -3.27 34.29 44.20
C PRO A 95 -3.19 33.65 42.80
N TRP A 96 -4.15 33.93 41.91
CA TRP A 96 -4.11 33.32 40.58
C TRP A 96 -3.00 33.89 39.71
N ARG A 97 -2.27 34.93 40.20
CA ARG A 97 -1.06 35.42 39.52
C ARG A 97 0.05 34.33 39.54
N LEU A 98 -0.05 33.36 40.48
CA LEU A 98 0.77 32.15 40.59
C LEU A 98 0.74 31.30 39.33
N PHE A 99 -0.44 31.17 38.77
CA PHE A 99 -0.70 30.29 37.64
C PHE A 99 -0.13 30.79 36.29
N ASP A 100 0.39 29.84 35.51
CA ASP A 100 0.93 30.03 34.17
C ASP A 100 -0.18 30.57 33.27
N ARG A 101 0.25 31.44 32.36
CA ARG A 101 -0.64 32.11 31.44
C ARG A 101 -1.00 31.21 30.25
N GLY A 102 -1.88 31.70 29.39
CA GLY A 102 -2.42 30.89 28.31
C GLY A 102 -3.48 29.90 28.75
N GLY A 103 -4.14 30.13 29.88
CA GLY A 103 -5.19 29.25 30.40
C GLY A 103 -4.79 27.83 30.72
N ASN A 104 -3.60 27.68 31.30
CA ASN A 104 -2.99 26.39 31.64
C ASN A 104 -3.62 25.73 32.87
N VAL A 105 -4.46 24.71 32.67
CA VAL A 105 -5.14 24.01 33.79
C VAL A 105 -4.21 23.06 34.53
N GLN A 106 -3.32 22.32 33.84
CA GLN A 106 -2.42 21.40 34.55
C GLN A 106 -1.55 22.14 35.56
N ASN A 107 -1.17 23.39 35.25
CA ASN A 107 -0.37 24.20 36.16
C ASN A 107 -1.11 24.53 37.46
N ILE A 108 -2.43 24.81 37.38
CA ILE A 108 -3.22 25.04 38.60
C ILE A 108 -3.10 23.76 39.47
N LEU A 109 -3.38 22.59 38.86
CA LEU A 109 -3.41 21.28 39.54
C LEU A 109 -2.05 20.90 40.11
N THR A 110 -0.99 21.34 39.45
CA THR A 110 0.38 21.12 39.90
C THR A 110 0.61 21.75 41.25
N TYR A 111 0.04 22.92 41.52
CA TYR A 111 0.18 23.57 42.82
C TYR A 111 -0.75 22.96 43.88
N ILE A 112 -2.06 23.09 43.63
CA ILE A 112 -3.09 22.85 44.62
C ILE A 112 -3.42 21.39 44.89
N ILE A 113 -2.99 20.45 44.04
CA ILE A 113 -3.12 19.01 44.31
C ILE A 113 -1.87 18.25 43.82
N GLY A 114 -0.68 18.88 43.97
CA GLY A 114 0.57 18.33 43.46
C GLY A 114 1.48 17.70 44.48
N ASN A 115 2.68 18.29 44.64
CA ASN A 115 3.66 17.82 45.62
C ASN A 115 3.10 17.69 47.04
N ILE A 116 2.19 18.58 47.44
CA ILE A 116 1.62 18.57 48.79
C ILE A 116 0.90 17.28 49.15
N LEU A 117 0.41 16.50 48.14
CA LEU A 117 -0.24 15.22 48.40
C LEU A 117 0.77 14.17 48.94
N GLY A 118 2.05 14.34 48.64
CA GLY A 118 3.12 13.43 49.06
C GLY A 118 3.81 13.76 50.37
N MET A 119 3.55 14.92 50.94
CA MET A 119 4.20 15.36 52.19
C MET A 119 3.90 14.45 53.36
N LYS A 120 4.96 14.00 54.09
CA LYS A 120 4.76 13.13 55.26
C LYS A 120 4.14 13.84 56.47
N GLU A 121 4.14 15.19 56.49
CA GLU A 121 3.56 15.96 57.59
C GLU A 121 2.01 16.02 57.57
N ILE A 122 1.32 15.21 56.74
CA ILE A 122 -0.13 15.08 56.77
C ILE A 122 -0.50 13.62 56.73
N GLN A 123 -1.64 13.30 57.31
CA GLN A 123 -2.23 11.96 57.32
C GLN A 123 -3.34 11.92 56.26
N ALA A 124 -4.09 13.03 56.11
CA ALA A 124 -5.16 13.21 55.13
C ALA A 124 -4.96 14.59 54.45
N LEU A 125 -5.34 14.72 53.17
CA LEU A 125 -5.28 15.98 52.39
C LEU A 125 -6.19 15.83 51.21
N LYS A 126 -7.40 16.26 51.35
CA LYS A 126 -8.38 16.11 50.28
C LYS A 126 -8.94 17.46 49.90
N LEU A 127 -8.64 17.95 48.69
CA LEU A 127 -9.22 19.18 48.18
C LEU A 127 -10.71 18.95 47.88
N MET A 128 -11.60 19.57 48.66
CA MET A 128 -13.04 19.41 48.55
C MET A 128 -13.72 20.34 47.56
N ASP A 129 -13.29 21.60 47.56
CA ASP A 129 -13.91 22.62 46.71
C ASP A 129 -12.95 23.74 46.35
N ILE A 130 -13.30 24.47 45.29
CA ILE A 130 -12.56 25.63 44.77
C ILE A 130 -13.54 26.72 44.34
N TRP A 131 -13.10 27.98 44.38
CA TRP A 131 -13.90 29.10 43.91
C TRP A 131 -13.09 29.88 42.91
N PHE A 132 -13.65 30.01 41.68
CA PHE A 132 -13.05 30.75 40.58
C PHE A 132 -13.64 32.17 40.51
N PRO A 133 -12.83 33.24 40.68
CA PRO A 133 -13.39 34.59 40.57
C PRO A 133 -13.67 34.96 39.13
N PRO A 134 -14.62 35.89 38.86
CA PRO A 134 -14.87 36.26 37.45
C PRO A 134 -13.62 36.67 36.70
N SER A 135 -12.68 37.35 37.38
CA SER A 135 -11.41 37.79 36.78
C SER A 135 -10.58 36.65 36.26
N MET A 136 -10.45 35.59 37.06
CA MET A 136 -9.68 34.40 36.72
C MET A 136 -10.36 33.65 35.60
N LEU A 137 -11.68 33.33 35.72
CA LEU A 137 -12.44 32.63 34.67
C LEU A 137 -12.25 33.15 33.27
N GLU A 138 -12.06 34.46 33.14
CA GLU A 138 -11.84 35.12 31.85
C GLU A 138 -10.46 34.73 31.23
N GLN A 139 -9.51 34.25 32.05
CA GLN A 139 -8.19 33.79 31.59
C GLN A 139 -8.22 32.35 31.08
N TYR A 140 -9.36 31.66 31.22
CA TYR A 140 -9.53 30.29 30.78
C TYR A 140 -10.48 30.18 29.64
N ASP A 141 -10.39 29.06 28.94
CA ASP A 141 -11.21 28.81 27.77
C ASP A 141 -12.68 28.63 28.09
N GLY A 142 -12.98 27.65 28.91
CA GLY A 142 -14.35 27.25 29.17
C GLY A 142 -14.84 26.43 27.98
N PRO A 143 -16.01 25.76 28.04
CA PRO A 143 -16.49 25.02 26.86
C PRO A 143 -16.83 25.91 25.66
N SER A 144 -16.62 25.40 24.40
CA SER A 144 -16.99 26.11 23.15
C SER A 144 -18.16 25.39 22.42
N TYR A 145 -18.25 24.07 22.57
CA TYR A 145 -19.31 23.26 22.01
C TYR A 145 -19.98 22.64 23.23
N THR A 146 -21.31 22.65 23.28
CA THR A 146 -22.04 22.18 24.46
C THR A 146 -23.13 21.23 24.08
N VAL A 147 -23.76 20.60 25.10
CA VAL A 147 -24.91 19.70 24.92
C VAL A 147 -26.10 20.44 24.27
N ASP A 148 -26.14 21.77 24.40
CA ASP A 148 -27.17 22.57 23.75
C ASP A 148 -26.96 22.46 22.24
N ASP A 149 -25.71 22.61 21.79
CA ASP A 149 -25.35 22.43 20.38
C ASP A 149 -25.63 21.01 19.84
N MET A 150 -25.34 19.93 20.62
CA MET A 150 -25.59 18.53 20.22
C MET A 150 -27.09 18.20 20.15
N ARG A 151 -27.83 18.70 21.12
CA ARG A 151 -29.29 18.53 21.16
C ARG A 151 -29.92 19.21 19.94
N LYS A 152 -29.34 20.36 19.50
CA LYS A 152 -29.80 21.08 18.33
C LYS A 152 -29.62 20.18 17.12
N TYR A 153 -28.39 19.65 16.94
CA TYR A 153 -28.06 18.70 15.86
C TYR A 153 -29.01 17.48 15.89
N LEU A 154 -29.07 16.82 17.02
CA LEU A 154 -29.88 15.61 17.19
C LEU A 154 -31.38 15.83 17.17
N ASP A 155 -31.83 17.04 17.60
CA ASP A 155 -33.22 17.42 17.80
C ASP A 155 -33.81 16.55 18.92
N VAL A 156 -33.12 16.56 20.08
CA VAL A 156 -33.47 15.79 21.27
C VAL A 156 -33.48 16.75 22.45
N TYR A 157 -34.68 16.96 23.04
CA TYR A 157 -34.87 17.90 24.12
C TYR A 157 -35.79 17.34 25.18
N ASP A 158 -35.78 17.96 26.35
CA ASP A 158 -36.66 17.62 27.48
C ASP A 158 -36.61 16.17 27.89
N ARG A 159 -35.43 15.57 27.78
CA ARG A 159 -35.15 14.19 28.16
C ARG A 159 -33.63 14.00 28.08
N PRO A 160 -33.07 12.97 28.74
CA PRO A 160 -31.63 12.75 28.63
C PRO A 160 -31.27 12.16 27.28
N ILE A 161 -30.04 12.42 26.85
CA ILE A 161 -29.54 11.83 25.61
C ILE A 161 -29.23 10.38 26.02
N LEU A 162 -29.93 9.44 25.38
CA LEU A 162 -29.83 8.03 25.65
C LEU A 162 -28.77 7.43 24.75
N GLY A 163 -27.76 6.85 25.38
CA GLY A 163 -26.62 6.29 24.69
C GLY A 163 -26.20 4.92 25.15
N THR A 164 -25.18 4.39 24.46
CA THR A 164 -24.51 3.13 24.75
C THR A 164 -23.00 3.27 24.56
N ILE A 165 -22.31 2.25 25.05
CA ILE A 165 -20.88 2.04 24.88
C ILE A 165 -20.84 0.70 24.16
N VAL A 166 -19.93 0.56 23.18
CA VAL A 166 -19.79 -0.71 22.47
C VAL A 166 -19.04 -1.71 23.36
N LYS A 167 -19.67 -2.90 23.53
CA LYS A 167 -19.16 -4.00 24.33
C LYS A 167 -19.10 -5.28 23.48
N PRO A 168 -18.16 -6.22 23.65
CA PRO A 168 -16.99 -6.25 24.56
C PRO A 168 -16.14 -4.97 24.58
N LYS A 169 -15.55 -4.68 25.75
CA LYS A 169 -14.62 -3.56 25.95
C LYS A 169 -13.42 -3.64 24.99
N MET A 170 -13.06 -4.88 24.58
CA MET A 170 -11.98 -5.15 23.64
C MET A 170 -12.18 -6.57 23.12
N GLY A 171 -11.69 -6.83 21.92
CA GLY A 171 -11.85 -8.12 21.24
C GLY A 171 -12.67 -8.07 19.96
N LEU A 172 -13.57 -7.07 19.80
CA LEU A 172 -14.35 -6.93 18.57
C LEU A 172 -13.48 -6.32 17.47
N THR A 173 -13.80 -6.69 16.24
CA THR A 173 -13.15 -6.09 15.07
C THR A 173 -13.82 -4.78 14.72
N SER A 174 -13.24 -4.06 13.75
CA SER A 174 -13.75 -2.78 13.26
C SER A 174 -15.12 -2.92 12.62
N ALA A 175 -15.40 -4.06 12.00
CA ALA A 175 -16.69 -4.32 11.37
C ALA A 175 -17.68 -4.75 12.42
N GLU A 176 -17.25 -5.61 13.37
CA GLU A 176 -18.13 -6.04 14.48
C GLU A 176 -18.55 -4.83 15.32
N TYR A 177 -17.62 -3.89 15.55
CA TYR A 177 -17.86 -2.64 16.28
C TYR A 177 -19.00 -1.82 15.65
N ALA A 178 -18.93 -1.65 14.31
CA ALA A 178 -19.90 -0.92 13.51
C ALA A 178 -21.33 -1.51 13.53
N GLU A 179 -21.46 -2.83 13.78
CA GLU A 179 -22.77 -3.49 13.83
C GLU A 179 -23.44 -3.14 15.12
N VAL A 180 -22.65 -3.10 16.19
CA VAL A 180 -23.17 -2.77 17.52
C VAL A 180 -23.69 -1.32 17.50
N CYS A 181 -22.98 -0.42 16.77
CA CYS A 181 -23.35 0.99 16.59
C CYS A 181 -24.71 1.09 15.93
N TYR A 182 -24.79 0.55 14.72
CA TYR A 182 -26.01 0.50 13.93
C TYR A 182 -27.22 -0.05 14.73
N ASP A 183 -27.07 -1.19 15.40
CA ASP A 183 -28.16 -1.84 16.15
C ASP A 183 -28.73 -0.98 17.27
N PHE A 184 -27.87 -0.20 17.95
CA PHE A 184 -28.31 0.69 19.03
C PHE A 184 -29.10 1.85 18.47
N TRP A 185 -28.49 2.53 17.49
CA TRP A 185 -29.08 3.68 16.79
C TRP A 185 -30.39 3.33 16.12
N VAL A 186 -30.42 2.24 15.37
CA VAL A 186 -31.65 1.82 14.68
C VAL A 186 -32.79 1.39 15.67
N GLY A 187 -32.42 0.95 16.87
CA GLY A 187 -33.35 0.57 17.92
C GLY A 187 -33.89 1.73 18.72
N GLY A 188 -33.47 2.95 18.38
CA GLY A 188 -33.93 4.17 19.05
C GLY A 188 -32.93 4.96 19.86
N GLY A 189 -31.69 4.47 19.94
CA GLY A 189 -30.64 5.16 20.69
C GLY A 189 -30.13 6.38 19.99
N ASP A 190 -29.70 7.38 20.72
CA ASP A 190 -29.16 8.62 20.12
C ASP A 190 -27.66 8.59 19.90
N PHE A 191 -26.96 8.16 20.95
CA PHE A 191 -25.52 8.29 21.12
C PHE A 191 -24.74 6.98 21.27
N VAL A 192 -23.65 6.81 20.50
CA VAL A 192 -22.77 5.65 20.69
C VAL A 192 -21.37 6.20 21.05
N KCX A 193 -20.72 5.59 22.06
CA KCX A 193 -19.38 5.99 22.47
CB KCX A 193 -19.26 6.68 23.86
CG KCX A 193 -19.55 5.76 25.05
CD KCX A 193 -19.34 6.49 26.38
CE KCX A 193 -17.83 6.68 26.61
NZ KCX A 193 -17.06 5.41 26.90
C KCX A 193 -18.42 4.81 22.41
O KCX A 193 -18.81 3.65 22.62
CX KCX A 193 -17.15 4.73 28.09
OQ1 KCX A 193 -17.85 5.09 29.00
OQ2 KCX A 193 -16.47 3.62 28.28
N ASN A 194 -17.16 5.11 22.14
CA ASN A 194 -16.11 4.09 22.16
C ASN A 194 -15.84 3.77 23.61
N ASP A 195 -15.79 2.49 24.01
CA ASP A 195 -15.34 2.17 25.38
C ASP A 195 -13.92 2.77 25.51
N GLU A 196 -13.62 3.43 26.64
CA GLU A 196 -12.37 4.19 26.86
C GLU A 196 -11.05 3.59 26.32
N PRO A 197 -10.79 2.25 26.27
CA PRO A 197 -9.48 1.80 25.81
C PRO A 197 -9.48 1.35 24.36
N GLN A 198 -10.62 1.55 23.65
CA GLN A 198 -10.79 1.14 22.27
C GLN A 198 -10.06 2.11 21.36
N ALA A 199 -9.09 1.62 20.59
CA ALA A 199 -8.26 2.46 19.74
C ALA A 199 -7.74 1.70 18.50
N ASN A 200 -6.42 1.77 18.21
CA ASN A 200 -5.84 1.09 17.06
C ASN A 200 -5.17 -0.23 17.45
N GLN A 201 -5.97 -1.22 17.85
CA GLN A 201 -5.46 -2.55 18.16
C GLN A 201 -5.34 -3.27 16.83
N ASP A 202 -4.43 -4.25 16.74
CA ASP A 202 -4.09 -4.97 15.50
C ASP A 202 -5.30 -5.56 14.74
N PHE A 203 -6.32 -6.00 15.47
CA PHE A 203 -7.52 -6.63 14.89
C PHE A 203 -8.71 -5.67 14.66
N CYS A 204 -8.52 -4.37 14.91
CA CYS A 204 -9.54 -3.33 14.68
CA CYS A 204 -9.53 -3.33 14.75
C CYS A 204 -8.84 -2.07 14.20
N PRO A 205 -8.36 -2.08 12.93
CA PRO A 205 -7.67 -0.91 12.40
C PRO A 205 -8.55 0.31 12.52
N TYR A 206 -8.04 1.36 13.16
CA TYR A 206 -8.79 2.59 13.43
C TYR A 206 -9.47 3.14 12.20
N GLU A 207 -8.75 3.14 11.07
CA GLU A 207 -9.19 3.65 9.76
C GLU A 207 -10.43 2.90 9.24
N LYS A 208 -10.52 1.58 9.51
CA LYS A 208 -11.64 0.72 9.09
C LYS A 208 -12.82 0.92 10.00
N MET A 209 -12.56 1.04 11.30
CA MET A 209 -13.58 1.30 12.32
C MET A 209 -14.34 2.60 11.96
N VAL A 210 -13.58 3.66 11.67
CA VAL A 210 -14.07 4.99 11.30
C VAL A 210 -14.97 4.94 10.04
N ALA A 211 -14.52 4.21 9.01
CA ALA A 211 -15.24 4.05 7.74
C ALA A 211 -16.52 3.23 7.89
N HIS A 212 -16.50 2.18 8.68
CA HIS A 212 -17.71 1.36 8.90
C HIS A 212 -18.73 2.08 9.75
N VAL A 213 -18.27 2.89 10.72
CA VAL A 213 -19.13 3.72 11.57
C VAL A 213 -19.82 4.78 10.68
N LYS A 214 -19.07 5.44 9.78
CA LYS A 214 -19.65 6.40 8.81
C LYS A 214 -20.84 5.74 8.05
N GLU A 215 -20.61 4.56 7.46
CA GLU A 215 -21.61 3.79 6.74
C GLU A 215 -22.79 3.33 7.64
N ALA A 216 -22.48 2.84 8.84
CA ALA A 216 -23.45 2.35 9.81
C ALA A 216 -24.39 3.46 10.23
N MET A 217 -23.81 4.68 10.45
CA MET A 217 -24.57 5.87 10.83
C MET A 217 -25.55 6.24 9.73
N ASP A 218 -25.09 6.28 8.47
CA ASP A 218 -25.91 6.64 7.32
C ASP A 218 -27.12 5.71 7.18
N LYS A 219 -26.92 4.41 7.40
CA LYS A 219 -27.98 3.40 7.30
C LYS A 219 -29.01 3.62 8.41
N ALA A 220 -28.53 3.84 9.65
CA ALA A 220 -29.38 4.08 10.84
C ALA A 220 -30.16 5.40 10.73
N VAL A 221 -29.48 6.48 10.31
CA VAL A 221 -30.09 7.80 10.13
C VAL A 221 -31.26 7.72 9.12
N LYS A 222 -30.97 7.13 7.96
CA LYS A 222 -31.91 6.92 6.85
C LYS A 222 -33.13 6.05 7.26
N GLU A 223 -32.93 5.02 8.07
CA GLU A 223 -34.02 4.13 8.49
C GLU A 223 -34.90 4.66 9.58
N THR A 224 -34.31 5.44 10.50
CA THR A 224 -35.02 6.06 11.63
C THR A 224 -35.54 7.46 11.33
N GLY A 225 -34.91 8.16 10.37
CA GLY A 225 -35.23 9.55 10.02
C GLY A 225 -34.81 10.47 11.15
N GLN A 226 -33.81 9.99 11.93
CA GLN A 226 -33.39 10.58 13.17
C GLN A 226 -31.88 10.67 13.19
N LYS A 227 -31.33 11.85 13.58
CA LYS A 227 -29.89 12.10 13.59
C LYS A 227 -29.24 11.45 14.80
N LYS A 228 -27.99 10.96 14.60
CA LYS A 228 -27.21 10.18 15.55
C LYS A 228 -25.77 10.72 15.71
N VAL A 229 -25.18 10.54 16.91
CA VAL A 229 -23.82 10.98 17.23
C VAL A 229 -22.92 9.76 17.58
N HIS A 230 -21.61 9.89 17.32
CA HIS A 230 -20.61 8.90 17.71
C HIS A 230 -19.48 9.61 18.43
N SER A 231 -19.17 9.19 19.67
CA SER A 231 -18.04 9.73 20.42
C SER A 231 -16.83 8.76 20.25
N PHE A 232 -15.86 9.18 19.41
CA PHE A 232 -14.66 8.40 19.11
C PHE A 232 -13.55 8.61 20.13
N ASN A 233 -12.89 7.54 20.57
CA ASN A 233 -11.74 7.67 21.44
C ASN A 233 -10.54 8.09 20.61
N VAL A 234 -10.05 9.31 20.84
CA VAL A 234 -8.89 9.83 20.11
C VAL A 234 -7.65 9.83 20.96
N SER A 235 -7.71 9.22 22.18
CA SER A 235 -6.57 9.06 23.09
C SER A 235 -5.51 8.19 22.38
N ALA A 236 -4.27 8.67 22.33
CA ALA A 236 -3.21 7.98 21.61
C ALA A 236 -1.92 7.97 22.40
N ALA A 237 -0.85 7.45 21.78
CA ALA A 237 0.46 7.43 22.40
C ALA A 237 0.97 8.84 22.57
N ASP A 238 0.80 9.68 21.55
CA ASP A 238 1.32 11.04 21.56
C ASP A 238 0.39 12.03 20.87
N PHE A 239 0.78 13.30 20.90
N PHE A 239 0.73 13.32 20.89
CA PHE A 239 0.16 14.44 20.24
CA PHE A 239 -0.12 14.34 20.27
C PHE A 239 -0.16 14.20 18.77
C PHE A 239 -0.21 14.23 18.73
N ASP A 240 0.86 13.79 18.03
CA ASP A 240 0.81 13.63 16.57
C ASP A 240 -0.09 12.49 16.10
N THR A 241 -0.21 11.43 16.88
CA THR A 241 -1.10 10.31 16.58
C THR A 241 -2.55 10.72 16.86
N MET A 242 -2.75 11.47 17.93
CA MET A 242 -4.08 11.94 18.33
C MET A 242 -4.68 12.86 17.24
N ILE A 243 -3.89 13.82 16.74
CA ILE A 243 -4.36 14.75 15.69
C ILE A 243 -4.69 13.99 14.39
N GLU A 244 -3.86 13.00 14.03
CA GLU A 244 -4.02 12.11 12.88
C GLU A 244 -5.36 11.38 12.94
N ARG A 245 -5.75 10.92 14.15
CA ARG A 245 -7.00 10.19 14.37
C ARG A 245 -8.19 11.15 14.31
N CYS A 246 -8.04 12.37 14.89
CA CYS A 246 -9.04 13.42 14.87
C CYS A 246 -9.30 13.79 13.44
N GLU A 247 -8.20 14.02 12.70
CA GLU A 247 -8.22 14.41 11.29
C GLU A 247 -8.81 13.30 10.38
N MET A 248 -8.70 12.04 10.76
CA MET A 248 -9.31 10.92 10.04
C MET A 248 -10.84 10.95 10.11
N ILE A 249 -11.37 11.44 11.22
CA ILE A 249 -12.80 11.55 11.47
C ILE A 249 -13.30 12.79 10.72
N THR A 250 -12.55 13.89 10.85
CA THR A 250 -12.80 15.18 10.18
C THR A 250 -13.01 15.01 8.66
N ASN A 251 -12.30 14.08 8.01
CA ASN A 251 -12.43 13.84 6.56
C ASN A 251 -13.14 12.50 6.24
N ALA A 252 -14.00 11.97 7.10
CA ALA A 252 -14.57 10.67 6.87
C ALA A 252 -15.75 10.47 5.89
N GLY A 253 -16.59 11.40 5.48
CA GLY A 253 -16.76 12.79 5.86
C GLY A 253 -18.17 12.86 6.42
N PHE A 254 -18.26 12.76 7.74
CA PHE A 254 -19.47 12.80 8.50
C PHE A 254 -20.17 14.16 8.40
N GLU A 255 -21.46 14.18 8.71
CA GLU A 255 -22.25 15.41 8.76
C GLU A 255 -21.87 16.18 10.02
N PRO A 256 -21.53 17.47 9.94
CA PRO A 256 -21.16 18.21 11.17
C PRO A 256 -22.16 18.08 12.32
N GLY A 257 -21.63 17.83 13.51
CA GLY A 257 -22.39 17.60 14.72
C GLY A 257 -22.59 16.13 15.08
N SER A 258 -22.35 15.19 14.14
CA SER A 258 -22.58 13.76 14.32
C SER A 258 -21.42 12.99 14.97
N TYR A 259 -20.27 13.64 15.21
CA TYR A 259 -19.17 12.98 15.86
C TYR A 259 -18.65 13.85 16.98
N ALA A 260 -18.19 13.20 18.05
CA ALA A 260 -17.54 13.83 19.20
C ALA A 260 -16.16 13.18 19.35
N PHE A 261 -15.31 13.81 20.14
CA PHE A 261 -13.97 13.27 20.45
C PHE A 261 -13.89 12.98 21.93
N LEU A 262 -13.51 11.75 22.25
CA LEU A 262 -13.35 11.29 23.62
C LEU A 262 -11.87 11.27 23.98
N ILE A 263 -11.55 11.68 25.21
CA ILE A 263 -10.19 11.71 25.70
C ILE A 263 -10.19 11.09 27.11
N ASP A 264 -9.30 10.08 27.37
CA ASP A 264 -9.14 9.51 28.72
C ASP A 264 -8.29 10.61 29.42
N GLY A 265 -8.98 11.64 29.91
CA GLY A 265 -8.39 12.85 30.45
C GLY A 265 -7.39 12.70 31.57
N ILE A 266 -7.54 11.68 32.44
CA ILE A 266 -6.63 11.49 33.59
C ILE A 266 -5.29 10.90 33.14
N THR A 267 -5.33 9.82 32.34
CA THR A 267 -4.17 9.07 31.84
C THR A 267 -3.55 9.75 30.63
N ALA A 268 -4.38 10.18 29.67
CA ALA A 268 -3.92 10.93 28.49
C ALA A 268 -3.31 12.26 28.96
N GLY A 269 -4.02 12.94 29.85
CA GLY A 269 -3.62 14.17 30.51
C GLY A 269 -4.47 15.38 30.19
N TRP A 270 -4.30 16.44 31.00
CA TRP A 270 -5.01 17.69 30.78
C TRP A 270 -4.53 18.39 29.55
N MET A 271 -3.22 18.28 29.21
CA MET A 271 -2.72 18.91 27.97
C MET A 271 -3.43 18.41 26.73
N ALA A 272 -3.77 17.12 26.68
CA ALA A 272 -4.55 16.49 25.62
C ALA A 272 -5.97 17.09 25.55
N VAL A 273 -6.62 17.27 26.71
CA VAL A 273 -7.99 17.81 26.83
C VAL A 273 -8.00 19.23 26.20
N GLN A 274 -7.07 20.06 26.68
CA GLN A 274 -6.89 21.42 26.20
C GLN A 274 -6.54 21.49 24.71
N THR A 275 -5.75 20.54 24.20
CA THR A 275 -5.31 20.53 22.79
C THR A 275 -6.53 20.37 21.90
N LEU A 276 -7.35 19.36 22.22
CA LEU A 276 -8.60 19.09 21.48
C LEU A 276 -9.59 20.24 21.52
N ARG A 277 -9.77 20.88 22.68
CA ARG A 277 -10.65 22.06 22.87
C ARG A 277 -10.21 23.21 21.95
N ARG A 278 -8.91 23.53 21.98
CA ARG A 278 -8.31 24.60 21.17
C ARG A 278 -8.20 24.26 19.70
N ARG A 279 -7.94 23.00 19.37
CA ARG A 279 -7.85 22.56 17.98
C ARG A 279 -9.15 22.26 17.30
N TYR A 280 -10.14 21.77 18.04
CA TYR A 280 -11.46 21.39 17.49
C TYR A 280 -12.55 21.99 18.37
N PRO A 281 -12.63 23.33 18.39
CA PRO A 281 -13.60 23.98 19.25
C PRO A 281 -15.07 23.81 18.84
N ASP A 282 -15.34 23.27 17.62
CA ASP A 282 -16.72 23.05 17.19
C ASP A 282 -17.05 21.57 17.12
N VAL A 283 -16.38 20.76 17.98
CA VAL A 283 -16.63 19.32 18.14
C VAL A 283 -16.84 19.10 19.64
N PHE A 284 -17.82 18.27 19.99
CA PHE A 284 -18.09 17.93 21.38
C PHE A 284 -16.89 17.20 21.96
N LEU A 285 -16.30 17.73 23.01
CA LEU A 285 -15.16 17.13 23.69
C LEU A 285 -15.71 16.34 24.88
N HIS A 286 -15.48 15.04 24.87
CA HIS A 286 -15.96 14.09 25.85
C HIS A 286 -14.79 13.64 26.74
N PHE A 287 -14.84 14.07 28.03
CA PHE A 287 -13.85 13.73 29.01
C PHE A 287 -14.26 12.43 29.75
N HIS A 288 -13.56 11.33 29.41
CA HIS A 288 -13.65 10.07 30.12
C HIS A 288 -12.61 10.23 31.27
N ARG A 289 -12.95 9.75 32.50
CA ARG A 289 -12.15 9.96 33.72
C ARG A 289 -11.52 8.68 34.31
N ALA A 290 -11.32 7.62 33.52
CA ALA A 290 -10.67 6.39 34.01
C ALA A 290 -9.33 6.70 34.72
N ALA A 291 -9.20 6.23 36.00
CA ALA A 291 -8.06 6.39 36.94
C ALA A 291 -8.29 7.47 38.03
N HIS A 292 -9.43 8.19 37.97
CA HIS A 292 -9.76 9.27 38.92
C HIS A 292 -9.92 8.77 40.38
N GLY A 293 -10.29 7.50 40.55
CA GLY A 293 -10.49 6.86 41.83
C GLY A 293 -9.34 7.03 42.80
N ALA A 294 -8.11 7.07 42.32
CA ALA A 294 -6.99 7.33 43.21
C ALA A 294 -7.20 8.62 43.98
N PHE A 295 -7.63 9.67 43.26
CA PHE A 295 -7.88 10.99 43.84
C PHE A 295 -9.22 11.15 44.52
N THR A 296 -10.31 10.73 43.88
CA THR A 296 -11.68 11.02 44.35
C THR A 296 -12.36 10.00 45.23
N ARG A 297 -11.79 8.84 45.41
CA ARG A 297 -12.43 7.74 46.14
C ARG A 297 -12.45 8.02 47.66
N GLN A 298 -13.65 7.93 48.30
CA GLN A 298 -13.78 8.23 49.74
C GLN A 298 -12.79 7.47 50.64
N GLU A 299 -12.50 6.19 50.31
CA GLU A 299 -11.58 5.32 51.03
C GLU A 299 -10.18 5.91 51.11
N ASN A 300 -9.80 6.74 50.12
CA ASN A 300 -8.51 7.44 50.07
C ASN A 300 -8.57 8.78 50.76
N PRO A 301 -7.89 8.96 51.90
CA PRO A 301 -7.92 10.27 52.57
C PRO A 301 -7.13 11.41 51.87
N ILE A 302 -6.30 11.07 50.87
CA ILE A 302 -5.48 12.02 50.10
C ILE A 302 -5.98 12.10 48.64
N GLY A 303 -6.17 13.33 48.15
CA GLY A 303 -6.59 13.58 46.77
C GLY A 303 -7.48 14.80 46.57
N PHE A 304 -8.61 14.60 45.91
CA PHE A 304 -9.54 15.68 45.63
C PHE A 304 -10.91 15.12 45.35
N SER A 305 -11.95 15.92 45.47
CA SER A 305 -13.32 15.44 45.23
C SER A 305 -13.75 15.40 43.74
N VAL A 306 -14.87 14.68 43.50
CA VAL A 306 -15.51 14.62 42.18
C VAL A 306 -15.98 16.03 41.73
N LEU A 307 -16.47 16.86 42.65
CA LEU A 307 -16.84 18.24 42.32
C LEU A 307 -15.66 18.97 41.72
N VAL A 308 -14.48 18.86 42.34
CA VAL A 308 -13.31 19.55 41.85
C VAL A 308 -12.92 19.07 40.43
N LEU A 309 -12.83 17.74 40.24
CA LEU A 309 -12.51 17.15 38.91
C LEU A 309 -13.41 17.80 37.86
N SER A 310 -14.72 17.73 38.14
CA SER A 310 -15.76 18.24 37.27
C SER A 310 -15.65 19.76 37.01
N LYS A 311 -15.38 20.55 38.04
CA LYS A 311 -15.19 21.99 37.88
C LYS A 311 -13.97 22.35 37.00
N PHE A 312 -12.85 21.63 37.12
CA PHE A 312 -11.68 21.90 36.29
C PHE A 312 -11.87 21.43 34.85
N ALA A 313 -12.75 20.42 34.62
CA ALA A 313 -13.09 19.95 33.27
C ALA A 313 -13.82 21.07 32.52
N ARG A 314 -14.79 21.73 33.20
CA ARG A 314 -15.53 22.86 32.63
C ARG A 314 -14.53 24.00 32.36
N LEU A 315 -13.66 24.32 33.31
CA LEU A 315 -12.63 25.36 33.12
C LEU A 315 -11.75 25.07 31.89
N ALA A 316 -11.25 23.83 31.73
CA ALA A 316 -10.43 23.42 30.56
C ALA A 316 -11.22 23.37 29.22
N GLY A 317 -12.54 23.21 29.29
CA GLY A 317 -13.39 23.21 28.14
C GLY A 317 -13.89 21.88 27.64
N ALA A 318 -14.20 20.98 28.53
CA ALA A 318 -14.79 19.71 28.10
C ALA A 318 -16.24 20.06 27.85
N SER A 319 -16.84 19.49 26.83
CA SER A 319 -18.24 19.74 26.53
C SER A 319 -19.06 18.89 27.47
N GLY A 320 -18.47 17.82 27.95
CA GLY A 320 -19.06 16.94 28.96
C GLY A 320 -18.01 16.14 29.69
N ILE A 321 -18.37 15.65 30.88
CA ILE A 321 -17.50 14.83 31.72
C ILE A 321 -18.38 13.83 32.47
N HIS A 322 -17.80 12.66 32.80
CA HIS A 322 -18.47 11.64 33.59
C HIS A 322 -18.50 12.12 35.04
N THR A 323 -19.66 12.02 35.68
CA THR A 323 -19.89 12.47 37.07
C THR A 323 -20.38 11.32 38.01
N GLY A 324 -20.81 10.17 37.44
CA GLY A 324 -21.27 9.04 38.21
C GLY A 324 -22.78 8.92 38.36
N THR A 325 -23.20 7.74 38.81
CA THR A 325 -24.60 7.35 39.04
C THR A 325 -25.07 7.54 40.50
N ALA A 326 -24.32 8.27 41.35
CA ALA A 326 -24.67 8.49 42.76
C ALA A 326 -24.74 7.17 43.58
N GLY A 327 -23.95 6.17 43.15
CA GLY A 327 -23.91 4.85 43.76
C GLY A 327 -25.02 3.91 43.36
N ILE A 328 -25.85 4.27 42.37
CA ILE A 328 -26.97 3.45 41.88
C ILE A 328 -26.43 2.30 41.00
N GLY A 329 -25.35 2.58 40.26
CA GLY A 329 -24.67 1.62 39.40
C GLY A 329 -23.50 0.96 40.11
N LYS A 330 -22.52 0.48 39.32
CA LYS A 330 -21.35 -0.26 39.81
C LYS A 330 -20.16 0.57 40.36
N MET A 331 -20.22 1.92 40.29
CA MET A 331 -19.12 2.76 40.81
C MET A 331 -19.52 3.46 42.09
N LYS A 332 -18.53 3.93 42.83
CA LYS A 332 -18.72 4.64 44.11
C LYS A 332 -18.95 6.18 43.83
N GLY A 333 -19.97 6.88 44.41
CA GLY A 333 -20.93 6.31 45.35
C GLY A 333 -22.14 7.09 45.84
N THR A 334 -22.20 8.43 45.86
CA THR A 334 -23.40 9.09 46.46
C THR A 334 -23.96 10.35 45.79
N PRO A 335 -25.24 10.71 46.07
CA PRO A 335 -25.77 12.00 45.55
C PRO A 335 -25.01 13.23 46.07
N ALA A 336 -24.60 13.19 47.32
CA ALA A 336 -23.82 14.24 47.97
C ALA A 336 -22.54 14.58 47.19
N GLU A 337 -21.94 13.59 46.57
CA GLU A 337 -20.73 13.74 45.78
C GLU A 337 -21.06 13.93 44.29
N ASP A 338 -21.83 13.00 43.74
CA ASP A 338 -22.12 12.91 42.31
C ASP A 338 -23.09 13.96 41.78
N VAL A 339 -24.19 14.23 42.48
CA VAL A 339 -25.19 15.21 42.03
C VAL A 339 -24.71 16.64 42.25
N VAL A 340 -23.98 16.86 43.32
CA VAL A 340 -23.43 18.18 43.58
C VAL A 340 -22.49 18.56 42.44
N ALA A 341 -21.59 17.66 42.06
CA ALA A 341 -20.66 17.82 40.95
C ALA A 341 -21.38 18.10 39.62
N ALA A 342 -22.45 17.32 39.32
CA ALA A 342 -23.25 17.49 38.10
C ALA A 342 -23.84 18.87 38.05
N HIS A 343 -24.44 19.29 39.17
CA HIS A 343 -25.07 20.60 39.27
C HIS A 343 -24.07 21.72 39.09
N SER A 344 -22.83 21.54 39.56
CA SER A 344 -21.77 22.55 39.38
C SER A 344 -21.43 22.79 37.95
N ILE A 345 -21.43 21.72 37.14
CA ILE A 345 -21.10 21.84 35.71
C ILE A 345 -22.32 22.16 34.85
N GLN A 346 -23.53 21.72 35.25
CA GLN A 346 -24.75 21.99 34.47
C GLN A 346 -25.18 23.44 34.55
N TYR A 347 -25.28 23.96 35.78
CA TYR A 347 -25.84 25.28 36.06
C TYR A 347 -24.85 26.43 36.19
N LEU A 348 -25.34 27.63 35.91
CA LEU A 348 -24.62 28.89 36.00
C LEU A 348 -24.34 29.24 37.45
N LYS A 349 -25.33 29.04 38.34
CA LYS A 349 -25.24 29.25 39.81
C LYS A 349 -25.43 27.87 40.52
N SER A 350 -24.54 27.57 41.50
CA SER A 350 -24.50 26.29 42.22
C SER A 350 -23.99 26.43 43.68
N PRO A 351 -24.44 25.55 44.61
CA PRO A 351 -24.03 25.69 46.03
C PRO A 351 -22.53 25.64 46.48
N GLY A 352 -21.62 24.73 46.15
CA GLY A 352 -21.74 23.39 45.62
C GLY A 352 -21.50 22.54 46.86
N HIS A 353 -20.25 22.51 47.39
CA HIS A 353 -19.95 21.83 48.67
C HIS A 353 -19.73 22.86 49.76
N PHE A 354 -18.78 23.78 49.52
CA PHE A 354 -18.41 24.87 50.42
C PHE A 354 -18.43 26.26 49.78
N PHE A 355 -18.20 26.37 48.46
CA PHE A 355 -18.21 27.66 47.77
C PHE A 355 -19.36 27.74 46.79
N GLU A 356 -20.18 28.80 46.89
CA GLU A 356 -21.25 29.02 45.91
C GLU A 356 -20.58 29.56 44.66
N GLN A 357 -20.92 28.97 43.52
CA GLN A 357 -20.29 29.28 42.25
C GLN A 357 -21.31 29.74 41.24
N THR A 358 -21.15 30.98 40.79
CA THR A 358 -21.85 31.56 39.68
C THR A 358 -20.71 31.63 38.65
N TRP A 359 -20.84 30.95 37.51
CA TRP A 359 -19.79 30.91 36.50
C TRP A 359 -19.71 32.15 35.54
N SER A 360 -19.96 33.36 36.06
CA SER A 360 -19.75 34.65 35.39
C SER A 360 -18.34 35.09 35.87
N LYS A 361 -17.33 35.52 35.08
CA LYS A 361 -16.96 36.37 33.92
C LYS A 361 -17.27 37.88 34.14
N ILE A 362 -18.47 38.23 34.57
CA ILE A 362 -18.83 39.59 34.98
C ILE A 362 -19.38 39.50 36.43
N MET A 363 -19.80 40.61 37.04
CA MET A 363 -20.24 40.54 38.43
C MET A 363 -21.62 39.94 38.61
N ASP A 364 -21.72 38.91 39.48
CA ASP A 364 -22.95 38.18 39.79
C ASP A 364 -24.14 39.07 40.21
N THR A 365 -23.90 40.37 40.53
CA THR A 365 -24.94 41.33 40.90
C THR A 365 -25.51 42.14 39.72
N ASP A 366 -24.88 42.10 38.51
CA ASP A 366 -25.42 42.84 37.34
C ASP A 366 -26.80 42.20 37.04
N LYS A 367 -27.81 43.03 36.74
CA LYS A 367 -29.17 42.54 36.52
C LYS A 367 -29.23 41.53 35.36
N ASP A 368 -28.30 41.67 34.42
CA ASP A 368 -28.17 40.78 33.27
C ASP A 368 -27.72 39.34 33.69
N VAL A 369 -26.91 39.22 34.76
CA VAL A 369 -26.46 37.92 35.32
C VAL A 369 -27.60 37.32 36.14
N ILE A 370 -28.31 38.16 36.90
CA ILE A 370 -29.46 37.70 37.66
C ILE A 370 -30.50 37.06 36.69
N ASN A 371 -30.68 37.68 35.49
CA ASN A 371 -31.60 37.17 34.47
C ASN A 371 -31.12 35.89 33.87
N LEU A 372 -29.81 35.79 33.57
CA LEU A 372 -29.23 34.56 33.00
C LEU A 372 -29.49 33.41 33.96
N VAL A 373 -29.28 33.66 35.25
CA VAL A 373 -29.52 32.68 36.31
C VAL A 373 -31.01 32.29 36.43
N ASN A 374 -31.94 33.24 36.37
CA ASN A 374 -33.38 32.93 36.46
C ASN A 374 -33.83 32.10 35.27
N GLU A 375 -33.35 32.51 34.08
CA GLU A 375 -33.56 31.83 32.78
C GLU A 375 -32.95 30.43 32.77
N ASP A 376 -31.77 30.25 33.41
CA ASP A 376 -31.07 28.95 33.51
C ASP A 376 -31.88 27.99 34.40
N LEU A 377 -32.34 28.45 35.57
CA LEU A 377 -33.17 27.66 36.47
C LEU A 377 -34.54 27.26 35.87
N ALA A 378 -34.99 27.99 34.84
CA ALA A 378 -36.20 27.74 34.05
C ALA A 378 -35.92 26.82 32.85
N HIS A 379 -34.67 26.37 32.67
CA HIS A 379 -34.21 25.49 31.60
C HIS A 379 -34.29 26.14 30.21
N HIS A 380 -33.95 27.45 30.13
CA HIS A 380 -33.90 28.16 28.86
C HIS A 380 -32.43 28.20 28.46
N VAL A 381 -32.12 28.01 27.16
CA VAL A 381 -30.76 28.01 26.65
C VAL A 381 -30.19 29.40 26.74
N ILE A 382 -29.06 29.55 27.45
CA ILE A 382 -28.40 30.84 27.64
C ILE A 382 -27.05 30.91 26.91
N LEU A 383 -26.40 32.09 26.92
CA LEU A 383 -25.07 32.36 26.34
C LEU A 383 -24.91 32.10 24.80
N GLU A 384 -26.01 32.13 24.02
CA GLU A 384 -25.92 31.98 22.57
C GLU A 384 -25.34 33.27 21.96
N ASP A 385 -25.83 34.41 22.45
CA ASP A 385 -25.45 35.74 21.95
C ASP A 385 -24.80 36.66 22.98
N ASP A 386 -24.54 36.16 24.19
CA ASP A 386 -23.92 36.94 25.26
C ASP A 386 -22.92 36.11 26.05
N SER A 387 -22.11 35.32 25.32
CA SER A 387 -21.05 34.45 25.86
C SER A 387 -20.01 35.14 26.75
N TRP A 388 -19.70 36.41 26.52
CA TRP A 388 -18.79 37.17 27.37
C TRP A 388 -19.24 37.21 28.83
N ARG A 389 -20.55 37.03 29.10
CA ARG A 389 -21.11 37.16 30.44
C ARG A 389 -20.75 36.00 31.35
N ALA A 390 -20.61 34.81 30.78
CA ALA A 390 -20.35 33.65 31.57
C ALA A 390 -19.78 32.50 30.78
N MET A 391 -19.12 31.60 31.50
CA MET A 391 -18.54 30.38 30.99
C MET A 391 -19.71 29.43 30.71
N LYS A 392 -19.59 28.61 29.67
CA LYS A 392 -20.66 27.72 29.23
C LYS A 392 -20.71 26.40 29.96
N LYS A 393 -21.88 25.77 29.86
CA LYS A 393 -22.30 24.46 30.37
C LYS A 393 -21.27 23.33 30.05
N CYS A 394 -20.99 22.46 31.02
CA CYS A 394 -20.22 21.23 30.80
C CYS A 394 -21.20 20.06 31.19
N CYS A 395 -21.51 19.19 30.25
CA CYS A 395 -22.52 18.15 30.43
C CYS A 395 -22.11 16.93 31.30
N PRO A 396 -22.90 16.61 32.36
CA PRO A 396 -22.72 15.34 33.07
C PRO A 396 -22.99 14.12 32.17
N ILE A 397 -22.05 13.15 32.10
CA ILE A 397 -22.22 11.88 31.36
C ILE A 397 -22.43 10.83 32.47
N VAL A 398 -23.58 10.17 32.48
CA VAL A 398 -23.98 9.26 33.55
C VAL A 398 -23.83 7.82 33.06
N SER A 399 -22.77 7.15 33.53
CA SER A 399 -22.43 5.82 33.08
C SER A 399 -21.98 4.97 34.25
N GLY A 400 -21.92 3.65 34.06
CA GLY A 400 -21.44 2.67 35.05
C GLY A 400 -22.46 1.73 35.67
N GLY A 401 -22.77 0.64 34.99
CA GLY A 401 -23.62 -0.42 35.51
C GLY A 401 -25.08 -0.10 35.62
N LEU A 402 -25.59 0.72 34.71
CA LEU A 402 -27.01 1.10 34.68
C LEU A 402 -27.74 0.24 33.69
N ASN A 403 -29.04 0.07 33.91
CA ASN A 403 -29.97 -0.61 33.00
C ASN A 403 -31.26 0.22 33.00
N PRO A 404 -32.25 -0.09 32.14
CA PRO A 404 -33.47 0.75 32.11
C PRO A 404 -34.25 0.83 33.43
N VAL A 405 -34.12 -0.19 34.29
CA VAL A 405 -34.78 -0.25 35.60
C VAL A 405 -34.10 0.74 36.60
N LYS A 406 -32.84 1.19 36.32
CA LYS A 406 -32.11 2.15 37.16
C LYS A 406 -32.15 3.59 36.60
N LEU A 407 -32.87 3.81 35.49
CA LEU A 407 -32.97 5.13 34.89
C LEU A 407 -33.76 6.09 35.76
N LYS A 408 -35.02 5.75 36.12
CA LYS A 408 -35.82 6.64 36.97
C LYS A 408 -35.10 6.97 38.28
N PRO A 409 -34.72 5.96 39.10
CA PRO A 409 -33.98 6.24 40.35
C PRO A 409 -32.89 7.29 40.28
N PHE A 410 -32.11 7.29 39.17
CA PHE A 410 -31.05 8.27 39.00
C PHE A 410 -31.65 9.66 38.71
N ILE A 411 -32.63 9.78 37.81
CA ILE A 411 -33.28 11.09 37.53
C ILE A 411 -33.83 11.70 38.85
N ASP A 412 -34.44 10.86 39.72
CA ASP A 412 -35.01 11.31 41.01
C ASP A 412 -33.98 11.91 41.94
N VAL A 413 -32.78 11.37 41.89
CA VAL A 413 -31.62 11.83 42.66
C VAL A 413 -31.00 13.08 41.95
N MET A 414 -30.95 13.07 40.61
CA MET A 414 -30.42 14.15 39.78
C MET A 414 -31.22 15.45 39.83
N GLU A 415 -32.55 15.33 39.93
CA GLU A 415 -33.49 16.45 39.96
C GLU A 415 -33.62 17.16 38.61
N ASN A 416 -33.19 16.52 37.50
CA ASN A 416 -33.33 17.08 36.14
C ASN A 416 -33.02 16.02 35.10
N VAL A 417 -33.19 16.32 33.81
CA VAL A 417 -32.88 15.41 32.70
C VAL A 417 -31.84 16.02 31.73
N ASP A 418 -31.05 17.00 32.15
CA ASP A 418 -30.09 17.57 31.23
C ASP A 418 -28.79 16.84 31.40
N PHE A 419 -28.70 15.64 30.78
CA PHE A 419 -27.48 14.84 30.81
C PHE A 419 -27.52 13.76 29.74
N ILE A 420 -26.33 13.16 29.47
CA ILE A 420 -26.16 12.04 28.56
C ILE A 420 -26.05 10.80 29.47
N THR A 421 -26.70 9.69 29.09
CA THR A 421 -26.60 8.43 29.84
C THR A 421 -26.14 7.39 28.88
N THR A 422 -25.13 6.61 29.27
CA THR A 422 -24.65 5.51 28.45
C THR A 422 -24.79 4.23 29.22
N MET A 423 -25.43 3.25 28.59
CA MET A 423 -25.64 1.92 29.12
C MET A 423 -25.05 0.87 28.14
N GLY A 424 -23.92 0.26 28.53
CA GLY A 424 -23.27 -0.80 27.74
C GLY A 424 -23.85 -2.15 28.10
N SER A 425 -23.56 -2.65 29.31
CA SER A 425 -24.09 -3.93 29.78
C SER A 425 -25.63 -3.88 29.90
N GLY A 426 -26.19 -2.72 30.25
CA GLY A 426 -27.63 -2.54 30.34
C GLY A 426 -28.37 -2.53 29.02
N VAL A 427 -27.66 -2.71 27.88
CA VAL A 427 -28.23 -2.71 26.55
C VAL A 427 -27.82 -3.99 25.80
N HIS A 428 -26.52 -4.27 25.73
CA HIS A 428 -25.97 -5.42 25.00
C HIS A 428 -26.27 -6.75 25.67
N SER A 429 -26.52 -6.76 26.99
CA SER A 429 -26.86 -7.98 27.72
C SER A 429 -28.38 -8.27 27.71
N HIS A 430 -29.17 -7.42 27.01
CA HIS A 430 -30.61 -7.62 26.92
C HIS A 430 -30.80 -8.97 26.25
N PRO A 431 -31.69 -9.82 26.78
CA PRO A 431 -31.90 -11.15 26.17
C PRO A 431 -32.26 -11.19 24.66
N GLY A 432 -32.71 -10.06 24.10
CA GLY A 432 -33.02 -9.93 22.68
C GLY A 432 -31.93 -9.29 21.83
N GLY A 433 -30.82 -8.91 22.46
CA GLY A 433 -29.70 -8.24 21.80
C GLY A 433 -29.79 -6.72 21.88
N THR A 434 -28.80 -6.05 21.26
CA THR A 434 -28.65 -4.58 21.22
C THR A 434 -29.90 -3.81 20.77
N GLN A 435 -30.56 -4.25 19.69
CA GLN A 435 -31.73 -3.51 19.20
C GLN A 435 -32.85 -3.54 20.23
N SER A 436 -33.08 -4.71 20.86
CA SER A 436 -34.07 -4.84 21.93
C SER A 436 -33.66 -4.12 23.18
N GLY A 437 -32.35 -4.10 23.43
CA GLY A 437 -31.77 -3.37 24.56
C GLY A 437 -32.03 -1.89 24.47
N ALA A 438 -31.87 -1.31 23.24
CA ALA A 438 -32.12 0.12 22.96
C ALA A 438 -33.60 0.43 23.10
N LYS A 439 -34.46 -0.42 22.53
CA LYS A 439 -35.91 -0.29 22.63
C LYS A 439 -36.33 -0.25 24.10
N ALA A 440 -35.78 -1.16 24.91
CA ALA A 440 -36.04 -1.18 26.36
C ALA A 440 -35.63 0.14 27.03
N LEU A 441 -34.47 0.73 26.64
CA LEU A 441 -33.96 1.99 27.22
C LEU A 441 -34.84 3.17 26.82
N VAL A 442 -35.27 3.20 25.56
CA VAL A 442 -36.17 4.24 25.06
C VAL A 442 -37.53 4.15 25.78
N GLN A 443 -38.10 2.92 25.88
CA GLN A 443 -39.38 2.68 26.57
C GLN A 443 -39.40 3.11 28.04
N ALA A 444 -38.26 2.93 28.74
CA ALA A 444 -38.09 3.32 30.14
C ALA A 444 -38.04 4.85 30.28
N CYS A 445 -37.45 5.53 29.28
CA CYS A 445 -37.38 6.99 29.28
C CYS A 445 -38.79 7.55 29.08
N ASP A 446 -39.53 7.01 28.10
CA ASP A 446 -40.91 7.39 27.84
C ASP A 446 -41.77 7.17 29.07
N ALA A 447 -41.66 5.99 29.71
CA ALA A 447 -42.39 5.70 30.97
C ALA A 447 -42.09 6.76 32.03
N TYR A 448 -40.82 7.22 32.14
CA TYR A 448 -40.44 8.27 33.12
C TYR A 448 -41.08 9.60 32.76
N LEU A 449 -40.91 10.01 31.50
CA LEU A 449 -41.43 11.27 31.00
C LEU A 449 -42.95 11.30 31.16
N GLN A 450 -43.63 10.20 30.81
CA GLN A 450 -45.09 10.07 30.94
C GLN A 450 -45.59 9.98 32.37
N GLY A 451 -44.69 9.76 33.33
CA GLY A 451 -45.05 9.66 34.74
C GLY A 451 -45.70 8.35 35.09
N MET A 452 -45.36 7.31 34.30
CA MET A 452 -45.91 5.99 34.44
C MET A 452 -44.87 5.04 35.00
N ASP A 453 -45.34 4.07 35.79
CA ASP A 453 -44.50 3.07 36.38
C ASP A 453 -44.03 2.16 35.25
N ILE A 454 -42.77 1.75 35.29
CA ILE A 454 -42.21 0.93 34.21
C ILE A 454 -42.94 -0.37 34.08
N GLU A 455 -43.31 -1.00 35.21
CA GLU A 455 -44.06 -2.27 35.17
C GLU A 455 -45.40 -2.10 34.45
N GLU A 456 -46.03 -0.92 34.55
CA GLU A 456 -47.25 -0.58 33.83
C GLU A 456 -46.96 -0.31 32.37
N TYR A 457 -45.98 0.55 32.10
CA TYR A 457 -45.62 0.91 30.71
C TYR A 457 -45.29 -0.34 29.89
N ALA A 458 -44.55 -1.29 30.51
CA ALA A 458 -44.13 -2.55 29.91
C ALA A 458 -45.25 -3.54 29.59
N LYS A 459 -46.51 -3.30 30.04
CA LYS A 459 -47.65 -4.16 29.74
C LYS A 459 -47.99 -4.19 28.24
N ASP A 460 -47.53 -3.18 27.48
CA ASP A 460 -47.73 -3.07 26.03
C ASP A 460 -46.40 -2.75 25.30
N HIS A 461 -45.26 -3.13 25.91
CA HIS A 461 -43.90 -2.91 25.36
C HIS A 461 -43.02 -4.10 25.80
N LYS A 462 -42.80 -5.07 24.88
CA LYS A 462 -42.11 -6.33 25.18
C LYS A 462 -40.66 -6.18 25.58
N GLU A 463 -39.93 -5.30 24.89
CA GLU A 463 -38.51 -5.08 25.17
C GLU A 463 -38.28 -4.56 26.58
N LEU A 464 -39.20 -3.70 27.11
CA LEU A 464 -39.09 -3.21 28.50
C LEU A 464 -39.43 -4.36 29.47
N ALA A 465 -40.51 -5.10 29.19
CA ALA A 465 -40.92 -6.24 30.02
C ALA A 465 -39.79 -7.27 30.17
N GLU A 466 -39.11 -7.58 29.05
CA GLU A 466 -37.97 -8.48 29.01
C GLU A 466 -36.82 -7.93 29.88
N ALA A 467 -36.56 -6.63 29.80
CA ALA A 467 -35.53 -5.96 30.60
C ALA A 467 -35.88 -6.02 32.09
N ILE A 468 -37.12 -5.78 32.45
CA ILE A 468 -37.54 -5.83 33.86
C ILE A 468 -37.30 -7.27 34.41
N GLU A 469 -37.65 -8.29 33.61
CA GLU A 469 -37.50 -9.71 33.96
C GLU A 469 -36.03 -10.04 34.17
N PHE A 470 -35.22 -9.74 33.16
CA PHE A 470 -33.81 -9.98 33.16
C PHE A 470 -33.00 -9.20 34.20
N TYR A 471 -33.12 -7.85 34.21
CA TYR A 471 -32.30 -7.02 35.11
C TYR A 471 -32.67 -7.09 36.58
N LEU A 472 -33.88 -7.50 36.95
CA LEU A 472 -34.24 -7.67 38.36
C LEU A 472 -34.11 -9.13 38.85
N ASN A 473 -33.47 -10.05 38.06
CA ASN A 473 -33.31 -11.47 38.43
C ASN A 473 -31.81 -11.83 38.45
N MET B 1 -6.49 -29.15 44.03
CA MET B 1 -6.41 -27.69 43.92
C MET B 1 -6.39 -27.04 45.33
N SER B 2 -7.32 -27.51 46.22
CA SER B 2 -7.61 -27.08 47.62
C SER B 2 -9.14 -27.01 47.70
N LEU B 3 -9.75 -27.39 48.83
CA LEU B 3 -11.21 -27.42 48.96
C LEU B 3 -11.77 -26.01 48.82
N ILE B 4 -11.12 -25.06 49.53
CA ILE B 4 -11.45 -23.62 49.56
C ILE B 4 -11.43 -23.07 48.15
N TYR B 5 -10.35 -23.34 47.40
CA TYR B 5 -10.20 -22.84 46.03
C TYR B 5 -11.19 -23.47 45.08
N GLU B 6 -11.47 -24.77 45.24
CA GLU B 6 -12.47 -25.44 44.40
C GLU B 6 -13.85 -24.85 44.66
N ASP B 7 -14.19 -24.54 45.94
CA ASP B 7 -15.47 -23.91 46.34
C ASP B 7 -15.58 -22.47 45.76
N LEU B 8 -14.46 -21.67 45.87
CA LEU B 8 -14.37 -20.32 45.30
C LEU B 8 -14.56 -20.39 43.80
N VAL B 9 -14.02 -21.41 43.16
CA VAL B 9 -14.17 -21.59 41.72
C VAL B 9 -15.61 -21.99 41.38
N LYS B 10 -16.28 -22.81 42.20
CA LYS B 10 -17.67 -23.18 41.94
C LYS B 10 -18.62 -21.99 42.11
N SER B 11 -18.22 -20.99 42.92
CA SER B 11 -19.01 -19.79 43.16
C SER B 11 -19.08 -18.79 41.99
N LEU B 12 -18.28 -19.00 40.95
CA LEU B 12 -18.24 -18.11 39.81
C LEU B 12 -19.41 -18.27 38.84
N ASP B 13 -19.88 -17.15 38.25
CA ASP B 13 -20.89 -17.10 37.19
C ASP B 13 -20.21 -17.58 35.89
N SER B 14 -20.99 -17.68 34.82
CA SER B 14 -20.46 -17.97 33.49
C SER B 14 -19.60 -16.78 32.98
N LYS B 15 -19.86 -15.57 33.51
CA LYS B 15 -19.13 -14.34 33.18
C LYS B 15 -17.76 -14.41 33.84
N GLN B 16 -17.77 -14.61 35.17
CA GLN B 16 -16.57 -14.66 36.02
C GLN B 16 -15.63 -15.79 35.64
N GLN B 17 -16.19 -16.99 35.39
CA GLN B 17 -15.46 -18.18 34.91
C GLN B 17 -14.45 -17.80 33.80
N ALA B 18 -14.89 -16.96 32.84
CA ALA B 18 -14.10 -16.52 31.68
C ALA B 18 -12.91 -15.61 31.98
N TYR B 19 -12.80 -15.08 33.22
CA TYR B 19 -11.69 -14.23 33.65
C TYR B 19 -10.95 -14.88 34.79
N VAL B 20 -11.00 -16.21 34.88
CA VAL B 20 -10.26 -16.98 35.87
C VAL B 20 -9.68 -18.21 35.19
N ASP B 21 -8.42 -18.50 35.53
CA ASP B 21 -7.66 -19.66 35.05
C ASP B 21 -6.51 -19.84 36.03
N LEU B 22 -6.82 -20.54 37.13
CA LEU B 22 -5.86 -20.80 38.19
C LEU B 22 -4.89 -21.95 37.84
N LYS B 23 -5.02 -22.51 36.61
CA LYS B 23 -4.21 -23.59 36.05
C LYS B 23 -3.52 -23.07 34.77
N LEU B 24 -3.29 -21.74 34.67
CA LEU B 24 -2.66 -21.10 33.50
C LEU B 24 -1.24 -21.67 33.29
N PRO B 25 -1.03 -22.41 32.17
CA PRO B 25 0.26 -23.05 31.92
C PRO B 25 1.53 -22.22 32.09
N ASP B 26 1.74 -21.14 31.31
CA ASP B 26 2.97 -20.35 31.43
C ASP B 26 2.65 -18.88 31.35
N PRO B 27 2.43 -18.22 32.51
CA PRO B 27 2.19 -16.76 32.52
C PRO B 27 3.34 -15.93 31.93
N THR B 28 4.58 -16.39 32.12
CA THR B 28 5.78 -15.73 31.58
C THR B 28 6.09 -16.09 30.09
N ASN B 29 5.12 -16.65 29.31
CA ASN B 29 5.31 -17.06 27.91
C ASN B 29 5.47 -15.96 26.86
N GLY B 30 5.05 -14.73 27.20
CA GLY B 30 5.16 -13.56 26.31
C GLY B 30 3.84 -13.01 25.88
N GLU B 31 2.76 -13.81 25.92
CA GLU B 31 1.42 -13.37 25.54
C GLU B 31 0.91 -12.29 26.45
N PHE B 32 1.34 -12.29 27.74
CA PHE B 32 0.82 -11.43 28.78
C PHE B 32 1.78 -10.45 29.49
N LEU B 33 1.18 -9.37 29.98
CA LEU B 33 1.72 -8.37 30.91
C LEU B 33 1.19 -8.94 32.21
N LEU B 34 2.05 -9.12 33.20
CA LEU B 34 1.58 -9.72 34.46
C LEU B 34 1.45 -8.66 35.50
N ALA B 35 0.41 -8.76 36.30
CA ALA B 35 0.13 -7.74 37.31
C ALA B 35 -0.25 -8.37 38.63
N VAL B 36 0.16 -7.75 39.73
CA VAL B 36 -0.26 -8.16 41.07
C VAL B 36 -0.83 -6.92 41.79
N PHE B 37 -2.04 -7.09 42.34
CA PHE B 37 -2.73 -6.06 43.08
C PHE B 37 -2.95 -6.48 44.50
N HIS B 38 -2.94 -5.50 45.43
CA HIS B 38 -3.45 -5.69 46.78
C HIS B 38 -4.97 -5.42 46.61
N MET B 39 -5.83 -6.38 46.91
CA MET B 39 -7.27 -6.25 46.70
C MET B 39 -8.05 -6.70 47.95
N ILE B 40 -9.12 -5.96 48.30
CA ILE B 40 -10.00 -6.28 49.43
C ILE B 40 -11.44 -6.07 48.98
N PRO B 41 -12.27 -7.12 48.95
CA PRO B 41 -13.68 -6.93 48.56
C PRO B 41 -14.49 -5.92 49.36
N GLY B 42 -15.48 -5.34 48.68
CA GLY B 42 -16.38 -4.34 49.22
C GLY B 42 -17.80 -4.86 49.32
N GLY B 43 -17.94 -6.06 49.90
CA GLY B 43 -19.22 -6.68 50.16
C GLY B 43 -19.89 -7.33 48.98
N ASP B 44 -20.81 -8.27 49.29
CA ASP B 44 -21.61 -9.10 48.38
C ASP B 44 -20.75 -10.20 47.77
N LEU B 45 -19.77 -9.82 46.96
CA LEU B 45 -18.89 -10.77 46.28
C LEU B 45 -17.74 -11.28 47.16
N ASN B 46 -17.31 -12.52 46.89
CA ASN B 46 -16.16 -13.17 47.53
C ASN B 46 -14.87 -12.77 46.78
N VAL B 47 -13.71 -13.06 47.35
CA VAL B 47 -12.42 -12.64 46.78
C VAL B 47 -12.25 -13.07 45.34
N LEU B 48 -12.56 -14.33 45.00
CA LEU B 48 -12.37 -14.77 43.62
C LEU B 48 -13.39 -14.12 42.66
N GLN B 49 -14.62 -13.90 43.13
CA GLN B 49 -15.66 -13.25 42.33
C GLN B 49 -15.25 -11.80 42.07
N ALA B 50 -14.81 -11.08 43.10
CA ALA B 50 -14.36 -9.69 42.95
C ALA B 50 -13.13 -9.59 42.02
N ALA B 51 -12.16 -10.53 42.18
CA ALA B 51 -10.96 -10.59 41.32
C ALA B 51 -11.38 -10.84 39.86
N ALA B 52 -12.40 -11.70 39.64
CA ALA B 52 -12.93 -11.98 38.30
C ALA B 52 -13.64 -10.73 37.72
N GLU B 53 -14.33 -9.91 38.56
CA GLU B 53 -14.94 -8.65 38.09
C GLU B 53 -13.87 -7.62 37.72
N ILE B 54 -12.82 -7.48 38.56
CA ILE B 54 -11.73 -6.56 38.30
C ILE B 54 -11.07 -6.92 37.00
N ALA B 55 -10.77 -8.21 36.80
CA ALA B 55 -10.17 -8.70 35.55
C ALA B 55 -11.04 -8.36 34.34
N ALA B 56 -12.35 -8.60 34.43
CA ALA B 56 -13.31 -8.30 33.36
C ALA B 56 -13.31 -6.84 32.97
N GLU B 57 -13.41 -5.97 33.98
CA GLU B 57 -13.44 -4.52 33.75
C GLU B 57 -12.11 -3.92 33.30
N SER B 58 -10.97 -4.58 33.50
CA SER B 58 -9.68 -4.07 33.06
C SER B 58 -9.27 -4.77 31.77
N SER B 59 -10.22 -5.43 31.06
CA SER B 59 -9.83 -6.09 29.83
C SER B 59 -10.90 -6.03 28.75
N THR B 60 -11.74 -7.06 28.65
CA THR B 60 -12.73 -7.17 27.59
C THR B 60 -14.18 -7.16 28.06
N GLY B 61 -14.40 -7.23 29.36
CA GLY B 61 -15.74 -7.46 29.87
C GLY B 61 -16.49 -6.32 30.50
N THR B 62 -17.62 -6.72 31.10
CA THR B 62 -18.48 -5.79 31.81
C THR B 62 -19.33 -6.49 32.86
N ASN B 63 -20.13 -5.72 33.60
CA ASN B 63 -20.93 -6.15 34.74
C ASN B 63 -21.84 -7.41 34.50
N ILE B 64 -22.35 -7.58 33.27
CA ILE B 64 -23.18 -8.71 32.87
C ILE B 64 -22.59 -9.26 31.56
N LYS B 65 -22.79 -10.56 31.31
CA LYS B 65 -22.33 -11.18 30.05
C LYS B 65 -23.18 -10.58 28.92
N VAL B 66 -22.53 -10.03 27.89
CA VAL B 66 -23.21 -9.38 26.77
C VAL B 66 -23.41 -10.33 25.58
N SER B 67 -24.50 -10.11 24.83
CA SER B 67 -24.85 -10.89 23.63
C SER B 67 -23.89 -10.64 22.47
N THR B 68 -23.14 -9.51 22.52
CA THR B 68 -22.20 -9.10 21.49
C THR B 68 -20.85 -9.82 21.61
N GLU B 69 -20.67 -10.60 22.70
CA GLU B 69 -19.46 -11.38 22.99
C GLU B 69 -19.17 -12.41 21.89
N THR B 70 -17.92 -12.44 21.43
CA THR B 70 -17.44 -13.36 20.40
C THR B 70 -16.45 -14.35 21.03
N ALA B 71 -16.11 -15.40 20.29
CA ALA B 71 -15.14 -16.38 20.76
C ALA B 71 -13.74 -15.75 20.68
N PHE B 72 -13.48 -14.92 19.66
CA PHE B 72 -12.20 -14.25 19.48
C PHE B 72 -11.96 -13.24 20.59
N SER B 73 -13.03 -12.60 21.09
CA SER B 73 -12.88 -11.63 22.18
C SER B 73 -12.50 -12.32 23.45
N ARG B 74 -12.95 -13.59 23.67
CA ARG B 74 -12.61 -14.37 24.85
C ARG B 74 -11.09 -14.69 24.94
N THR B 75 -10.38 -14.66 23.81
CA THR B 75 -8.92 -14.91 23.76
C THR B 75 -8.11 -13.72 24.30
N MET B 76 -8.76 -12.56 24.43
CA MET B 76 -8.14 -11.33 24.89
C MET B 76 -8.45 -11.10 26.37
N ASN B 77 -9.25 -11.96 26.99
CA ASN B 77 -9.63 -11.83 28.38
C ASN B 77 -8.42 -11.84 29.29
N ALA B 78 -8.42 -10.96 30.29
CA ALA B 78 -7.40 -10.99 31.33
C ALA B 78 -7.89 -12.10 32.22
N ARG B 79 -7.00 -12.77 32.93
CA ARG B 79 -7.38 -13.91 33.76
C ARG B 79 -6.65 -13.91 35.08
N VAL B 80 -7.40 -14.16 36.16
CA VAL B 80 -6.87 -14.29 37.52
C VAL B 80 -6.26 -15.65 37.53
N TYR B 81 -4.95 -15.74 37.77
CA TYR B 81 -4.25 -17.03 37.74
C TYR B 81 -3.61 -17.45 39.09
N GLN B 82 -3.55 -16.55 40.07
CA GLN B 82 -2.91 -16.78 41.36
C GLN B 82 -3.57 -15.85 42.41
N LEU B 83 -3.64 -16.27 43.69
CA LEU B 83 -4.16 -15.48 44.81
C LEU B 83 -3.37 -15.80 46.07
N ASP B 84 -3.15 -14.80 46.95
CA ASP B 84 -2.55 -14.95 48.30
C ASP B 84 -3.66 -14.49 49.26
N LEU B 85 -4.47 -15.42 49.74
CA LEU B 85 -5.63 -15.12 50.60
C LEU B 85 -5.29 -14.56 52.00
N GLU B 86 -4.04 -14.60 52.44
CA GLU B 86 -3.64 -14.04 53.75
C GLU B 86 -3.24 -12.58 53.56
N ARG B 87 -2.29 -12.34 52.62
CA ARG B 87 -1.78 -11.00 52.28
C ARG B 87 -2.75 -10.19 51.38
N GLU B 88 -3.86 -10.84 50.92
CA GLU B 88 -4.92 -10.27 50.11
C GLU B 88 -4.41 -9.75 48.78
N LEU B 89 -3.63 -10.59 48.07
CA LEU B 89 -3.05 -10.25 46.78
C LEU B 89 -3.73 -11.01 45.65
N VAL B 90 -3.72 -10.42 44.43
CA VAL B 90 -4.36 -10.97 43.22
C VAL B 90 -3.40 -10.83 42.08
N TRP B 91 -3.20 -11.92 41.36
CA TRP B 91 -2.33 -11.99 40.19
C TRP B 91 -3.22 -12.13 38.97
N ILE B 92 -3.17 -11.13 38.09
CA ILE B 92 -3.96 -11.08 36.86
C ILE B 92 -2.97 -11.04 35.71
N ALA B 93 -3.21 -11.89 34.68
CA ALA B 93 -2.45 -11.94 33.45
C ALA B 93 -3.21 -11.17 32.37
N TYR B 94 -2.56 -10.16 31.77
CA TYR B 94 -3.18 -9.30 30.77
C TYR B 94 -2.64 -9.52 29.33
N PRO B 95 -3.43 -10.12 28.41
CA PRO B 95 -2.97 -10.25 27.01
C PRO B 95 -2.56 -8.91 26.44
N TRP B 96 -1.26 -8.69 26.14
CA TRP B 96 -0.84 -7.35 25.66
C TRP B 96 -1.37 -6.98 24.26
N ARG B 97 -2.10 -7.88 23.57
CA ARG B 97 -2.81 -7.56 22.34
C ARG B 97 -4.02 -6.62 22.65
N LEU B 98 -4.48 -6.55 23.93
CA LEU B 98 -5.51 -5.60 24.38
C LEU B 98 -5.06 -4.15 24.16
N PHE B 99 -3.77 -3.90 24.32
CA PHE B 99 -3.22 -2.54 24.25
C PHE B 99 -3.13 -1.91 22.84
N ASP B 100 -3.43 -0.61 22.77
CA ASP B 100 -3.37 0.21 21.56
C ASP B 100 -1.93 0.22 21.05
N ARG B 101 -1.82 0.16 19.72
CA ARG B 101 -0.57 0.05 19.01
C ARG B 101 0.13 1.37 18.86
N GLY B 102 1.36 1.27 18.38
CA GLY B 102 2.28 2.39 18.32
C GLY B 102 2.88 2.72 19.68
N GLY B 103 2.89 1.77 20.63
CA GLY B 103 3.50 1.96 21.93
C GLY B 103 2.83 2.97 22.85
N ASN B 104 1.49 2.92 22.96
CA ASN B 104 0.71 3.83 23.80
C ASN B 104 0.68 3.38 25.28
N VAL B 105 1.26 4.21 26.18
CA VAL B 105 1.33 3.91 27.63
C VAL B 105 0.03 4.25 28.35
N GLN B 106 -0.60 5.43 28.07
CA GLN B 106 -1.86 5.80 28.71
C GLN B 106 -2.95 4.75 28.56
N ASN B 107 -2.92 4.01 27.45
CA ASN B 107 -3.88 2.95 27.16
C ASN B 107 -3.70 1.77 28.11
N ILE B 108 -2.42 1.38 28.40
CA ILE B 108 -2.16 0.31 29.36
C ILE B 108 -2.79 0.77 30.70
N LEU B 109 -2.48 2.00 31.14
CA LEU B 109 -2.97 2.55 32.41
C LEU B 109 -4.48 2.69 32.46
N THR B 110 -5.12 2.99 31.34
CA THR B 110 -6.57 3.04 31.22
C THR B 110 -7.20 1.68 31.59
N TYR B 111 -6.51 0.56 31.32
CA TYR B 111 -7.00 -0.74 31.69
C TYR B 111 -6.72 -1.10 33.18
N ILE B 112 -5.42 -1.14 33.52
CA ILE B 112 -4.92 -1.70 34.78
C ILE B 112 -4.99 -0.77 35.97
N ILE B 113 -5.10 0.54 35.76
CA ILE B 113 -5.32 1.46 36.89
C ILE B 113 -6.40 2.48 36.53
N GLY B 114 -7.37 2.06 35.74
CA GLY B 114 -8.44 2.95 35.27
C GLY B 114 -9.74 2.82 36.01
N ASN B 115 -10.78 2.43 35.27
CA ASN B 115 -12.15 2.29 35.79
C ASN B 115 -12.26 1.43 37.02
N ILE B 116 -11.45 0.37 37.09
CA ILE B 116 -11.45 -0.57 38.22
C ILE B 116 -11.27 0.11 39.60
N LEU B 117 -10.50 1.21 39.63
CA LEU B 117 -10.24 1.96 40.86
C LEU B 117 -11.50 2.57 41.48
N GLY B 118 -12.57 2.73 40.69
CA GLY B 118 -13.82 3.33 41.15
C GLY B 118 -14.93 2.34 41.40
N MET B 119 -14.63 1.06 41.41
CA MET B 119 -15.65 0.02 41.59
C MET B 119 -16.03 -0.11 43.04
N LYS B 120 -17.34 -0.11 43.34
CA LYS B 120 -17.85 -0.20 44.71
C LYS B 120 -17.72 -1.61 45.28
N GLU B 121 -17.46 -2.63 44.40
CA GLU B 121 -17.20 -3.99 44.85
C GLU B 121 -15.81 -4.15 45.50
N ILE B 122 -14.91 -3.12 45.47
CA ILE B 122 -13.63 -3.16 46.19
C ILE B 122 -13.61 -2.11 47.28
N GLN B 123 -12.85 -2.39 48.34
CA GLN B 123 -12.60 -1.55 49.51
C GLN B 123 -11.17 -0.95 49.38
N ALA B 124 -10.22 -1.76 48.86
CA ALA B 124 -8.85 -1.36 48.55
C ALA B 124 -8.46 -2.07 47.29
N LEU B 125 -7.64 -1.41 46.44
CA LEU B 125 -7.18 -1.92 45.15
C LEU B 125 -5.92 -1.17 44.72
N LYS B 126 -4.76 -1.65 45.13
CA LYS B 126 -3.47 -1.03 44.82
C LYS B 126 -2.62 -1.93 43.91
N LEU B 127 -2.29 -1.46 42.70
CA LEU B 127 -1.44 -2.19 41.78
C LEU B 127 0.02 -2.07 42.29
N MET B 128 0.58 -3.22 42.72
CA MET B 128 1.87 -3.31 43.40
C MET B 128 3.06 -3.49 42.48
N ASP B 129 2.93 -4.33 41.46
CA ASP B 129 4.04 -4.58 40.54
C ASP B 129 3.45 -5.13 39.24
N ILE B 130 4.22 -5.06 38.16
CA ILE B 130 3.84 -5.55 36.82
C ILE B 130 5.08 -6.15 36.18
N TRP B 131 4.89 -7.13 35.28
CA TRP B 131 5.97 -7.75 34.54
C TRP B 131 5.81 -7.52 33.04
N PHE B 132 6.81 -6.90 32.41
CA PHE B 132 6.80 -6.66 30.97
C PHE B 132 7.58 -7.74 30.22
N PRO B 133 6.97 -8.67 29.47
CA PRO B 133 7.78 -9.68 28.74
C PRO B 133 8.60 -9.09 27.58
N PRO B 134 9.69 -9.76 27.15
CA PRO B 134 10.49 -9.21 26.01
C PRO B 134 9.71 -8.91 24.73
N SER B 135 8.64 -9.66 24.48
CA SER B 135 7.84 -9.49 23.27
C SER B 135 7.05 -8.17 23.30
N MET B 136 6.54 -7.79 24.49
CA MET B 136 5.83 -6.55 24.75
C MET B 136 6.82 -5.41 24.86
N LEU B 137 7.85 -5.55 25.68
CA LEU B 137 8.90 -4.54 25.86
C LEU B 137 9.42 -4.01 24.49
N GLU B 138 9.42 -4.87 23.46
CA GLU B 138 9.87 -4.48 22.11
C GLU B 138 8.89 -3.51 21.37
N GLN B 139 7.62 -3.49 21.74
CA GLN B 139 6.61 -2.63 21.10
C GLN B 139 6.65 -1.18 21.57
N TYR B 140 7.38 -0.88 22.69
CA TYR B 140 7.49 0.42 23.31
C TYR B 140 8.81 1.05 23.02
N ASP B 141 8.92 2.33 23.34
CA ASP B 141 10.13 3.10 23.04
C ASP B 141 11.30 2.81 23.94
N GLY B 142 11.11 3.09 25.21
CA GLY B 142 12.18 3.05 26.19
C GLY B 142 13.06 4.27 26.05
N PRO B 143 13.91 4.59 27.04
CA PRO B 143 14.77 5.78 26.92
C PRO B 143 15.73 5.79 25.73
N SER B 144 15.92 6.97 25.10
CA SER B 144 16.85 7.17 23.98
C SER B 144 18.05 8.05 24.39
N TYR B 145 17.92 8.81 25.47
CA TYR B 145 18.97 9.64 26.05
C TYR B 145 18.95 9.26 27.52
N THR B 146 20.12 9.02 28.11
CA THR B 146 20.21 8.58 29.50
C THR B 146 21.19 9.42 30.29
N VAL B 147 21.23 9.13 31.60
CA VAL B 147 22.18 9.72 32.56
C VAL B 147 23.63 9.44 32.14
N ASP B 148 23.89 8.38 31.36
CA ASP B 148 25.24 8.08 30.90
C ASP B 148 25.63 9.11 29.88
N ASP B 149 24.66 9.52 29.03
CA ASP B 149 24.86 10.55 28.01
C ASP B 149 25.11 11.88 28.66
N MET B 150 24.35 12.19 29.73
CA MET B 150 24.53 13.42 30.51
C MET B 150 25.91 13.47 31.13
N ARG B 151 26.27 12.37 31.82
CA ARG B 151 27.57 12.20 32.48
C ARG B 151 28.70 12.38 31.48
N LYS B 152 28.55 11.86 30.25
CA LYS B 152 29.54 12.07 29.21
C LYS B 152 29.67 13.58 28.86
N TYR B 153 28.53 14.33 28.85
CA TYR B 153 28.51 15.76 28.56
C TYR B 153 29.12 16.56 29.74
N LEU B 154 28.71 16.23 30.96
CA LEU B 154 29.20 16.89 32.16
C LEU B 154 30.62 16.51 32.53
N ASP B 155 31.07 15.27 32.17
CA ASP B 155 32.33 14.64 32.56
C ASP B 155 32.28 14.44 34.08
N VAL B 156 31.13 13.93 34.58
CA VAL B 156 30.88 13.71 36.00
C VAL B 156 30.60 12.23 36.18
N TYR B 157 31.56 11.54 36.83
CA TYR B 157 31.50 10.10 37.03
C TYR B 157 31.80 9.74 38.48
N ASP B 158 31.33 8.53 38.85
CA ASP B 158 31.51 7.89 40.15
C ASP B 158 31.03 8.70 41.35
N ARG B 159 29.97 9.47 41.14
CA ARG B 159 29.34 10.24 42.21
C ARG B 159 27.98 10.67 41.78
N PRO B 160 27.08 11.09 42.68
CA PRO B 160 25.79 11.56 42.21
C PRO B 160 25.94 12.90 41.49
N ILE B 161 24.98 13.20 40.61
CA ILE B 161 24.93 14.50 39.93
C ILE B 161 24.31 15.42 40.97
N LEU B 162 25.03 16.49 41.35
CA LEU B 162 24.62 17.42 42.41
C LEU B 162 23.81 18.54 41.84
N GLY B 163 22.52 18.57 42.19
CA GLY B 163 21.59 19.56 41.66
C GLY B 163 20.87 20.43 42.66
N THR B 164 20.23 21.49 42.15
CA THR B 164 19.35 22.40 42.90
C THR B 164 18.04 22.62 42.14
N ILE B 165 17.06 23.19 42.85
CA ILE B 165 15.77 23.63 42.31
C ILE B 165 15.74 25.11 42.60
N VAL B 166 15.34 25.93 41.62
CA VAL B 166 15.29 27.36 41.89
C VAL B 166 14.09 27.63 42.82
N LYS B 167 14.41 28.31 43.93
CA LYS B 167 13.49 28.68 44.97
C LYS B 167 13.65 30.18 45.20
N PRO B 168 12.58 30.97 45.46
CA PRO B 168 11.17 30.61 45.66
C PRO B 168 10.51 29.71 44.60
N LYS B 169 9.53 28.89 45.02
CA LYS B 169 8.76 28.06 44.10
C LYS B 169 8.07 28.90 43.03
N MET B 170 7.76 30.16 43.36
CA MET B 170 7.16 31.12 42.45
C MET B 170 7.40 32.53 42.99
N GLY B 171 7.39 33.55 42.13
CA GLY B 171 7.53 34.94 42.56
C GLY B 171 8.77 35.66 42.07
N LEU B 172 9.83 34.91 41.70
CA LEU B 172 11.03 35.52 41.14
C LEU B 172 10.75 35.84 39.70
N THR B 173 11.51 36.76 39.12
CA THR B 173 11.41 37.11 37.70
C THR B 173 12.41 36.28 36.91
N SER B 174 12.37 36.45 35.59
CA SER B 174 13.27 35.75 34.67
C SER B 174 14.75 36.17 34.85
N ALA B 175 14.99 37.37 35.42
CA ALA B 175 16.33 37.87 35.71
C ALA B 175 16.82 37.27 37.02
N GLU B 176 15.94 37.33 38.04
CA GLU B 176 16.25 36.77 39.35
C GLU B 176 16.42 35.25 39.27
N TYR B 177 15.62 34.56 38.46
CA TYR B 177 15.75 33.12 38.24
C TYR B 177 17.17 32.75 37.77
N ALA B 178 17.67 33.41 36.75
CA ALA B 178 19.02 33.19 36.21
C ALA B 178 20.15 33.47 37.21
N GLU B 179 19.95 34.37 38.16
CA GLU B 179 20.96 34.62 39.20
C GLU B 179 21.09 33.39 40.12
N VAL B 180 19.95 32.75 40.46
CA VAL B 180 19.94 31.58 41.32
C VAL B 180 20.71 30.44 40.63
N CYS B 181 20.50 30.28 39.31
CA CYS B 181 21.18 29.29 38.48
C CYS B 181 22.67 29.50 38.51
N TYR B 182 23.11 30.69 38.11
CA TYR B 182 24.53 31.06 38.05
C TYR B 182 25.23 30.73 39.35
N ASP B 183 24.65 31.21 40.47
CA ASP B 183 25.20 31.03 41.81
C ASP B 183 25.37 29.54 42.19
N PHE B 184 24.39 28.68 41.87
CA PHE B 184 24.51 27.24 42.17
C PHE B 184 25.63 26.60 41.34
N TRP B 185 25.60 26.82 40.02
CA TRP B 185 26.60 26.32 39.09
C TRP B 185 28.00 26.82 39.42
N VAL B 186 28.18 28.13 39.55
CA VAL B 186 29.51 28.70 39.82
C VAL B 186 30.06 28.26 41.20
N GLY B 187 29.17 27.94 42.15
CA GLY B 187 29.54 27.41 43.45
C GLY B 187 29.98 25.95 43.44
N GLY B 188 29.93 25.29 42.27
CA GLY B 188 30.37 23.92 42.07
C GLY B 188 29.30 22.89 41.72
N GLY B 189 28.03 23.29 41.77
CA GLY B 189 26.90 22.43 41.42
C GLY B 189 26.88 22.05 39.95
N ASP B 190 26.20 20.95 39.63
CA ASP B 190 26.14 20.44 38.25
C ASP B 190 24.89 20.85 37.47
N PHE B 191 23.76 20.58 38.09
CA PHE B 191 22.43 20.62 37.51
C PHE B 191 21.49 21.63 38.20
N VAL B 192 20.75 22.44 37.42
CA VAL B 192 19.70 23.30 37.95
C VAL B 192 18.41 22.85 37.26
N KCX B 193 17.33 22.71 38.01
CA KCX B 193 16.05 22.37 37.44
CB KCX B 193 15.52 20.99 37.94
CG KCX B 193 14.96 21.01 39.37
CD KCX B 193 14.25 19.75 39.76
CE KCX B 193 12.81 19.65 39.14
NZ KCX B 193 11.86 20.43 39.87
C KCX B 193 15.02 23.47 37.78
O KCX B 193 15.09 24.12 38.83
CX KCX B 193 11.44 20.16 41.14
OQ1 KCX B 193 10.56 21.03 41.73
OQ2 KCX B 193 11.82 19.17 41.76
N ASN B 194 14.05 23.65 36.89
CA ASN B 194 12.96 24.55 37.18
C ASN B 194 12.11 23.90 38.22
N ASP B 195 11.66 24.66 39.20
CA ASP B 195 10.67 24.11 40.13
C ASP B 195 9.42 23.82 39.25
N GLU B 196 8.76 22.69 39.47
CA GLU B 196 7.66 22.19 38.66
C GLU B 196 6.58 23.21 38.21
N PRO B 197 6.15 24.24 38.95
CA PRO B 197 5.09 25.11 38.41
C PRO B 197 5.65 26.35 37.68
N GLN B 198 6.99 26.51 37.63
CA GLN B 198 7.61 27.70 37.02
C GLN B 198 7.53 27.59 35.54
N ALA B 199 6.77 28.52 34.92
CA ALA B 199 6.53 28.52 33.48
C ALA B 199 6.54 29.99 32.97
N ASN B 200 5.46 30.44 32.32
CA ASN B 200 5.35 31.76 31.72
C ASN B 200 4.33 32.61 32.49
N GLN B 201 4.68 32.98 33.71
CA GLN B 201 3.82 33.85 34.50
C GLN B 201 4.17 35.27 34.03
N ASP B 202 3.23 36.20 34.15
CA ASP B 202 3.39 37.57 33.68
C ASP B 202 4.69 38.30 34.08
N PHE B 203 5.25 37.98 35.25
CA PHE B 203 6.49 38.58 35.80
C PHE B 203 7.76 37.82 35.41
N CYS B 204 7.62 36.61 34.81
CA CYS B 204 8.74 35.78 34.37
CA CYS B 204 8.76 35.78 34.36
C CYS B 204 8.48 35.28 32.93
N PRO B 205 8.64 36.18 31.92
CA PRO B 205 8.39 35.76 30.54
C PRO B 205 9.33 34.65 30.11
N TYR B 206 8.79 33.49 29.77
CA TYR B 206 9.57 32.30 29.36
C TYR B 206 10.75 32.62 28.43
N GLU B 207 10.48 33.39 27.37
CA GLU B 207 11.45 33.86 26.36
C GLU B 207 12.69 34.53 27.01
N LYS B 208 12.45 35.36 28.05
CA LYS B 208 13.51 36.06 28.78
C LYS B 208 14.23 35.12 29.77
N MET B 209 13.50 34.21 30.44
CA MET B 209 14.11 33.25 31.37
C MET B 209 15.14 32.38 30.62
N VAL B 210 14.76 31.91 29.42
CA VAL B 210 15.59 31.06 28.57
C VAL B 210 16.89 31.79 28.14
N ALA B 211 16.77 33.06 27.75
CA ALA B 211 17.90 33.87 27.29
C ALA B 211 18.89 34.17 28.42
N HIS B 212 18.36 34.45 29.62
CA HIS B 212 19.18 34.76 30.79
C HIS B 212 19.89 33.54 31.31
N VAL B 213 19.17 32.41 31.41
CA VAL B 213 19.74 31.12 31.83
C VAL B 213 20.90 30.73 30.89
N LYS B 214 20.73 30.95 29.58
CA LYS B 214 21.76 30.66 28.60
C LYS B 214 23.03 31.53 28.84
N GLU B 215 22.85 32.80 29.20
CA GLU B 215 23.95 33.73 29.48
C GLU B 215 24.61 33.37 30.78
N ALA B 216 23.81 33.06 31.80
CA ALA B 216 24.28 32.67 33.13
C ALA B 216 25.13 31.40 33.04
N MET B 217 24.69 30.41 32.25
CA MET B 217 25.39 29.14 32.09
C MET B 217 26.71 29.36 31.44
N ASP B 218 26.73 30.16 30.38
CA ASP B 218 27.96 30.52 29.68
C ASP B 218 29.02 31.07 30.64
N LYS B 219 28.58 31.92 31.61
CA LYS B 219 29.45 32.56 32.58
C LYS B 219 29.97 31.55 33.58
N ALA B 220 29.06 30.74 34.14
CA ALA B 220 29.44 29.71 35.09
C ALA B 220 30.38 28.73 34.42
N VAL B 221 30.09 28.30 33.17
CA VAL B 221 30.95 27.35 32.45
C VAL B 221 32.36 27.92 32.23
N LYS B 222 32.51 29.21 31.91
CA LYS B 222 33.85 29.76 31.70
C LYS B 222 34.63 29.95 32.98
N GLU B 223 33.93 30.33 34.05
CA GLU B 223 34.55 30.61 35.34
C GLU B 223 34.98 29.33 36.06
N THR B 224 34.12 28.30 36.05
CA THR B 224 34.42 27.00 36.64
C THR B 224 35.23 26.09 35.69
N GLY B 225 35.13 26.34 34.40
CA GLY B 225 35.79 25.51 33.40
C GLY B 225 35.14 24.15 33.30
N GLN B 226 33.88 24.05 33.75
CA GLN B 226 33.14 22.81 33.84
C GLN B 226 31.75 22.99 33.23
N LYS B 227 31.30 21.97 32.47
CA LYS B 227 30.00 22.01 31.81
C LYS B 227 28.90 21.93 32.82
N LYS B 228 27.78 22.63 32.55
CA LYS B 228 26.62 22.67 33.43
C LYS B 228 25.36 22.31 32.64
N VAL B 229 24.26 21.96 33.35
CA VAL B 229 22.98 21.55 32.74
C VAL B 229 21.81 22.31 33.38
N HIS B 230 20.77 22.61 32.59
CA HIS B 230 19.50 23.15 33.08
C HIS B 230 18.33 22.31 32.59
N SER B 231 17.50 21.85 33.51
CA SER B 231 16.27 21.11 33.18
C SER B 231 15.12 22.14 33.23
N PHE B 232 14.53 22.41 32.05
CA PHE B 232 13.50 23.41 31.84
C PHE B 232 12.06 22.86 31.95
N ASN B 233 11.18 23.50 32.76
CA ASN B 233 9.79 23.05 32.85
C ASN B 233 9.12 23.43 31.53
N VAL B 234 8.77 22.42 30.77
CA VAL B 234 8.24 22.57 29.43
C VAL B 234 6.70 22.28 29.40
N SER B 235 6.07 21.96 30.57
CA SER B 235 4.63 21.70 30.65
C SER B 235 3.88 22.98 30.36
N ALA B 236 2.81 22.87 29.55
CA ALA B 236 2.05 24.03 29.09
C ALA B 236 0.56 23.71 29.05
N ALA B 237 -0.25 24.60 28.48
CA ALA B 237 -1.69 24.35 28.45
C ALA B 237 -2.00 23.28 27.45
N ASP B 238 -1.28 23.28 26.33
CA ASP B 238 -1.55 22.40 25.20
C ASP B 238 -0.28 21.95 24.49
N PHE B 239 -0.40 21.01 23.53
N PHE B 239 -0.45 21.03 23.53
CA PHE B 239 0.79 20.48 22.86
CA PHE B 239 0.60 20.48 22.70
C PHE B 239 1.53 21.53 21.99
C PHE B 239 1.47 21.57 22.09
N ASP B 240 0.83 22.51 21.40
CA ASP B 240 1.48 23.58 20.64
C ASP B 240 2.34 24.54 21.48
N THR B 241 1.87 24.93 22.68
CA THR B 241 2.64 25.81 23.56
C THR B 241 3.86 25.09 24.12
N MET B 242 3.73 23.77 24.40
CA MET B 242 4.89 22.99 24.87
C MET B 242 5.98 22.98 23.79
N ILE B 243 5.61 22.70 22.54
CA ILE B 243 6.56 22.65 21.42
C ILE B 243 7.18 24.04 21.15
N GLU B 244 6.39 25.11 21.32
CA GLU B 244 6.81 26.50 21.18
C GLU B 244 7.94 26.79 22.16
N ARG B 245 7.82 26.23 23.39
CA ARG B 245 8.77 26.36 24.51
C ARG B 245 10.01 25.51 24.28
N CYS B 246 9.82 24.25 23.86
CA CYS B 246 10.92 23.37 23.46
C CYS B 246 11.76 24.03 22.36
N GLU B 247 11.10 24.61 21.35
CA GLU B 247 11.78 25.21 20.23
C GLU B 247 12.45 26.51 20.60
N MET B 248 11.99 27.18 21.64
CA MET B 248 12.60 28.42 22.13
C MET B 248 14.02 28.06 22.66
N ILE B 249 14.09 26.97 23.46
CA ILE B 249 15.31 26.44 24.09
C ILE B 249 16.24 25.87 23.01
N THR B 250 15.67 25.05 22.14
CA THR B 250 16.32 24.38 21.00
C THR B 250 17.03 25.39 20.08
N ASN B 251 16.46 26.59 19.91
CA ASN B 251 17.00 27.63 19.04
C ASN B 251 17.72 28.77 19.78
N ALA B 252 17.90 28.66 21.11
CA ALA B 252 18.59 29.66 21.94
C ALA B 252 20.16 29.63 21.86
N GLY B 253 20.75 28.61 21.21
CA GLY B 253 22.20 28.53 21.07
C GLY B 253 22.93 27.82 22.19
N PHE B 254 22.24 26.93 22.90
CA PHE B 254 22.86 26.14 23.94
C PHE B 254 23.73 25.09 23.29
N GLU B 255 24.74 24.65 24.01
CA GLU B 255 25.64 23.61 23.55
C GLU B 255 24.89 22.29 23.74
N PRO B 256 24.67 21.52 22.68
CA PRO B 256 23.94 20.24 22.84
C PRO B 256 24.42 19.42 24.03
N GLY B 257 23.45 18.94 24.83
CA GLY B 257 23.68 18.20 26.06
C GLY B 257 23.50 19.04 27.32
N SER B 258 23.55 20.40 27.21
CA SER B 258 23.42 21.31 28.36
C SER B 258 22.02 21.69 28.74
N TYR B 259 21.01 21.16 28.06
CA TYR B 259 19.63 21.45 28.44
C TYR B 259 18.82 20.17 28.40
N ALA B 260 17.85 20.08 29.33
CA ALA B 260 16.92 18.96 29.46
C ALA B 260 15.52 19.53 29.45
N PHE B 261 14.49 18.68 29.30
CA PHE B 261 13.09 19.12 29.33
C PHE B 261 12.36 18.42 30.43
N LEU B 262 11.84 19.20 31.41
CA LEU B 262 11.03 18.68 32.49
C LEU B 262 9.54 18.73 32.08
N ILE B 263 8.78 17.70 32.45
CA ILE B 263 7.34 17.56 32.22
C ILE B 263 6.69 17.01 33.50
N ASP B 264 5.56 17.60 33.95
CA ASP B 264 4.80 17.08 35.09
C ASP B 264 3.91 15.97 34.52
N GLY B 265 4.45 14.78 34.46
CA GLY B 265 3.78 13.64 33.88
C GLY B 265 2.41 13.28 34.41
N ILE B 266 2.16 13.46 35.70
CA ILE B 266 0.83 13.10 36.23
C ILE B 266 -0.25 14.12 35.75
N THR B 267 0.05 15.44 35.87
CA THR B 267 -0.89 16.52 35.54
C THR B 267 -0.91 16.87 34.06
N ALA B 268 0.28 17.01 33.43
CA ALA B 268 0.32 17.28 32.00
C ALA B 268 -0.20 16.04 31.26
N GLY B 269 0.27 14.85 31.66
CA GLY B 269 -0.15 13.55 31.13
C GLY B 269 0.94 12.69 30.56
N TRP B 270 0.60 11.43 30.27
CA TRP B 270 1.54 10.47 29.66
C TRP B 270 1.73 10.78 28.17
N MET B 271 0.79 11.51 27.56
CA MET B 271 0.91 11.89 26.14
C MET B 271 1.98 12.96 25.94
N ALA B 272 2.09 13.93 26.84
CA ALA B 272 3.14 14.94 26.75
C ALA B 272 4.54 14.32 26.91
N VAL B 273 4.62 13.22 27.66
CA VAL B 273 5.87 12.51 27.92
C VAL B 273 6.32 11.87 26.65
N GLN B 274 5.44 11.03 26.08
CA GLN B 274 5.73 10.31 24.86
C GLN B 274 6.02 11.25 23.72
N THR B 275 5.27 12.36 23.59
CA THR B 275 5.50 13.37 22.56
C THR B 275 6.91 13.90 22.63
N LEU B 276 7.34 14.31 23.81
CA LEU B 276 8.69 14.83 24.02
C LEU B 276 9.77 13.78 23.71
N ARG B 277 9.59 12.55 24.20
CA ARG B 277 10.51 11.42 23.91
C ARG B 277 10.69 11.25 22.38
N ARG B 278 9.58 11.30 21.67
CA ARG B 278 9.56 11.03 20.25
C ARG B 278 10.00 12.22 19.44
N ARG B 279 9.66 13.42 19.86
CA ARG B 279 10.05 14.60 19.11
C ARG B 279 11.44 15.09 19.46
N TYR B 280 11.84 14.95 20.72
CA TYR B 280 13.19 15.33 21.18
C TYR B 280 13.86 14.11 21.82
N PRO B 281 14.19 13.09 21.01
CA PRO B 281 14.84 11.87 21.56
C PRO B 281 16.32 12.00 21.95
N ASP B 282 17.02 13.09 21.59
CA ASP B 282 18.41 13.28 21.97
C ASP B 282 18.56 14.39 23.06
N VAL B 283 17.47 14.65 23.83
CA VAL B 283 17.38 15.60 24.96
C VAL B 283 16.91 14.77 26.15
N PHE B 284 17.46 15.08 27.34
CA PHE B 284 17.09 14.37 28.56
C PHE B 284 15.66 14.74 28.96
N LEU B 285 14.77 13.74 28.98
CA LEU B 285 13.38 13.90 29.37
C LEU B 285 13.26 13.62 30.89
N HIS B 286 13.09 14.69 31.69
CA HIS B 286 12.95 14.69 33.15
C HIS B 286 11.45 14.66 33.55
N PHE B 287 11.01 13.55 34.12
CA PHE B 287 9.64 13.34 34.52
C PHE B 287 9.48 13.74 35.97
N HIS B 288 8.86 14.91 36.22
CA HIS B 288 8.51 15.34 37.58
C HIS B 288 7.10 14.70 37.81
N ARG B 289 6.80 14.25 39.03
CA ARG B 289 5.57 13.45 39.29
C ARG B 289 4.56 14.09 40.26
N ALA B 290 4.48 15.43 40.34
CA ALA B 290 3.53 16.07 41.23
C ALA B 290 2.11 15.51 41.05
N ALA B 291 1.47 15.12 42.17
CA ALA B 291 0.10 14.60 42.28
C ALA B 291 0.00 13.08 42.28
N HIS B 292 1.17 12.40 42.30
CA HIS B 292 1.26 10.94 42.37
C HIS B 292 0.82 10.41 43.74
N GLY B 293 0.88 11.24 44.77
CA GLY B 293 0.49 10.88 46.13
C GLY B 293 -0.88 10.26 46.25
N ALA B 294 -1.84 10.71 45.42
CA ALA B 294 -3.17 10.11 45.42
C ALA B 294 -3.07 8.64 45.09
N PHE B 295 -2.20 8.29 44.11
CA PHE B 295 -1.99 6.91 43.70
C PHE B 295 -1.11 6.08 44.62
N THR B 296 0.04 6.64 45.01
CA THR B 296 1.13 5.94 45.70
C THR B 296 1.20 5.93 47.20
N ARG B 297 0.53 6.82 47.91
CA ARG B 297 0.72 6.87 49.35
C ARG B 297 0.08 5.74 50.13
N GLN B 298 0.82 5.30 51.18
CA GLN B 298 0.48 4.21 52.10
C GLN B 298 -0.94 4.32 52.63
N GLU B 299 -1.35 5.56 52.99
CA GLU B 299 -2.64 5.91 53.56
C GLU B 299 -3.84 5.64 52.63
N ASN B 300 -3.57 5.55 51.30
CA ASN B 300 -4.55 5.36 50.24
C ASN B 300 -4.70 3.91 49.77
N PRO B 301 -5.80 3.22 50.18
CA PRO B 301 -6.00 1.83 49.74
C PRO B 301 -6.11 1.60 48.22
N ILE B 302 -6.54 2.62 47.48
CA ILE B 302 -6.77 2.59 46.04
C ILE B 302 -5.62 3.32 45.32
N GLY B 303 -5.12 2.75 44.23
CA GLY B 303 -4.05 3.37 43.45
C GLY B 303 -3.03 2.40 42.93
N PHE B 304 -1.75 2.81 42.94
CA PHE B 304 -0.61 2.03 42.45
C PHE B 304 0.66 2.40 43.20
N SER B 305 1.66 1.52 43.19
CA SER B 305 2.94 1.76 43.86
C SER B 305 3.92 2.64 43.08
N VAL B 306 4.93 3.17 43.81
CA VAL B 306 6.03 3.98 43.25
C VAL B 306 6.86 3.17 42.27
N LEU B 307 6.95 1.83 42.44
CA LEU B 307 7.66 0.94 41.50
C LEU B 307 6.93 0.98 40.16
N VAL B 308 5.62 0.72 40.16
CA VAL B 308 4.77 0.74 38.96
C VAL B 308 4.94 2.07 38.18
N LEU B 309 4.78 3.20 38.84
CA LEU B 309 5.01 4.52 38.23
C LEU B 309 6.39 4.64 37.58
N SER B 310 7.43 4.23 38.31
CA SER B 310 8.82 4.29 37.86
C SER B 310 9.07 3.38 36.68
N LYS B 311 8.44 2.20 36.69
CA LYS B 311 8.56 1.21 35.63
C LYS B 311 7.91 1.70 34.35
N PHE B 312 6.73 2.33 34.49
CA PHE B 312 6.05 2.89 33.32
C PHE B 312 6.75 4.11 32.72
N ALA B 313 7.49 4.88 33.53
CA ALA B 313 8.31 6.01 33.05
C ALA B 313 9.42 5.51 32.14
N ARG B 314 10.11 4.43 32.55
CA ARG B 314 11.20 3.83 31.75
C ARG B 314 10.61 3.25 30.49
N LEU B 315 9.50 2.49 30.60
CA LEU B 315 8.82 1.97 29.39
C LEU B 315 8.51 3.12 28.42
N ALA B 316 7.93 4.24 28.93
CA ALA B 316 7.54 5.42 28.10
C ALA B 316 8.70 6.26 27.52
N GLY B 317 9.90 6.10 28.06
CA GLY B 317 11.10 6.74 27.55
C GLY B 317 11.66 7.91 28.31
N ALA B 318 11.30 8.02 29.60
CA ALA B 318 11.79 9.09 30.45
C ALA B 318 13.26 8.81 30.75
N SER B 319 14.12 9.82 30.59
CA SER B 319 15.55 9.69 30.86
C SER B 319 15.74 9.66 32.35
N GLY B 320 14.90 10.41 33.07
CA GLY B 320 14.89 10.40 34.52
C GLY B 320 13.51 10.64 35.09
N ILE B 321 13.28 10.16 36.34
CA ILE B 321 12.03 10.33 37.10
C ILE B 321 12.38 10.48 38.56
N HIS B 322 11.57 11.19 39.31
CA HIS B 322 11.74 11.34 40.75
C HIS B 322 11.23 10.07 41.44
N THR B 323 12.09 9.43 42.22
CA THR B 323 11.79 8.18 42.96
C THR B 323 11.62 8.32 44.51
N GLY B 324 11.93 9.49 45.07
CA GLY B 324 11.84 9.75 46.51
C GLY B 324 13.15 9.69 47.30
N THR B 325 13.12 10.14 48.58
CA THR B 325 14.26 10.15 49.50
C THR B 325 14.21 8.99 50.52
N ALA B 326 13.42 7.93 50.28
CA ALA B 326 13.25 6.82 51.21
C ALA B 326 12.82 7.28 52.61
N GLY B 327 12.06 8.36 52.66
CA GLY B 327 11.61 8.97 53.90
C GLY B 327 12.66 9.77 54.66
N ILE B 328 13.89 9.95 54.13
CA ILE B 328 14.94 10.75 54.78
C ILE B 328 14.60 12.24 54.71
N GLY B 329 13.86 12.65 53.70
CA GLY B 329 13.45 14.02 53.47
C GLY B 329 12.04 14.36 53.90
N LYS B 330 11.39 15.29 53.19
CA LYS B 330 10.08 15.81 53.55
C LYS B 330 8.87 15.01 53.06
N MET B 331 9.06 14.08 52.12
CA MET B 331 7.96 13.28 51.57
C MET B 331 7.99 11.86 52.08
N LYS B 332 6.80 11.24 52.11
CA LYS B 332 6.63 9.83 52.48
C LYS B 332 7.21 8.95 51.31
N GLY B 333 7.98 7.88 51.57
CA GLY B 333 8.23 7.35 52.90
C GLY B 333 9.38 6.41 53.17
N THR B 334 9.65 5.31 52.39
CA THR B 334 10.64 4.31 52.89
C THR B 334 11.61 3.70 51.90
N PRO B 335 12.73 3.08 52.39
CA PRO B 335 13.67 2.43 51.46
C PRO B 335 13.05 1.23 50.79
N ALA B 336 12.11 0.59 51.48
CA ALA B 336 11.37 -0.56 50.96
C ALA B 336 10.63 -0.21 49.67
N GLU B 337 10.00 0.99 49.64
CA GLU B 337 9.20 1.48 48.52
C GLU B 337 10.05 2.23 47.49
N ASP B 338 10.92 3.13 47.98
CA ASP B 338 11.69 4.07 47.16
C ASP B 338 12.95 3.49 46.49
N VAL B 339 13.75 2.68 47.20
CA VAL B 339 15.00 2.12 46.64
C VAL B 339 14.68 0.92 45.71
N VAL B 340 13.56 0.21 45.98
CA VAL B 340 13.10 -0.87 45.10
C VAL B 340 12.75 -0.28 43.76
N ALA B 341 12.06 0.87 43.77
CA ALA B 341 11.67 1.63 42.58
C ALA B 341 12.94 2.16 41.85
N ALA B 342 13.85 2.83 42.57
CA ALA B 342 15.10 3.32 41.97
C ALA B 342 15.88 2.19 41.30
N HIS B 343 16.03 1.04 41.97
CA HIS B 343 16.75 -0.08 41.34
C HIS B 343 16.06 -0.63 40.09
N SER B 344 14.70 -0.60 40.00
CA SER B 344 13.97 -1.13 38.82
C SER B 344 14.23 -0.31 37.58
N ILE B 345 14.49 0.98 37.77
CA ILE B 345 14.78 1.89 36.68
C ILE B 345 16.29 1.97 36.41
N GLN B 346 17.12 1.84 37.45
CA GLN B 346 18.60 1.88 37.28
C GLN B 346 19.21 0.68 36.63
N TYR B 347 18.91 -0.53 37.15
CA TYR B 347 19.53 -1.76 36.68
C TYR B 347 18.75 -2.49 35.61
N LEU B 348 19.49 -3.35 34.90
CA LEU B 348 18.98 -4.23 33.85
C LEU B 348 18.15 -5.36 34.48
N LYS B 349 18.62 -5.94 35.57
CA LYS B 349 17.91 -6.99 36.31
C LYS B 349 17.65 -6.49 37.74
N SER B 350 16.39 -6.68 38.24
CA SER B 350 15.94 -6.19 39.56
C SER B 350 14.84 -7.13 40.16
N PRO B 351 14.72 -7.26 41.52
CA PRO B 351 13.83 -8.27 42.11
C PRO B 351 12.29 -8.26 41.92
N GLY B 352 11.51 -7.18 41.96
CA GLY B 352 11.71 -5.87 42.54
C GLY B 352 10.83 -5.96 43.78
N HIS B 353 9.49 -5.99 43.61
CA HIS B 353 8.53 -6.21 44.72
C HIS B 353 7.99 -7.63 44.63
N PHE B 354 7.41 -7.96 43.47
CA PHE B 354 6.84 -9.30 43.21
C PHE B 354 7.31 -9.99 41.93
N PHE B 355 7.77 -9.24 40.93
CA PHE B 355 8.18 -9.79 39.64
C PHE B 355 9.59 -9.34 39.34
N GLU B 356 10.48 -10.29 39.09
CA GLU B 356 11.85 -9.98 38.75
C GLU B 356 11.85 -9.52 37.32
N GLN B 357 12.48 -8.38 37.05
CA GLN B 357 12.49 -7.82 35.71
C GLN B 357 13.91 -7.70 35.16
N THR B 358 14.11 -8.28 33.97
CA THR B 358 15.29 -8.10 33.15
C THR B 358 14.72 -7.28 31.98
N TRP B 359 15.29 -6.10 31.69
CA TRP B 359 14.76 -5.20 30.66
C TRP B 359 15.29 -5.51 29.27
N SER B 360 15.27 -6.80 28.89
CA SER B 360 15.64 -7.36 27.58
C SER B 360 14.35 -8.00 27.04
N LYS B 361 13.78 -7.50 25.96
CA LYS B 361 13.90 -7.34 24.50
C LYS B 361 14.25 -8.68 23.80
N ILE B 362 15.25 -9.42 24.29
CA ILE B 362 15.61 -10.77 23.84
C ILE B 362 15.59 -11.69 25.08
N MET B 363 15.91 -12.99 24.95
CA MET B 363 15.87 -13.88 26.12
C MET B 363 17.07 -13.72 27.06
N ASP B 364 16.75 -13.66 28.37
CA ASP B 364 17.73 -13.51 29.45
C ASP B 364 18.61 -14.76 29.67
N THR B 365 18.38 -15.83 28.88
CA THR B 365 19.18 -17.05 28.89
C THR B 365 20.35 -16.95 27.86
N ASP B 366 20.30 -15.96 26.92
CA ASP B 366 21.36 -15.78 25.93
C ASP B 366 22.62 -15.33 26.68
N LYS B 367 23.78 -15.94 26.43
CA LYS B 367 25.03 -15.59 27.15
C LYS B 367 25.29 -14.07 27.12
N ASP B 368 24.98 -13.44 25.97
CA ASP B 368 25.18 -11.99 25.76
C ASP B 368 24.32 -11.11 26.74
N VAL B 369 23.14 -11.57 27.19
CA VAL B 369 22.31 -10.86 28.18
C VAL B 369 22.90 -11.05 29.56
N ILE B 370 23.31 -12.29 29.88
CA ILE B 370 23.94 -12.66 31.15
C ILE B 370 25.20 -11.78 31.37
N ASN B 371 25.97 -11.54 30.29
CA ASN B 371 27.14 -10.65 30.27
C ASN B 371 26.77 -9.22 30.59
N LEU B 372 25.73 -8.71 29.93
CA LEU B 372 25.22 -7.35 30.11
C LEU B 372 24.82 -7.09 31.55
N VAL B 373 24.17 -8.08 32.18
CA VAL B 373 23.77 -8.04 33.59
C VAL B 373 25.01 -7.98 34.49
N ASN B 374 26.02 -8.78 34.19
CA ASN B 374 27.27 -8.80 34.96
C ASN B 374 27.99 -7.47 34.82
N GLU B 375 28.19 -7.04 33.57
CA GLU B 375 28.81 -5.75 33.21
C GLU B 375 28.06 -4.58 33.90
N ASP B 376 26.69 -4.65 33.94
CA ASP B 376 25.82 -3.65 34.57
C ASP B 376 26.17 -3.55 36.06
N LEU B 377 26.27 -4.71 36.74
CA LEU B 377 26.61 -4.76 38.17
C LEU B 377 28.04 -4.28 38.49
N ALA B 378 28.96 -4.34 37.51
CA ALA B 378 30.32 -3.82 37.61
C ALA B 378 30.41 -2.31 37.36
N HIS B 379 29.27 -1.66 37.00
CA HIS B 379 29.14 -0.24 36.73
C HIS B 379 29.84 0.15 35.43
N HIS B 380 29.60 -0.65 34.38
CA HIS B 380 30.12 -0.43 33.05
C HIS B 380 28.94 0.08 32.23
N VAL B 381 29.19 1.03 31.30
CA VAL B 381 28.13 1.55 30.44
C VAL B 381 27.82 0.53 29.33
N ILE B 382 26.59 0.01 29.36
CA ILE B 382 26.12 -0.98 28.40
C ILE B 382 25.16 -0.36 27.39
N LEU B 383 24.79 -1.16 26.36
CA LEU B 383 23.85 -0.81 25.29
C LEU B 383 24.27 0.36 24.37
N GLU B 384 25.58 0.69 24.30
CA GLU B 384 26.05 1.72 23.38
C GLU B 384 26.02 1.22 21.92
N ASP B 385 26.35 -0.06 21.68
CA ASP B 385 26.36 -0.70 20.34
C ASP B 385 25.45 -1.95 20.20
N ASP B 386 24.67 -2.29 21.25
CA ASP B 386 23.78 -3.45 21.23
C ASP B 386 22.41 -3.11 21.87
N SER B 387 21.89 -1.91 21.50
CA SER B 387 20.62 -1.35 21.97
C SER B 387 19.46 -2.29 21.80
N TRP B 388 19.43 -3.07 20.69
CA TRP B 388 18.36 -4.03 20.39
C TRP B 388 18.11 -5.05 21.50
N ARG B 389 19.16 -5.37 22.28
CA ARG B 389 19.12 -6.39 23.31
C ARG B 389 18.29 -5.99 24.52
N ALA B 390 18.31 -4.71 24.90
CA ALA B 390 17.61 -4.29 26.10
C ALA B 390 17.22 -2.82 26.12
N MET B 391 16.28 -2.51 27.02
CA MET B 391 15.77 -1.18 27.24
C MET B 391 16.80 -0.44 28.08
N LYS B 392 17.08 0.82 27.73
CA LYS B 392 18.08 1.61 28.45
C LYS B 392 17.56 2.05 29.79
N LYS B 393 18.47 2.48 30.70
CA LYS B 393 18.11 2.84 32.08
C LYS B 393 17.39 4.17 32.19
N CYS B 394 16.53 4.27 33.20
CA CYS B 394 15.83 5.50 33.54
C CYS B 394 16.39 5.91 34.93
N CYS B 395 16.88 7.13 35.02
CA CYS B 395 17.58 7.68 36.18
C CYS B 395 16.73 8.11 37.35
N PRO B 396 17.08 7.71 38.60
CA PRO B 396 16.39 8.27 39.76
C PRO B 396 16.84 9.71 40.06
N ILE B 397 15.85 10.55 40.34
CA ILE B 397 16.03 11.97 40.68
C ILE B 397 15.55 12.02 42.12
N VAL B 398 16.47 12.28 43.03
CA VAL B 398 16.23 12.24 44.46
C VAL B 398 16.12 13.66 44.93
N SER B 399 14.95 14.00 45.44
CA SER B 399 14.62 15.36 45.84
C SER B 399 13.55 15.30 46.90
N GLY B 400 13.49 16.32 47.74
CA GLY B 400 12.46 16.49 48.75
C GLY B 400 12.96 16.74 50.15
N GLY B 401 13.29 17.98 50.46
CA GLY B 401 13.71 18.38 51.80
C GLY B 401 15.05 17.80 52.22
N LEU B 402 15.98 17.67 51.27
CA LEU B 402 17.33 17.19 51.52
C LEU B 402 18.25 18.35 51.76
N ASN B 403 19.38 18.08 52.36
CA ASN B 403 20.43 19.07 52.62
C ASN B 403 21.75 18.29 52.67
N PRO B 404 22.92 18.94 52.68
CA PRO B 404 24.19 18.17 52.62
C PRO B 404 24.37 17.11 53.70
N VAL B 405 23.79 17.31 54.88
CA VAL B 405 23.88 16.40 56.02
C VAL B 405 23.07 15.13 55.75
N LYS B 406 22.01 15.21 54.92
CA LYS B 406 21.17 14.05 54.56
C LYS B 406 21.70 13.25 53.34
N LEU B 407 22.88 13.63 52.79
CA LEU B 407 23.43 12.95 51.61
C LEU B 407 23.91 11.52 51.94
N LYS B 408 24.93 11.39 52.82
CA LYS B 408 25.48 10.09 53.22
C LYS B 408 24.35 9.15 53.67
N PRO B 409 23.42 9.57 54.56
CA PRO B 409 22.27 8.69 54.88
C PRO B 409 21.53 8.14 53.65
N PHE B 410 21.26 8.98 52.63
CA PHE B 410 20.54 8.54 51.42
C PHE B 410 21.37 7.54 50.57
N ILE B 411 22.67 7.85 50.32
CA ILE B 411 23.54 6.92 49.57
C ILE B 411 23.60 5.54 50.26
N ASP B 412 23.61 5.52 51.61
CA ASP B 412 23.66 4.27 52.39
C ASP B 412 22.44 3.41 52.09
N VAL B 413 21.23 3.99 52.15
CA VAL B 413 20.01 3.22 51.81
C VAL B 413 19.94 2.88 50.33
N MET B 414 20.45 3.77 49.44
CA MET B 414 20.46 3.54 47.99
C MET B 414 21.41 2.42 47.57
N GLU B 415 22.57 2.28 48.22
CA GLU B 415 23.59 1.26 47.88
C GLU B 415 24.34 1.59 46.55
N ASN B 416 24.24 2.86 46.06
CA ASN B 416 24.97 3.30 44.86
C ASN B 416 24.90 4.82 44.72
N VAL B 417 25.62 5.37 43.73
CA VAL B 417 25.68 6.81 43.46
C VAL B 417 25.28 7.14 42.00
N ASP B 418 24.40 6.30 41.38
CA ASP B 418 23.99 6.58 39.99
C ASP B 418 22.59 7.17 40.01
N PHE B 419 22.53 8.42 40.49
CA PHE B 419 21.29 9.17 40.60
C PHE B 419 21.60 10.66 40.56
N ILE B 420 20.55 11.45 40.30
CA ILE B 420 20.64 12.90 40.33
C ILE B 420 19.97 13.31 41.63
N THR B 421 20.63 14.15 42.43
CA THR B 421 20.02 14.69 43.66
C THR B 421 19.80 16.17 43.41
N THR B 422 18.66 16.71 43.89
CA THR B 422 18.31 18.13 43.73
C THR B 422 17.86 18.67 45.07
N MET B 423 18.55 19.73 45.57
CA MET B 423 18.27 20.38 46.86
C MET B 423 18.00 21.88 46.73
N GLY B 424 16.73 22.24 46.91
CA GLY B 424 16.27 23.62 46.90
C GLY B 424 16.55 24.29 48.23
N SER B 425 15.65 24.09 49.18
CA SER B 425 15.77 24.64 50.53
C SER B 425 17.14 24.34 51.13
N GLY B 426 17.59 23.08 51.00
CA GLY B 426 18.89 22.61 51.44
C GLY B 426 20.11 23.34 50.89
N VAL B 427 19.94 24.18 49.86
CA VAL B 427 21.02 24.98 49.25
C VAL B 427 20.78 26.48 49.43
N HIS B 428 19.58 26.98 49.10
CA HIS B 428 19.29 28.44 49.13
C HIS B 428 18.98 29.00 50.51
N SER B 429 18.74 28.14 51.51
CA SER B 429 18.52 28.56 52.89
C SER B 429 19.84 28.60 53.68
N HIS B 430 20.94 28.19 53.05
CA HIS B 430 22.23 28.16 53.71
C HIS B 430 22.58 29.56 54.18
N PRO B 431 23.15 29.68 55.41
CA PRO B 431 23.57 31.00 55.93
C PRO B 431 24.28 31.97 54.96
N GLY B 432 25.11 31.46 54.04
CA GLY B 432 25.82 32.28 53.06
C GLY B 432 25.19 32.34 51.67
N GLY B 433 23.99 31.77 51.52
CA GLY B 433 23.24 31.75 50.28
C GLY B 433 23.61 30.64 49.32
N THR B 434 23.10 30.71 48.09
CA THR B 434 23.23 29.68 47.05
C THR B 434 24.67 29.22 46.74
N GLN B 435 25.65 30.14 46.65
CA GLN B 435 27.03 29.79 46.32
C GLN B 435 27.68 28.96 47.43
N SER B 436 27.49 29.41 48.68
CA SER B 436 27.97 28.68 49.84
C SER B 436 27.14 27.42 50.02
N GLY B 437 25.83 27.53 49.80
CA GLY B 437 24.91 26.42 49.80
C GLY B 437 25.31 25.28 48.87
N ALA B 438 25.82 25.63 47.68
CA ALA B 438 26.29 24.67 46.67
C ALA B 438 27.63 24.07 47.08
N LYS B 439 28.54 24.90 47.63
CA LYS B 439 29.82 24.43 48.11
C LYS B 439 29.64 23.40 49.24
N ALA B 440 28.73 23.64 50.16
CA ALA B 440 28.44 22.70 51.24
C ALA B 440 28.06 21.32 50.68
N LEU B 441 27.17 21.29 49.68
CA LEU B 441 26.73 20.04 49.03
C LEU B 441 27.93 19.38 48.31
N VAL B 442 28.74 20.17 47.60
CA VAL B 442 29.94 19.66 46.91
C VAL B 442 30.88 19.01 47.93
N GLN B 443 31.15 19.74 49.04
CA GLN B 443 32.04 19.33 50.14
C GLN B 443 31.54 18.04 50.83
N ALA B 444 30.25 17.98 51.15
CA ALA B 444 29.63 16.76 51.71
C ALA B 444 29.80 15.56 50.76
N CYS B 445 29.77 15.78 49.43
CA CYS B 445 29.99 14.72 48.43
C CYS B 445 31.44 14.27 48.46
N ASP B 446 32.40 15.22 48.44
CA ASP B 446 33.84 14.90 48.49
C ASP B 446 34.17 14.14 49.76
N ALA B 447 33.62 14.59 50.92
CA ALA B 447 33.75 13.88 52.22
C ALA B 447 33.35 12.42 52.01
N TYR B 448 32.07 12.12 51.62
CA TYR B 448 31.62 10.75 51.34
C TYR B 448 32.59 9.97 50.46
N LEU B 449 33.02 10.57 49.34
CA LEU B 449 33.90 9.93 48.39
C LEU B 449 35.26 9.56 48.97
N GLN B 450 35.81 10.38 49.90
CA GLN B 450 37.09 10.04 50.52
C GLN B 450 36.93 9.46 51.94
N GLY B 451 35.87 8.69 52.13
CA GLY B 451 35.53 7.95 53.35
C GLY B 451 35.55 8.71 54.66
N MET B 452 35.27 10.03 54.64
CA MET B 452 35.29 10.87 55.84
C MET B 452 33.92 11.20 56.37
N ASP B 453 33.88 11.47 57.68
CA ASP B 453 32.68 11.94 58.36
C ASP B 453 32.67 13.42 58.06
N ILE B 454 31.49 13.97 57.79
CA ILE B 454 31.38 15.39 57.41
C ILE B 454 31.95 16.32 58.47
N GLU B 455 31.85 15.95 59.77
CA GLU B 455 32.36 16.76 60.88
C GLU B 455 33.89 16.89 60.83
N GLU B 456 34.56 15.84 60.32
CA GLU B 456 36.02 15.79 60.18
C GLU B 456 36.47 16.54 58.93
N TYR B 457 35.72 16.39 57.80
CA TYR B 457 36.02 17.09 56.53
C TYR B 457 35.77 18.60 56.71
N ALA B 458 34.73 18.96 57.50
CA ALA B 458 34.32 20.33 57.80
C ALA B 458 35.36 21.15 58.57
N LYS B 459 36.37 20.49 59.15
CA LYS B 459 37.41 21.17 59.93
C LYS B 459 38.18 22.20 59.09
N ASP B 460 38.42 21.88 57.80
CA ASP B 460 39.10 22.78 56.86
C ASP B 460 38.17 23.13 55.65
N HIS B 461 36.82 23.11 55.86
CA HIS B 461 35.80 23.38 54.83
C HIS B 461 34.60 24.12 55.43
N LYS B 462 34.72 25.46 55.43
CA LYS B 462 33.80 26.43 56.05
C LYS B 462 32.32 26.28 55.72
N GLU B 463 32.00 26.06 54.45
CA GLU B 463 30.62 26.01 53.98
C GLU B 463 29.90 24.81 54.52
N LEU B 464 30.59 23.64 54.55
CA LEU B 464 30.05 22.39 55.13
C LEU B 464 29.93 22.55 56.65
N ALA B 465 30.91 23.20 57.30
CA ALA B 465 30.83 23.42 58.75
C ALA B 465 29.56 24.20 59.12
N GLU B 466 29.33 25.34 58.40
CA GLU B 466 28.17 26.24 58.57
C GLU B 466 26.86 25.53 58.28
N ALA B 467 26.87 24.61 57.30
CA ALA B 467 25.71 23.81 56.90
C ALA B 467 25.36 22.85 58.01
N ILE B 468 26.36 22.16 58.56
CA ILE B 468 26.15 21.23 59.67
C ILE B 468 25.56 21.98 60.88
N GLU B 469 26.07 23.20 61.15
CA GLU B 469 25.60 24.01 62.27
C GLU B 469 24.13 24.42 61.98
N PHE B 470 23.89 24.95 60.76
CA PHE B 470 22.57 25.39 60.35
C PHE B 470 21.51 24.27 60.25
N TYR B 471 21.77 23.22 59.47
CA TYR B 471 20.78 22.17 59.20
C TYR B 471 20.50 21.21 60.38
N LEU B 472 21.22 21.30 61.51
CA LEU B 472 20.92 20.48 62.70
C LEU B 472 20.42 21.37 63.84
N ASN B 473 21.22 22.38 64.24
CA ASN B 473 20.87 23.29 65.34
C ASN B 473 19.81 24.33 64.90
N MET C 1 -9.66 -41.65 23.35
CA MET C 1 -9.30 -40.99 22.11
C MET C 1 -9.42 -41.94 20.92
N SER C 2 -8.86 -43.19 21.07
CA SER C 2 -8.80 -44.32 20.12
C SER C 2 -7.37 -44.85 20.09
N LEU C 3 -7.21 -46.19 20.08
CA LEU C 3 -5.88 -46.82 20.08
C LEU C 3 -5.06 -46.53 18.80
N ILE C 4 -5.73 -46.42 17.63
CA ILE C 4 -5.04 -46.11 16.36
C ILE C 4 -4.45 -44.71 16.45
N TYR C 5 -5.22 -43.74 16.98
CA TYR C 5 -4.80 -42.36 17.14
C TYR C 5 -3.79 -42.20 18.30
N GLU C 6 -3.96 -42.99 19.40
CA GLU C 6 -3.06 -42.98 20.57
C GLU C 6 -1.62 -43.41 20.25
N ASP C 7 -1.47 -44.46 19.43
CA ASP C 7 -0.14 -44.95 19.04
C ASP C 7 0.47 -43.96 18.03
N LEU C 8 -0.38 -43.35 17.20
CA LEU C 8 0.06 -42.34 16.22
C LEU C 8 0.61 -41.09 16.96
N VAL C 9 -0.01 -40.73 18.10
CA VAL C 9 0.41 -39.61 18.95
C VAL C 9 1.74 -39.96 19.67
N LYS C 10 1.85 -41.20 20.21
CA LYS C 10 3.05 -41.72 20.90
C LYS C 10 4.29 -41.79 19.99
N SER C 11 4.08 -41.90 18.67
CA SER C 11 5.18 -41.92 17.71
C SER C 11 5.84 -40.57 17.48
N LEU C 12 5.22 -39.47 17.96
CA LEU C 12 5.69 -38.13 17.71
C LEU C 12 6.86 -37.75 18.56
N ASP C 13 7.88 -37.10 17.97
CA ASP C 13 9.02 -36.60 18.72
C ASP C 13 8.67 -35.27 19.42
N SER C 14 9.59 -34.78 20.27
CA SER C 14 9.44 -33.52 21.02
C SER C 14 8.95 -32.35 20.12
N LYS C 15 9.57 -32.21 18.93
CA LYS C 15 9.26 -31.17 17.94
C LYS C 15 7.89 -31.41 17.30
N GLN C 16 7.61 -32.62 16.86
CA GLN C 16 6.32 -32.93 16.22
C GLN C 16 5.14 -32.76 17.14
N GLN C 17 5.29 -33.11 18.43
CA GLN C 17 4.23 -32.96 19.43
C GLN C 17 3.73 -31.50 19.56
N ALA C 18 4.63 -30.54 19.35
CA ALA C 18 4.33 -29.11 19.39
C ALA C 18 3.32 -28.66 18.31
N TYR C 19 3.29 -29.35 17.16
CA TYR C 19 2.40 -29.01 16.05
C TYR C 19 1.24 -29.98 15.89
N VAL C 20 0.78 -30.59 17.01
CA VAL C 20 -0.37 -31.49 17.01
C VAL C 20 -1.16 -31.23 18.29
N ASP C 21 -2.50 -31.09 18.12
CA ASP C 21 -3.49 -30.97 19.17
C ASP C 21 -4.79 -31.54 18.60
N LEU C 22 -4.97 -32.85 18.79
CA LEU C 22 -6.17 -33.55 18.31
C LEU C 22 -7.35 -33.28 19.25
N LYS C 23 -7.06 -32.57 20.37
CA LYS C 23 -8.01 -32.15 21.39
C LYS C 23 -8.19 -30.60 21.35
N LEU C 24 -7.94 -29.93 20.19
CA LEU C 24 -8.14 -28.48 20.01
C LEU C 24 -9.59 -28.21 20.37
N PRO C 25 -9.86 -27.42 21.45
CA PRO C 25 -11.24 -27.29 21.93
C PRO C 25 -12.18 -26.52 21.02
N ASP C 26 -11.71 -25.43 20.38
CA ASP C 26 -12.53 -24.66 19.44
C ASP C 26 -11.69 -24.17 18.28
N PRO C 27 -11.65 -24.93 17.16
CA PRO C 27 -10.90 -24.47 15.98
C PRO C 27 -11.51 -23.24 15.27
N THR C 28 -12.81 -22.95 15.52
CA THR C 28 -13.52 -21.82 14.93
C THR C 28 -13.57 -20.61 15.87
N ASN C 29 -12.72 -20.58 16.92
CA ASN C 29 -12.66 -19.46 17.87
C ASN C 29 -12.28 -18.10 17.25
N GLY C 30 -11.78 -18.11 16.01
CA GLY C 30 -11.42 -16.90 15.31
C GLY C 30 -9.93 -16.71 15.17
N GLU C 31 -9.12 -17.39 16.02
CA GLU C 31 -7.65 -17.24 16.00
C GLU C 31 -6.99 -17.89 14.82
N PHE C 32 -7.65 -18.91 14.24
CA PHE C 32 -7.08 -19.75 13.20
C PHE C 32 -7.72 -19.66 11.83
N LEU C 33 -6.90 -19.92 10.82
CA LEU C 33 -7.25 -20.09 9.40
C LEU C 33 -7.27 -21.63 9.30
N LEU C 34 -8.44 -22.25 9.21
CA LEU C 34 -8.53 -23.71 9.13
C LEU C 34 -8.25 -24.17 7.72
N ALA C 35 -7.49 -25.27 7.57
CA ALA C 35 -7.11 -25.87 6.29
C ALA C 35 -7.32 -27.37 6.28
N VAL C 36 -7.60 -27.95 5.14
CA VAL C 36 -7.71 -29.40 5.00
C VAL C 36 -6.96 -29.86 3.75
N PHE C 37 -5.91 -30.68 3.98
CA PHE C 37 -5.07 -31.23 2.92
C PHE C 37 -5.38 -32.69 2.67
N HIS C 38 -5.27 -33.12 1.41
CA HIS C 38 -5.28 -34.52 1.04
C HIS C 38 -3.79 -34.83 1.05
N MET C 39 -3.33 -35.64 2.01
CA MET C 39 -1.91 -35.92 2.14
C MET C 39 -1.61 -37.41 2.25
N ILE C 40 -0.50 -37.85 1.60
CA ILE C 40 0.04 -39.22 1.67
C ILE C 40 1.51 -39.07 2.11
N PRO C 41 1.99 -39.82 3.14
CA PRO C 41 3.39 -39.68 3.56
C PRO C 41 4.44 -40.16 2.56
N GLY C 42 5.68 -39.74 2.79
CA GLY C 42 6.82 -40.05 1.93
C GLY C 42 7.76 -41.14 2.40
N GLY C 43 7.21 -42.14 3.10
CA GLY C 43 7.99 -43.30 3.58
C GLY C 43 8.89 -42.98 4.75
N ASP C 44 8.88 -43.85 5.76
CA ASP C 44 9.60 -43.75 7.04
C ASP C 44 8.61 -43.14 8.01
N LEU C 45 8.17 -41.89 7.73
CA LEU C 45 7.20 -41.18 8.55
C LEU C 45 5.80 -41.73 8.34
N ASN C 46 5.00 -41.69 9.41
CA ASN C 46 3.60 -42.11 9.33
C ASN C 46 2.72 -40.87 9.02
N VAL C 47 1.39 -41.08 8.99
CA VAL C 47 0.41 -40.02 8.69
C VAL C 47 0.61 -38.82 9.59
N LEU C 48 0.63 -39.05 10.91
CA LEU C 48 0.71 -37.97 11.90
C LEU C 48 2.10 -37.34 12.06
N GLN C 49 3.18 -38.04 11.76
CA GLN C 49 4.51 -37.45 11.85
C GLN C 49 4.72 -36.57 10.62
N ALA C 50 4.19 -37.01 9.47
CA ALA C 50 4.27 -36.25 8.23
C ALA C 50 3.45 -34.97 8.36
N ALA C 51 2.24 -35.09 8.93
CA ALA C 51 1.32 -33.97 9.17
C ALA C 51 1.96 -32.95 10.11
N ALA C 52 2.49 -33.44 11.23
CA ALA C 52 3.15 -32.60 12.23
C ALA C 52 4.39 -31.91 11.65
N GLU C 53 5.02 -32.53 10.65
CA GLU C 53 6.18 -31.98 9.97
C GLU C 53 5.74 -30.93 8.97
N ILE C 54 4.58 -31.16 8.31
CA ILE C 54 4.03 -30.18 7.36
C ILE C 54 3.62 -28.97 8.16
N ALA C 55 2.80 -29.19 9.22
CA ALA C 55 2.39 -28.13 10.15
C ALA C 55 3.60 -27.32 10.61
N ALA C 56 4.70 -27.98 10.96
CA ALA C 56 5.94 -27.30 11.37
C ALA C 56 6.50 -26.34 10.33
N GLU C 57 6.66 -26.83 9.12
CA GLU C 57 7.24 -26.10 7.99
C GLU C 57 6.31 -25.04 7.37
N SER C 58 4.99 -25.20 7.56
CA SER C 58 3.98 -24.23 7.15
C SER C 58 3.80 -23.10 8.19
N SER C 59 4.40 -23.20 9.39
CA SER C 59 4.20 -22.17 10.41
C SER C 59 5.52 -21.63 10.96
N THR C 60 5.88 -22.02 12.18
CA THR C 60 7.04 -21.48 12.90
C THR C 60 8.27 -22.41 12.95
N GLY C 61 8.07 -23.69 12.63
CA GLY C 61 9.08 -24.71 12.77
C GLY C 61 10.05 -24.96 11.64
N THR C 62 10.89 -25.98 11.88
CA THR C 62 11.90 -26.44 10.91
C THR C 62 12.21 -27.92 11.13
N ASN C 63 13.22 -28.48 10.41
CA ASN C 63 13.54 -29.90 10.49
C ASN C 63 13.91 -30.36 11.90
N ILE C 64 14.81 -29.62 12.57
CA ILE C 64 15.26 -29.92 13.93
C ILE C 64 14.91 -28.77 14.86
N LYS C 65 14.42 -29.08 16.07
CA LYS C 65 14.15 -28.09 17.14
C LYS C 65 15.39 -27.14 17.27
N VAL C 66 15.17 -25.81 17.42
CA VAL C 66 16.28 -24.85 17.46
C VAL C 66 16.44 -24.17 18.82
N SER C 67 17.71 -23.84 19.17
CA SER C 67 18.12 -23.13 20.39
C SER C 67 17.42 -21.77 20.52
N THR C 68 17.21 -21.11 19.37
CA THR C 68 16.61 -19.79 19.21
C THR C 68 15.08 -19.75 19.45
N GLU C 69 14.41 -20.90 19.56
CA GLU C 69 12.97 -20.97 19.80
C GLU C 69 12.61 -20.29 21.14
N THR C 70 11.46 -19.60 21.18
CA THR C 70 10.92 -18.88 22.35
C THR C 70 9.54 -19.44 22.68
N ALA C 71 9.08 -19.23 23.93
CA ALA C 71 7.76 -19.70 24.35
C ALA C 71 6.65 -18.96 23.57
N PHE C 72 6.91 -17.67 23.22
CA PHE C 72 6.01 -16.81 22.46
C PHE C 72 5.86 -17.29 21.02
N SER C 73 6.91 -17.87 20.42
CA SER C 73 6.86 -18.40 19.05
C SER C 73 6.00 -19.65 18.97
N ARG C 74 6.02 -20.51 20.02
CA ARG C 74 5.20 -21.71 20.08
C ARG C 74 3.68 -21.40 20.03
N THR C 75 3.27 -20.19 20.41
CA THR C 75 1.85 -19.81 20.41
C THR C 75 1.31 -19.69 18.96
N MET C 76 2.19 -19.41 17.98
CA MET C 76 1.81 -19.31 16.57
C MET C 76 2.03 -20.62 15.75
N ASN C 77 2.36 -21.73 16.42
CA ASN C 77 2.53 -23.02 15.79
C ASN C 77 1.23 -23.42 15.12
N ALA C 78 1.28 -24.05 13.92
CA ALA C 78 0.09 -24.57 13.28
C ALA C 78 -0.14 -25.90 14.00
N ARG C 79 -1.41 -26.28 14.26
N ARG C 79 -1.40 -26.29 14.26
CA ARG C 79 -1.74 -27.49 15.00
CA ARG C 79 -1.68 -27.52 14.99
C ARG C 79 -2.59 -28.43 14.14
C ARG C 79 -2.61 -28.44 14.20
N VAL C 80 -2.19 -29.71 14.00
CA VAL C 80 -2.97 -30.73 13.28
C VAL C 80 -4.02 -31.13 14.28
N TYR C 81 -5.32 -31.00 13.94
CA TYR C 81 -6.37 -31.28 14.94
C TYR C 81 -7.42 -32.33 14.53
N GLN C 82 -7.36 -32.85 13.31
CA GLN C 82 -8.32 -33.83 12.84
C GLN C 82 -7.69 -34.68 11.72
N LEU C 83 -8.14 -35.95 11.59
CA LEU C 83 -7.67 -36.88 10.56
C LEU C 83 -8.80 -37.78 10.07
N ASP C 84 -8.83 -38.03 8.76
CA ASP C 84 -9.66 -39.05 8.12
C ASP C 84 -8.63 -39.92 7.39
N LEU C 85 -8.20 -40.98 8.07
CA LEU C 85 -7.15 -41.91 7.59
C LEU C 85 -7.56 -42.66 6.31
N GLU C 86 -8.83 -43.07 6.24
CA GLU C 86 -9.39 -43.76 5.06
C GLU C 86 -9.40 -42.79 3.87
N ARG C 87 -9.89 -41.55 4.10
CA ARG C 87 -9.94 -40.51 3.05
C ARG C 87 -8.58 -39.85 2.79
N GLU C 88 -7.58 -40.07 3.67
CA GLU C 88 -6.22 -39.55 3.54
C GLU C 88 -6.19 -38.04 3.62
N LEU C 89 -7.00 -37.48 4.53
CA LEU C 89 -7.16 -36.04 4.73
C LEU C 89 -6.65 -35.64 6.08
N VAL C 90 -5.96 -34.49 6.15
CA VAL C 90 -5.47 -33.95 7.41
C VAL C 90 -5.91 -32.49 7.58
N TRP C 91 -6.48 -32.16 8.77
CA TRP C 91 -6.93 -30.80 9.09
C TRP C 91 -5.89 -30.11 9.96
N ILE C 92 -5.39 -28.97 9.50
CA ILE C 92 -4.42 -28.13 10.18
C ILE C 92 -5.08 -26.77 10.48
N ALA C 93 -4.84 -26.24 11.71
CA ALA C 93 -5.31 -24.93 12.16
C ALA C 93 -4.10 -23.98 12.16
N TYR C 94 -4.21 -22.85 11.43
CA TYR C 94 -3.12 -21.88 11.28
C TYR C 94 -3.41 -20.57 11.97
N PRO C 95 -2.69 -20.21 13.06
CA PRO C 95 -2.91 -18.90 13.67
C PRO C 95 -2.73 -17.74 12.67
N TRP C 96 -3.79 -16.95 12.36
CA TRP C 96 -3.68 -15.90 11.33
C TRP C 96 -2.73 -14.75 11.71
N ARG C 97 -2.25 -14.72 12.97
CA ARG C 97 -1.26 -13.77 13.47
C ARG C 97 0.09 -13.99 12.75
N LEU C 98 0.30 -15.22 12.21
CA LEU C 98 1.46 -15.59 11.39
C LEU C 98 1.61 -14.69 10.15
N PHE C 99 0.49 -14.37 9.52
CA PHE C 99 0.45 -13.68 8.24
C PHE C 99 0.84 -12.21 8.30
N ASP C 100 1.53 -11.78 7.22
CA ASP C 100 2.02 -10.42 7.04
C ASP C 100 0.86 -9.44 7.03
N ARG C 101 1.04 -8.36 7.76
CA ARG C 101 0.00 -7.35 7.92
C ARG C 101 -0.22 -6.51 6.68
N GLY C 102 -1.36 -5.85 6.64
CA GLY C 102 -1.79 -5.07 5.49
C GLY C 102 -2.53 -5.92 4.48
N GLY C 103 -3.19 -6.98 4.95
CA GLY C 103 -3.96 -7.89 4.10
C GLY C 103 -3.20 -8.47 2.93
N ASN C 104 -1.96 -8.91 3.17
CA ASN C 104 -1.07 -9.50 2.15
C ASN C 104 -1.44 -10.99 1.92
N VAL C 105 -1.92 -11.34 0.69
CA VAL C 105 -2.37 -12.69 0.28
C VAL C 105 -1.17 -13.54 -0.20
N GLN C 106 -0.25 -12.92 -0.96
CA GLN C 106 1.03 -13.51 -1.41
C GLN C 106 1.68 -14.31 -0.26
N ASN C 107 1.66 -13.74 0.98
CA ASN C 107 2.23 -14.31 2.21
C ASN C 107 1.44 -15.48 2.76
N ILE C 108 0.09 -15.43 2.73
CA ILE C 108 -0.71 -16.58 3.22
C ILE C 108 -0.31 -17.81 2.40
N LEU C 109 -0.16 -17.65 1.07
CA LEU C 109 0.18 -18.73 0.15
C LEU C 109 1.63 -19.21 0.28
N THR C 110 2.52 -18.37 0.81
CA THR C 110 3.91 -18.75 1.01
C THR C 110 3.99 -19.77 2.16
N TYR C 111 3.05 -19.70 3.10
CA TYR C 111 3.00 -20.62 4.22
C TYR C 111 2.29 -21.91 3.87
N ILE C 112 0.99 -21.81 3.54
CA ILE C 112 0.08 -22.96 3.41
C ILE C 112 0.20 -23.71 2.07
N ILE C 113 0.91 -23.17 1.04
CA ILE C 113 1.12 -23.88 -0.23
C ILE C 113 2.51 -23.49 -0.82
N GLY C 114 3.52 -23.47 0.04
CA GLY C 114 4.88 -23.06 -0.32
C GLY C 114 5.89 -24.18 -0.25
N ASN C 115 6.94 -24.00 0.59
CA ASN C 115 8.02 -24.98 0.80
C ASN C 115 7.51 -26.40 1.02
N ILE C 116 6.37 -26.55 1.75
CA ILE C 116 5.80 -27.87 2.03
C ILE C 116 5.51 -28.68 0.78
N LEU C 117 5.27 -28.01 -0.35
CA LEU C 117 5.02 -28.69 -1.62
C LEU C 117 6.25 -29.44 -2.20
N GLY C 118 7.47 -29.01 -1.84
CA GLY C 118 8.71 -29.63 -2.32
C GLY C 118 9.36 -30.63 -1.37
N MET C 119 8.71 -30.91 -0.23
CA MET C 119 9.23 -31.79 0.81
C MET C 119 9.30 -33.26 0.43
N LYS C 120 10.42 -33.94 0.85
CA LYS C 120 10.68 -35.37 0.60
C LYS C 120 9.66 -36.24 1.30
N GLU C 121 9.19 -35.83 2.48
CA GLU C 121 8.32 -36.63 3.32
C GLU C 121 6.85 -36.69 2.89
N ILE C 122 6.50 -36.34 1.64
CA ILE C 122 5.13 -36.53 1.17
C ILE C 122 5.11 -36.99 -0.29
N GLN C 123 4.10 -37.77 -0.64
CA GLN C 123 3.87 -38.26 -2.02
C GLN C 123 2.80 -37.38 -2.65
N ALA C 124 1.73 -37.09 -1.87
CA ALA C 124 0.61 -36.23 -2.26
C ALA C 124 0.42 -35.20 -1.16
N LEU C 125 0.05 -33.98 -1.53
CA LEU C 125 -0.22 -32.86 -0.62
C LEU C 125 -1.04 -31.83 -1.37
N LYS C 126 -2.37 -32.03 -1.36
CA LYS C 126 -3.31 -31.14 -2.06
C LYS C 126 -4.15 -30.35 -1.06
N LEU C 127 -4.05 -29.00 -1.06
CA LEU C 127 -4.90 -28.16 -0.20
C LEU C 127 -6.30 -28.13 -0.84
N MET C 128 -7.26 -28.77 -0.19
CA MET C 128 -8.61 -28.93 -0.74
C MET C 128 -9.56 -27.80 -0.44
N ASP C 129 -9.52 -27.30 0.79
CA ASP C 129 -10.38 -26.21 1.26
C ASP C 129 -9.66 -25.42 2.38
N ILE C 130 -10.16 -24.23 2.67
CA ILE C 130 -9.73 -23.39 3.79
C ILE C 130 -10.96 -22.69 4.33
N TRP C 131 -10.91 -22.24 5.58
CA TRP C 131 -11.99 -21.50 6.20
C TRP C 131 -11.45 -20.26 6.86
N PHE C 132 -12.02 -19.11 6.49
CA PHE C 132 -11.63 -17.81 7.00
C PHE C 132 -12.55 -17.42 8.14
N PRO C 133 -12.07 -17.18 9.38
CA PRO C 133 -12.99 -16.67 10.42
C PRO C 133 -13.32 -15.20 10.16
N PRO C 134 -14.43 -14.68 10.69
CA PRO C 134 -14.77 -13.25 10.47
C PRO C 134 -13.68 -12.26 10.87
N SER C 135 -12.95 -12.56 11.97
CA SER C 135 -11.85 -11.73 12.45
C SER C 135 -10.75 -11.59 11.42
N MET C 136 -10.52 -12.65 10.62
CA MET C 136 -9.51 -12.64 9.56
C MET C 136 -9.97 -11.90 8.32
N LEU C 137 -11.20 -12.15 7.84
CA LEU C 137 -11.75 -11.47 6.64
C LEU C 137 -11.69 -9.92 6.70
N GLU C 138 -11.83 -9.36 7.90
CA GLU C 138 -11.79 -7.93 8.11
C GLU C 138 -10.38 -7.32 7.97
N GLN C 139 -9.34 -8.16 7.84
CA GLN C 139 -7.95 -7.70 7.67
C GLN C 139 -7.59 -7.62 6.20
N TYR C 140 -8.48 -8.13 5.32
CA TYR C 140 -8.28 -8.22 3.89
C TYR C 140 -9.28 -7.35 3.16
N ASP C 141 -8.89 -6.92 1.94
CA ASP C 141 -9.67 -6.02 1.10
C ASP C 141 -11.08 -6.50 0.76
N GLY C 142 -11.17 -7.65 0.11
CA GLY C 142 -12.41 -8.16 -0.44
C GLY C 142 -12.70 -7.35 -1.69
N PRO C 143 -13.62 -7.76 -2.58
CA PRO C 143 -13.84 -6.92 -3.79
C PRO C 143 -14.50 -5.57 -3.45
N SER C 144 -14.11 -4.51 -4.22
CA SER C 144 -14.67 -3.15 -4.13
C SER C 144 -15.64 -2.91 -5.30
N TYR C 145 -15.26 -3.38 -6.51
CA TYR C 145 -16.09 -3.30 -7.72
C TYR C 145 -16.63 -4.69 -7.97
N THR C 146 -17.92 -4.81 -8.31
CA THR C 146 -18.55 -6.12 -8.50
C THR C 146 -19.32 -6.19 -9.80
N VAL C 147 -19.81 -7.40 -10.12
CA VAL C 147 -20.64 -7.63 -11.30
C VAL C 147 -21.99 -6.90 -11.12
N ASP C 148 -22.43 -6.67 -9.88
CA ASP C 148 -23.66 -5.91 -9.64
C ASP C 148 -23.50 -4.47 -10.12
N ASP C 149 -22.27 -3.94 -10.03
CA ASP C 149 -21.90 -2.63 -10.56
C ASP C 149 -21.77 -2.67 -12.10
N MET C 150 -21.30 -3.80 -12.68
CA MET C 150 -21.20 -4.00 -14.14
C MET C 150 -22.59 -4.11 -14.76
N ARG C 151 -23.45 -4.95 -14.18
CA ARG C 151 -24.84 -5.15 -14.61
C ARG C 151 -25.66 -3.85 -14.59
N LYS C 152 -25.33 -2.92 -13.67
CA LYS C 152 -25.98 -1.62 -13.58
C LYS C 152 -25.51 -0.72 -14.72
N TYR C 153 -24.20 -0.72 -15.04
CA TYR C 153 -23.67 0.04 -16.18
C TYR C 153 -24.30 -0.50 -17.49
N LEU C 154 -24.38 -1.81 -17.59
CA LEU C 154 -24.86 -2.49 -18.78
C LEU C 154 -26.37 -2.58 -18.89
N ASP C 155 -27.10 -2.52 -17.78
CA ASP C 155 -28.55 -2.73 -17.74
C ASP C 155 -28.84 -4.14 -18.26
N VAL C 156 -28.08 -5.13 -17.74
CA VAL C 156 -28.18 -6.54 -18.09
C VAL C 156 -28.50 -7.23 -16.79
N TYR C 157 -29.65 -7.91 -16.69
CA TYR C 157 -30.07 -8.59 -15.48
C TYR C 157 -30.80 -9.87 -15.81
N ASP C 158 -30.90 -10.76 -14.80
CA ASP C 158 -31.61 -12.04 -14.84
C ASP C 158 -31.17 -12.99 -15.96
N ARG C 159 -29.89 -12.86 -16.38
CA ARG C 159 -29.29 -13.69 -17.44
C ARG C 159 -27.76 -13.50 -17.47
N PRO C 160 -26.98 -14.46 -18.02
CA PRO C 160 -25.51 -14.30 -18.00
C PRO C 160 -25.01 -13.17 -18.89
N ILE C 161 -23.88 -12.54 -18.53
CA ILE C 161 -23.22 -11.53 -19.36
C ILE C 161 -22.57 -12.39 -20.47
N LEU C 162 -22.86 -12.06 -21.75
CA LEU C 162 -22.40 -12.82 -22.90
C LEU C 162 -21.22 -12.11 -23.49
N GLY C 163 -20.08 -12.79 -23.52
CA GLY C 163 -18.83 -12.25 -24.02
C GLY C 163 -18.10 -13.10 -25.02
N THR C 164 -16.98 -12.55 -25.51
CA THR C 164 -16.05 -13.21 -26.40
C THR C 164 -14.63 -12.81 -26.05
N ILE C 165 -13.71 -13.54 -26.64
CA ILE C 165 -12.29 -13.28 -26.57
C ILE C 165 -11.92 -13.03 -28.02
N VAL C 166 -11.12 -12.00 -28.29
CA VAL C 166 -10.70 -11.70 -29.65
C VAL C 166 -9.64 -12.75 -30.03
N LYS C 167 -9.90 -13.46 -31.15
CA LYS C 167 -9.06 -14.50 -31.69
C LYS C 167 -8.74 -14.14 -33.15
N PRO C 168 -7.56 -14.45 -33.75
CA PRO C 168 -6.37 -15.13 -33.19
C PRO C 168 -5.89 -14.61 -31.84
N LYS C 169 -5.45 -15.55 -30.97
CA LYS C 169 -4.84 -15.30 -29.65
C LYS C 169 -3.69 -14.31 -29.80
N MET C 170 -3.01 -14.37 -30.95
CA MET C 170 -1.95 -13.45 -31.32
C MET C 170 -1.84 -13.45 -32.85
N GLY C 171 -1.32 -12.36 -33.40
CA GLY C 171 -1.15 -12.18 -34.83
C GLY C 171 -1.94 -11.05 -35.47
N LEU C 172 -3.01 -10.58 -34.81
CA LEU C 172 -3.81 -9.47 -35.31
C LEU C 172 -3.16 -8.20 -34.91
N THR C 173 -3.36 -7.16 -35.70
CA THR C 173 -2.90 -5.80 -35.39
C THR C 173 -3.95 -5.10 -34.54
N SER C 174 -3.62 -3.88 -34.09
CA SER C 174 -4.48 -3.07 -33.24
C SER C 174 -5.79 -2.69 -33.96
N ALA C 175 -5.73 -2.44 -35.28
CA ALA C 175 -6.90 -2.13 -36.10
C ALA C 175 -7.79 -3.35 -36.29
N GLU C 176 -7.16 -4.48 -36.64
CA GLU C 176 -7.83 -5.78 -36.80
C GLU C 176 -8.46 -6.24 -35.48
N TYR C 177 -7.82 -5.90 -34.33
CA TYR C 177 -8.30 -6.26 -32.99
C TYR C 177 -9.67 -5.60 -32.76
N ALA C 178 -9.71 -4.26 -33.00
CA ALA C 178 -10.90 -3.43 -32.84
C ALA C 178 -12.09 -3.87 -33.69
N GLU C 179 -11.86 -4.43 -34.90
CA GLU C 179 -12.96 -4.91 -35.74
C GLU C 179 -13.67 -6.09 -35.08
N VAL C 180 -12.91 -7.02 -34.49
CA VAL C 180 -13.47 -8.20 -33.83
C VAL C 180 -14.30 -7.75 -32.61
N CYS C 181 -13.90 -6.63 -31.96
CA CYS C 181 -14.61 -6.06 -30.81
C CYS C 181 -15.95 -5.53 -31.27
N TYR C 182 -15.92 -4.63 -32.27
CA TYR C 182 -17.09 -4.02 -32.89
C TYR C 182 -18.11 -5.10 -33.30
N ASP C 183 -17.67 -6.04 -34.17
CA ASP C 183 -18.51 -7.11 -34.72
C ASP C 183 -19.24 -7.91 -33.62
N PHE C 184 -18.56 -8.17 -32.51
CA PHE C 184 -19.21 -8.93 -31.42
C PHE C 184 -20.26 -8.06 -30.71
N TRP C 185 -19.90 -6.80 -30.43
CA TRP C 185 -20.80 -5.86 -29.79
C TRP C 185 -22.07 -5.52 -30.64
N VAL C 186 -21.93 -5.25 -31.95
CA VAL C 186 -23.12 -4.95 -32.78
C VAL C 186 -24.07 -6.15 -32.91
N GLY C 187 -23.52 -7.37 -32.92
CA GLY C 187 -24.32 -8.59 -32.98
C GLY C 187 -25.10 -8.91 -31.72
N GLY C 188 -24.99 -8.07 -30.68
CA GLY C 188 -25.73 -8.20 -29.42
C GLY C 188 -24.91 -8.66 -28.23
N GLY C 189 -23.60 -8.78 -28.44
CA GLY C 189 -22.65 -9.20 -27.41
C GLY C 189 -22.40 -8.11 -26.40
N ASP C 190 -22.31 -8.47 -25.11
CA ASP C 190 -22.14 -7.50 -24.02
C ASP C 190 -20.70 -7.12 -23.73
N PHE C 191 -19.86 -8.14 -23.51
CA PHE C 191 -18.50 -8.06 -22.99
C PHE C 191 -17.42 -8.57 -23.95
N VAL C 192 -16.26 -7.90 -24.00
CA VAL C 192 -15.14 -8.33 -24.86
C VAL C 192 -13.85 -8.27 -24.03
N KCX C 193 -13.10 -9.37 -24.02
CA KCX C 193 -11.83 -9.43 -23.30
CB KCX C 193 -11.77 -10.56 -22.25
CG KCX C 193 -12.18 -11.94 -22.71
CD KCX C 193 -11.93 -13.02 -21.66
CE KCX C 193 -10.56 -12.97 -21.00
NZ KCX C 193 -9.41 -13.55 -21.73
C KCX C 193 -10.65 -9.65 -24.21
O KCX C 193 -10.78 -10.29 -25.26
CX KCX C 193 -9.25 -14.89 -22.00
OQ1 KCX C 193 -10.09 -15.78 -21.71
OQ2 KCX C 193 -8.13 -15.23 -22.63
N ASN C 194 -9.48 -9.14 -23.82
CA ASN C 194 -8.25 -9.42 -24.54
C ASN C 194 -7.96 -10.88 -24.27
N ASP C 195 -7.44 -11.62 -25.25
CA ASP C 195 -6.98 -12.98 -24.98
C ASP C 195 -5.76 -12.76 -24.05
N GLU C 196 -5.68 -13.52 -22.95
CA GLU C 196 -4.71 -13.38 -21.88
C GLU C 196 -3.26 -12.99 -22.26
N PRO C 197 -2.66 -13.34 -23.43
CA PRO C 197 -1.28 -12.89 -23.71
C PRO C 197 -1.22 -11.66 -24.62
N GLN C 198 -2.39 -11.04 -24.97
CA GLN C 198 -2.40 -9.88 -25.86
C GLN C 198 -1.96 -8.68 -25.08
N ALA C 199 -0.91 -8.02 -25.55
CA ALA C 199 -0.32 -6.88 -24.88
C ALA C 199 0.34 -5.95 -25.91
N ASN C 200 1.61 -5.55 -25.69
CA ASN C 200 2.29 -4.64 -26.59
C ASN C 200 3.26 -5.37 -27.51
N GLN C 201 2.74 -6.19 -28.43
CA GLN C 201 3.57 -6.86 -29.42
C GLN C 201 3.81 -5.84 -30.53
N ASP C 202 4.96 -5.93 -31.24
CA ASP C 202 5.41 -4.95 -32.25
C ASP C 202 4.41 -4.58 -33.36
N PHE C 203 3.49 -5.48 -33.72
CA PHE C 203 2.48 -5.28 -34.77
C PHE C 203 1.14 -4.80 -34.20
N CYS C 204 0.89 -4.95 -32.87
CA CYS C 204 -0.34 -4.50 -32.22
CA CYS C 204 -0.34 -4.54 -32.18
C CYS C 204 -0.02 -3.50 -31.11
N PRO C 205 0.58 -2.33 -31.45
CA PRO C 205 0.86 -1.33 -30.41
C PRO C 205 -0.30 -1.12 -29.42
N TYR C 206 -0.02 -1.16 -28.12
CA TYR C 206 -1.03 -0.99 -27.05
C TYR C 206 -1.73 0.39 -27.13
N GLU C 207 -0.95 1.44 -27.48
CA GLU C 207 -1.44 2.81 -27.64
C GLU C 207 -2.51 2.92 -28.75
N LYS C 208 -2.26 2.23 -29.89
CA LYS C 208 -3.14 2.19 -31.04
C LYS C 208 -4.39 1.35 -30.74
N MET C 209 -4.21 0.27 -30.00
CA MET C 209 -5.29 -0.65 -29.68
C MET C 209 -6.39 0.00 -28.85
N VAL C 210 -6.01 0.74 -27.80
CA VAL C 210 -6.99 1.38 -26.92
C VAL C 210 -7.76 2.46 -27.69
N ALA C 211 -7.05 3.22 -28.55
CA ALA C 211 -7.65 4.26 -29.39
C ALA C 211 -8.71 3.69 -30.36
N HIS C 212 -8.43 2.53 -30.98
CA HIS C 212 -9.35 1.88 -31.93
C HIS C 212 -10.47 1.19 -31.17
N VAL C 213 -10.16 0.53 -30.03
CA VAL C 213 -11.17 -0.11 -29.19
C VAL C 213 -12.18 0.94 -28.65
N LYS C 214 -11.72 2.20 -28.43
CA LYS C 214 -12.57 3.30 -27.95
C LYS C 214 -13.61 3.64 -29.03
N GLU C 215 -13.12 3.90 -30.26
CA GLU C 215 -13.91 4.22 -31.45
C GLU C 215 -14.87 3.08 -31.80
N ALA C 216 -14.41 1.82 -31.68
CA ALA C 216 -15.24 0.65 -31.95
C ALA C 216 -16.40 0.59 -30.98
N MET C 217 -16.13 0.85 -29.68
CA MET C 217 -17.19 0.84 -28.64
C MET C 217 -18.20 1.95 -28.90
N ASP C 218 -17.73 3.16 -29.25
CA ASP C 218 -18.61 4.29 -29.50
C ASP C 218 -19.62 3.97 -30.61
N LYS C 219 -19.13 3.51 -31.77
CA LYS C 219 -19.94 3.11 -32.93
C LYS C 219 -20.93 1.99 -32.59
N ALA C 220 -20.48 0.98 -31.84
CA ALA C 220 -21.32 -0.17 -31.50
C ALA C 220 -22.44 0.18 -30.51
N VAL C 221 -22.16 1.08 -29.54
CA VAL C 221 -23.13 1.51 -28.54
C VAL C 221 -24.22 2.37 -29.22
N LYS C 222 -23.79 3.25 -30.13
CA LYS C 222 -24.65 4.10 -30.93
C LYS C 222 -25.59 3.26 -31.81
N GLU C 223 -25.05 2.28 -32.54
CA GLU C 223 -25.86 1.43 -33.42
C GLU C 223 -26.79 0.46 -32.70
N THR C 224 -26.45 0.03 -31.46
CA THR C 224 -27.27 -0.90 -30.69
C THR C 224 -28.19 -0.22 -29.67
N GLY C 225 -27.73 0.91 -29.13
CA GLY C 225 -28.41 1.64 -28.08
C GLY C 225 -28.24 0.95 -26.75
N GLN C 226 -27.15 0.19 -26.61
CA GLN C 226 -26.85 -0.63 -25.44
C GLN C 226 -25.41 -0.37 -25.00
N LYS C 227 -25.16 -0.28 -23.68
CA LYS C 227 -23.81 -0.06 -23.18
C LYS C 227 -23.01 -1.37 -23.31
N LYS C 228 -21.68 -1.25 -23.59
CA LYS C 228 -20.73 -2.36 -23.80
C LYS C 228 -19.43 -2.25 -22.91
N VAL C 229 -18.83 -3.41 -22.53
CA VAL C 229 -17.60 -3.48 -21.70
C VAL C 229 -16.43 -4.13 -22.46
N HIS C 230 -15.20 -3.65 -22.20
CA HIS C 230 -13.95 -4.24 -22.71
C HIS C 230 -12.98 -4.50 -21.56
N SER C 231 -12.58 -5.77 -21.37
CA SER C 231 -11.60 -6.13 -20.35
C SER C 231 -10.23 -6.15 -20.98
N PHE C 232 -9.40 -5.15 -20.61
CA PHE C 232 -8.04 -4.98 -21.14
C PHE C 232 -7.02 -5.78 -20.34
N ASN C 233 -6.09 -6.42 -21.03
CA ASN C 233 -5.01 -7.13 -20.35
C ASN C 233 -3.92 -6.10 -19.97
N VAL C 234 -3.78 -5.85 -18.65
CA VAL C 234 -2.79 -4.90 -18.12
C VAL C 234 -1.51 -5.62 -17.63
N SER C 235 -1.43 -6.96 -17.81
CA SER C 235 -0.27 -7.74 -17.43
C SER C 235 0.90 -7.22 -18.23
N ALA C 236 1.95 -6.80 -17.53
CA ALA C 236 3.13 -6.18 -18.12
C ALA C 236 4.41 -6.74 -17.49
N ALA C 237 5.58 -6.28 -18.01
CA ALA C 237 6.90 -6.72 -17.51
C ALA C 237 7.03 -6.50 -16.02
N ASP C 238 6.81 -5.25 -15.61
CA ASP C 238 6.98 -4.76 -14.24
C ASP C 238 5.77 -3.90 -13.81
N PHE C 239 5.82 -3.42 -12.56
N PHE C 239 5.75 -3.41 -12.56
CA PHE C 239 4.85 -2.56 -11.89
CA PHE C 239 4.61 -2.62 -12.07
C PHE C 239 4.59 -1.27 -12.65
C PHE C 239 4.52 -1.24 -12.71
N ASP C 240 5.66 -0.55 -12.95
CA ASP C 240 5.57 0.76 -13.64
C ASP C 240 4.90 0.67 -15.04
N THR C 241 5.13 -0.42 -15.78
CA THR C 241 4.53 -0.60 -17.11
C THR C 241 3.03 -0.99 -17.03
N MET C 242 2.61 -1.68 -15.96
CA MET C 242 1.21 -2.05 -15.78
C MET C 242 0.41 -0.80 -15.52
N ILE C 243 0.89 0.07 -14.65
CA ILE C 243 0.22 1.31 -14.34
C ILE C 243 0.18 2.19 -15.59
N GLU C 244 1.30 2.29 -16.31
CA GLU C 244 1.39 3.05 -17.57
C GLU C 244 0.26 2.66 -18.55
N ARG C 245 -0.08 1.38 -18.60
CA ARG C 245 -1.14 0.85 -19.44
C ARG C 245 -2.52 1.13 -18.84
N CYS C 246 -2.68 1.02 -17.52
CA CYS C 246 -3.95 1.34 -16.83
C CYS C 246 -4.31 2.79 -17.07
N GLU C 247 -3.29 3.67 -17.01
CA GLU C 247 -3.46 5.11 -17.18
C GLU C 247 -3.79 5.45 -18.61
N MET C 248 -3.24 4.70 -19.55
CA MET C 248 -3.55 4.88 -20.96
C MET C 248 -5.05 4.65 -21.16
N ILE C 249 -5.62 3.60 -20.53
CA ILE C 249 -7.05 3.33 -20.63
C ILE C 249 -7.85 4.37 -19.87
N THR C 250 -7.41 4.71 -18.67
CA THR C 250 -8.05 5.71 -17.81
C THR C 250 -8.16 7.12 -18.49
N ASN C 251 -7.18 7.47 -19.35
CA ASN C 251 -7.14 8.76 -20.05
C ASN C 251 -7.64 8.68 -21.49
N ALA C 252 -8.19 7.54 -21.91
CA ALA C 252 -8.68 7.33 -23.28
C ALA C 252 -10.08 7.87 -23.56
N GLY C 253 -10.78 8.37 -22.55
CA GLY C 253 -12.10 8.95 -22.74
C GLY C 253 -13.23 7.95 -22.75
N PHE C 254 -13.06 6.85 -22.01
CA PHE C 254 -14.10 5.84 -21.91
C PHE C 254 -15.09 6.32 -20.90
N GLU C 255 -16.32 5.81 -21.04
CA GLU C 255 -17.37 6.10 -20.09
C GLU C 255 -17.11 5.19 -18.89
N PRO C 256 -16.99 5.71 -17.65
CA PRO C 256 -16.81 4.82 -16.50
C PRO C 256 -17.80 3.67 -16.49
N GLY C 257 -17.28 2.45 -16.34
CA GLY C 257 -18.04 1.21 -16.34
C GLY C 257 -17.83 0.41 -17.60
N SER C 258 -17.41 1.10 -18.68
CA SER C 258 -17.21 0.49 -19.99
C SER C 258 -15.87 -0.26 -20.13
N TYR C 259 -14.99 -0.23 -19.11
CA TYR C 259 -13.74 -0.96 -19.15
C TYR C 259 -13.39 -1.70 -17.84
N ALA C 260 -12.69 -2.85 -17.99
CA ALA C 260 -12.16 -3.67 -16.89
C ALA C 260 -10.66 -3.85 -17.09
N PHE C 261 -9.97 -4.27 -16.03
CA PHE C 261 -8.53 -4.56 -16.06
C PHE C 261 -8.32 -6.03 -15.77
N LEU C 262 -7.81 -6.75 -16.78
CA LEU C 262 -7.51 -8.16 -16.71
C LEU C 262 -6.05 -8.33 -16.31
N ILE C 263 -5.81 -9.37 -15.47
CA ILE C 263 -4.48 -9.70 -14.97
C ILE C 263 -4.30 -11.21 -14.89
N ASP C 264 -3.10 -11.68 -15.30
CA ASP C 264 -2.73 -13.10 -15.18
C ASP C 264 -2.18 -13.29 -13.78
N GLY C 265 -3.06 -13.57 -12.83
CA GLY C 265 -2.70 -13.64 -11.42
C GLY C 265 -1.75 -14.73 -10.99
N ILE C 266 -1.51 -15.79 -11.79
CA ILE C 266 -0.56 -16.84 -11.38
C ILE C 266 0.85 -16.45 -11.85
N THR C 267 1.00 -16.02 -13.12
CA THR C 267 2.29 -15.71 -13.71
C THR C 267 2.74 -14.28 -13.38
N ALA C 268 1.79 -13.30 -13.37
CA ALA C 268 2.09 -11.91 -12.99
C ALA C 268 2.23 -11.88 -11.47
N GLY C 269 1.36 -12.66 -10.81
CA GLY C 269 1.36 -12.87 -9.37
C GLY C 269 0.28 -12.14 -8.60
N TRP C 270 0.17 -12.49 -7.32
CA TRP C 270 -0.80 -11.93 -6.40
C TRP C 270 -0.54 -10.46 -6.04
N MET C 271 0.73 -10.01 -6.07
CA MET C 271 1.02 -8.59 -5.79
C MET C 271 0.37 -7.69 -6.86
N ALA C 272 0.40 -8.11 -8.14
CA ALA C 272 -0.21 -7.38 -9.26
C ALA C 272 -1.73 -7.30 -9.13
N VAL C 273 -2.36 -8.34 -8.55
CA VAL C 273 -3.80 -8.39 -8.34
C VAL C 273 -4.17 -7.36 -7.25
N GLN C 274 -3.45 -7.39 -6.12
CA GLN C 274 -3.69 -6.46 -5.02
C GLN C 274 -3.35 -5.02 -5.40
N THR C 275 -2.29 -4.81 -6.19
CA THR C 275 -1.92 -3.48 -6.67
C THR C 275 -3.10 -2.82 -7.39
N LEU C 276 -3.65 -3.54 -8.38
CA LEU C 276 -4.77 -3.09 -9.21
C LEU C 276 -6.02 -2.80 -8.37
N ARG C 277 -6.36 -3.68 -7.46
CA ARG C 277 -7.52 -3.54 -6.56
C ARG C 277 -7.40 -2.26 -5.76
N ARG C 278 -6.25 -2.08 -5.14
CA ARG C 278 -5.94 -0.91 -4.32
C ARG C 278 -5.85 0.40 -5.07
N ARG C 279 -5.23 0.40 -6.27
CA ARG C 279 -5.07 1.61 -7.09
C ARG C 279 -6.26 1.95 -7.97
N TYR C 280 -7.07 0.95 -8.33
CA TYR C 280 -8.25 1.11 -9.18
C TYR C 280 -9.40 0.33 -8.57
N PRO C 281 -9.86 0.76 -7.38
CA PRO C 281 -10.97 0.08 -6.70
C PRO C 281 -12.36 0.32 -7.32
N ASP C 282 -12.49 1.24 -8.30
CA ASP C 282 -13.75 1.55 -8.96
C ASP C 282 -13.78 1.02 -10.44
N VAL C 283 -12.86 0.07 -10.76
CA VAL C 283 -12.72 -0.60 -12.05
C VAL C 283 -12.79 -2.10 -11.75
N PHE C 284 -13.49 -2.87 -12.60
CA PHE C 284 -13.63 -4.33 -12.45
C PHE C 284 -12.27 -5.00 -12.66
N LEU C 285 -11.84 -5.80 -11.67
CA LEU C 285 -10.57 -6.53 -11.68
C LEU C 285 -10.82 -7.96 -12.12
N HIS C 286 -10.42 -8.25 -13.37
CA HIS C 286 -10.61 -9.54 -14.01
C HIS C 286 -9.37 -10.44 -13.82
N PHE C 287 -9.51 -11.46 -12.97
CA PHE C 287 -8.45 -12.41 -12.69
C PHE C 287 -8.43 -13.57 -13.74
N HIS C 288 -7.41 -13.57 -14.60
CA HIS C 288 -7.18 -14.65 -15.54
C HIS C 288 -6.17 -15.59 -14.85
N ARG C 289 -6.42 -16.93 -14.93
CA ARG C 289 -5.66 -17.95 -14.19
C ARG C 289 -4.70 -18.85 -15.04
N ALA C 290 -4.28 -18.42 -16.23
CA ALA C 290 -3.32 -19.19 -17.04
C ALA C 290 -2.12 -19.60 -16.16
N ALA C 291 -1.83 -20.93 -16.14
CA ALA C 291 -0.74 -21.65 -15.43
C ALA C 291 -1.16 -22.26 -14.08
N HIS C 292 -2.45 -22.16 -13.74
CA HIS C 292 -2.99 -22.73 -12.50
C HIS C 292 -3.06 -24.25 -12.52
N GLY C 293 -2.95 -24.87 -13.71
CA GLY C 293 -3.04 -26.32 -13.87
C GLY C 293 -2.05 -27.06 -13.01
N ALA C 294 -0.80 -26.55 -12.96
CA ALA C 294 0.26 -27.10 -12.12
C ALA C 294 -0.22 -27.34 -10.69
N PHE C 295 -0.98 -26.39 -10.13
CA PHE C 295 -1.52 -26.51 -8.77
C PHE C 295 -2.82 -27.30 -8.67
N THR C 296 -3.80 -26.98 -9.52
CA THR C 296 -5.19 -27.49 -9.43
C THR C 296 -5.54 -28.76 -10.17
N ARG C 297 -4.74 -29.17 -11.14
CA ARG C 297 -5.04 -30.30 -12.01
C ARG C 297 -5.12 -31.62 -11.23
N GLN C 298 -6.21 -32.37 -11.43
CA GLN C 298 -6.52 -33.65 -10.74
C GLN C 298 -5.37 -34.66 -10.78
N GLU C 299 -4.72 -34.74 -11.95
CA GLU C 299 -3.57 -35.61 -12.25
C GLU C 299 -2.34 -35.31 -11.39
N ASN C 300 -2.19 -34.05 -10.92
CA ASN C 300 -1.08 -33.62 -10.05
C ASN C 300 -1.40 -33.91 -8.55
N PRO C 301 -0.69 -34.86 -7.87
CA PRO C 301 -0.99 -35.11 -6.44
C PRO C 301 -0.65 -33.96 -5.48
N ILE C 302 0.32 -33.10 -5.85
CA ILE C 302 0.79 -31.97 -5.04
C ILE C 302 0.12 -30.66 -5.57
N GLY C 303 -0.39 -29.81 -4.69
CA GLY C 303 -0.98 -28.53 -5.08
C GLY C 303 -2.16 -28.06 -4.25
N PHE C 304 -3.11 -27.35 -4.89
CA PHE C 304 -4.35 -26.87 -4.26
C PHE C 304 -5.53 -26.96 -5.20
N SER C 305 -6.74 -26.98 -4.65
CA SER C 305 -7.96 -27.01 -5.47
C SER C 305 -8.34 -25.65 -6.04
N VAL C 306 -9.23 -25.70 -7.07
CA VAL C 306 -9.83 -24.53 -7.73
C VAL C 306 -10.68 -23.76 -6.67
N LEU C 307 -11.36 -24.48 -5.75
CA LEU C 307 -12.09 -23.84 -4.67
C LEU C 307 -11.10 -22.92 -3.90
N VAL C 308 -9.92 -23.45 -3.51
CA VAL C 308 -8.89 -22.67 -2.80
C VAL C 308 -8.44 -21.47 -3.68
N LEU C 309 -8.11 -21.70 -4.96
CA LEU C 309 -7.73 -20.59 -5.85
C LEU C 309 -8.80 -19.48 -5.92
N SER C 310 -10.06 -19.91 -6.01
CA SER C 310 -11.22 -19.06 -6.15
C SER C 310 -11.47 -18.23 -4.89
N LYS C 311 -11.44 -18.88 -3.71
CA LYS C 311 -11.63 -18.20 -2.43
C LYS C 311 -10.54 -17.13 -2.22
N PHE C 312 -9.25 -17.45 -2.50
CA PHE C 312 -8.15 -16.49 -2.35
C PHE C 312 -8.29 -15.31 -3.28
N ALA C 313 -8.86 -15.51 -4.47
CA ALA C 313 -9.10 -14.41 -5.41
C ALA C 313 -10.15 -13.45 -4.85
N ARG C 314 -11.25 -13.94 -4.25
CA ARG C 314 -12.25 -13.06 -3.63
C ARG C 314 -11.60 -12.28 -2.51
N LEU C 315 -10.84 -12.96 -1.64
CA LEU C 315 -10.12 -12.34 -0.51
C LEU C 315 -9.14 -11.23 -1.00
N ALA C 316 -8.39 -11.47 -2.07
CA ALA C 316 -7.47 -10.49 -2.68
C ALA C 316 -8.19 -9.25 -3.29
N GLY C 317 -9.47 -9.41 -3.64
CA GLY C 317 -10.33 -8.36 -4.16
C GLY C 317 -10.65 -8.38 -5.63
N ALA C 318 -10.50 -9.52 -6.29
CA ALA C 318 -10.84 -9.68 -7.70
C ALA C 318 -12.34 -9.57 -7.86
N SER C 319 -12.79 -8.82 -8.88
CA SER C 319 -14.20 -8.63 -9.15
C SER C 319 -14.71 -9.88 -9.81
N GLY C 320 -13.81 -10.58 -10.49
CA GLY C 320 -14.15 -11.86 -11.09
C GLY C 320 -12.94 -12.71 -11.42
N ILE C 321 -13.11 -14.04 -11.29
CA ILE C 321 -12.09 -15.03 -11.62
C ILE C 321 -12.69 -16.17 -12.42
N HIS C 322 -11.83 -16.80 -13.25
CA HIS C 322 -12.20 -17.95 -14.04
C HIS C 322 -12.30 -19.17 -13.16
N THR C 323 -13.40 -19.90 -13.30
CA THR C 323 -13.72 -21.12 -12.54
C THR C 323 -13.95 -22.37 -13.42
N GLY C 324 -13.81 -22.24 -14.74
CA GLY C 324 -14.01 -23.34 -15.68
C GLY C 324 -15.44 -23.66 -16.04
N THR C 325 -15.59 -24.56 -17.04
CA THR C 325 -16.88 -25.00 -17.59
C THR C 325 -17.41 -26.32 -17.00
N ALA C 326 -16.82 -26.84 -15.89
CA ALA C 326 -17.20 -28.14 -15.28
C ALA C 326 -16.99 -29.31 -16.27
N GLY C 327 -15.95 -29.17 -17.12
CA GLY C 327 -15.58 -30.17 -18.11
C GLY C 327 -16.39 -30.23 -19.37
N ILE C 328 -17.40 -29.35 -19.53
CA ILE C 328 -18.27 -29.27 -20.72
C ILE C 328 -17.44 -28.74 -21.90
N GLY C 329 -16.46 -27.89 -21.59
CA GLY C 329 -15.58 -27.28 -22.56
C GLY C 329 -14.28 -28.02 -22.78
N LYS C 330 -13.23 -27.29 -23.20
CA LYS C 330 -11.92 -27.89 -23.52
C LYS C 330 -10.99 -28.10 -22.34
N MET C 331 -11.35 -27.64 -21.12
CA MET C 331 -10.51 -27.74 -19.91
C MET C 331 -11.06 -28.75 -18.91
N LYS C 332 -10.16 -29.31 -18.11
CA LYS C 332 -10.45 -30.33 -17.09
C LYS C 332 -11.02 -29.62 -15.81
N GLY C 333 -12.17 -30.02 -15.25
CA GLY C 333 -12.98 -31.13 -15.72
C GLY C 333 -14.31 -31.47 -15.06
N THR C 334 -14.70 -31.01 -13.83
CA THR C 334 -16.00 -31.48 -13.28
C THR C 334 -16.88 -30.47 -12.52
N PRO C 335 -18.21 -30.75 -12.45
CA PRO C 335 -19.11 -29.91 -11.65
C PRO C 335 -18.76 -29.88 -10.17
N ALA C 336 -18.37 -31.03 -9.60
CA ALA C 336 -17.99 -31.14 -8.17
C ALA C 336 -16.85 -30.20 -7.77
N GLU C 337 -15.93 -29.90 -8.69
CA GLU C 337 -14.80 -29.01 -8.47
C GLU C 337 -15.13 -27.57 -8.88
N ASP C 338 -15.57 -27.41 -10.14
CA ASP C 338 -15.80 -26.11 -10.77
C ASP C 338 -17.04 -25.36 -10.28
N VAL C 339 -18.16 -26.07 -10.04
CA VAL C 339 -19.40 -25.42 -9.57
C VAL C 339 -19.31 -25.08 -8.09
N VAL C 340 -18.73 -25.96 -7.27
CA VAL C 340 -18.53 -25.71 -5.84
C VAL C 340 -17.70 -24.42 -5.64
N ALA C 341 -16.67 -24.23 -6.49
CA ALA C 341 -15.80 -23.05 -6.45
C ALA C 341 -16.58 -21.81 -6.86
N ALA C 342 -17.44 -21.92 -7.89
CA ALA C 342 -18.23 -20.78 -8.37
C ALA C 342 -19.22 -20.32 -7.31
N HIS C 343 -19.86 -21.26 -6.60
CA HIS C 343 -20.79 -20.91 -5.54
C HIS C 343 -20.10 -20.32 -4.30
N SER C 344 -18.78 -20.54 -4.13
CA SER C 344 -18.03 -19.99 -2.99
C SER C 344 -17.71 -18.53 -3.20
N ILE C 345 -17.51 -18.14 -4.46
CA ILE C 345 -17.21 -16.75 -4.83
C ILE C 345 -18.50 -15.94 -5.12
N GLN C 346 -19.58 -16.62 -5.57
CA GLN C 346 -20.86 -15.95 -5.85
C GLN C 346 -21.63 -15.61 -4.61
N TYR C 347 -21.91 -16.61 -3.77
CA TYR C 347 -22.77 -16.46 -2.61
C TYR C 347 -22.10 -15.99 -1.36
N LEU C 348 -22.94 -15.58 -0.42
CA LEU C 348 -22.56 -15.15 0.92
C LEU C 348 -22.29 -16.42 1.78
N LYS C 349 -23.09 -17.50 1.60
CA LYS C 349 -22.98 -18.78 2.31
C LYS C 349 -22.94 -19.95 1.30
N SER C 350 -21.95 -20.87 1.46
CA SER C 350 -21.69 -22.03 0.57
C SER C 350 -21.14 -23.25 1.39
N PRO C 351 -21.30 -24.51 0.91
CA PRO C 351 -20.97 -25.68 1.75
C PRO C 351 -19.50 -25.97 2.20
N GLY C 352 -18.41 -25.89 1.41
CA GLY C 352 -18.27 -25.80 -0.03
C GLY C 352 -17.76 -27.18 -0.44
N HIS C 353 -16.49 -27.55 -0.02
CA HIS C 353 -15.93 -28.92 -0.17
C HIS C 353 -15.93 -29.62 1.20
N PHE C 354 -15.30 -28.99 2.20
CA PHE C 354 -15.20 -29.47 3.58
C PHE C 354 -15.65 -28.44 4.65
N PHE C 355 -15.39 -27.14 4.42
CA PHE C 355 -15.70 -26.08 5.37
C PHE C 355 -16.81 -25.17 4.86
N GLU C 356 -17.91 -25.03 5.62
CA GLU C 356 -18.96 -24.09 5.28
C GLU C 356 -18.43 -22.69 5.51
N GLN C 357 -18.51 -21.85 4.47
CA GLN C 357 -18.05 -20.47 4.52
C GLN C 357 -19.19 -19.49 4.37
N THR C 358 -19.45 -18.75 5.45
CA THR C 358 -20.34 -17.61 5.46
C THR C 358 -19.32 -16.47 5.41
N TRP C 359 -19.31 -15.65 4.35
CA TRP C 359 -18.32 -14.57 4.17
C TRP C 359 -18.63 -13.27 4.96
N SER C 360 -19.16 -13.41 6.18
CA SER C 360 -19.49 -12.28 7.03
C SER C 360 -18.25 -11.85 7.81
N LYS C 361 -18.17 -10.53 8.10
CA LYS C 361 -17.12 -9.90 8.89
C LYS C 361 -17.63 -9.72 10.33
N ILE C 362 -18.91 -10.10 10.58
CA ILE C 362 -19.55 -10.11 11.89
C ILE C 362 -20.06 -11.54 12.12
N MET C 363 -20.62 -11.85 13.29
CA MET C 363 -21.10 -13.23 13.56
C MET C 363 -22.35 -13.61 12.75
N ASP C 364 -22.35 -14.88 12.28
CA ASP C 364 -23.40 -15.51 11.47
C ASP C 364 -24.78 -15.54 12.15
N THR C 365 -24.80 -15.51 13.49
CA THR C 365 -26.01 -15.57 14.28
C THR C 365 -26.75 -14.20 14.31
N ASP C 366 -26.11 -13.10 13.85
CA ASP C 366 -26.79 -11.80 13.84
C ASP C 366 -27.96 -11.92 12.87
N LYS C 367 -29.17 -11.56 13.31
CA LYS C 367 -30.36 -11.64 12.48
C LYS C 367 -30.16 -10.90 11.15
N ASP C 368 -29.33 -9.84 11.16
CA ASP C 368 -29.01 -9.06 9.96
C ASP C 368 -28.18 -9.88 8.94
N VAL C 369 -27.35 -10.85 9.41
CA VAL C 369 -26.58 -11.76 8.56
C VAL C 369 -27.51 -12.85 8.04
N ILE C 370 -28.41 -13.38 8.91
CA ILE C 370 -29.44 -14.35 8.51
C ILE C 370 -30.28 -13.74 7.34
N ASN C 371 -30.65 -12.43 7.43
CA ASN C 371 -31.39 -11.75 6.36
C ASN C 371 -30.54 -11.63 5.08
N LEU C 372 -29.30 -11.14 5.16
CA LEU C 372 -28.40 -11.03 4.00
C LEU C 372 -28.32 -12.33 3.18
N VAL C 373 -28.22 -13.49 3.87
CA VAL C 373 -28.16 -14.81 3.24
C VAL C 373 -29.48 -15.07 2.50
N ASN C 374 -30.62 -14.82 3.16
CA ASN C 374 -31.94 -15.04 2.57
C ASN C 374 -32.21 -14.10 1.41
N GLU C 375 -31.75 -12.84 1.51
CA GLU C 375 -31.88 -11.89 0.40
C GLU C 375 -30.97 -12.30 -0.76
N ASP C 376 -29.76 -12.82 -0.43
CA ASP C 376 -28.78 -13.31 -1.41
C ASP C 376 -29.32 -14.56 -2.15
N LEU C 377 -29.94 -15.50 -1.41
CA LEU C 377 -30.58 -16.69 -1.98
C LEU C 377 -31.72 -16.28 -2.94
N ALA C 378 -32.47 -15.24 -2.58
CA ALA C 378 -33.55 -14.68 -3.39
C ALA C 378 -33.07 -13.80 -4.58
N HIS C 379 -31.75 -13.80 -4.88
CA HIS C 379 -31.13 -13.08 -6.00
C HIS C 379 -31.33 -11.58 -5.94
N HIS C 380 -31.37 -11.02 -4.72
CA HIS C 380 -31.48 -9.58 -4.54
C HIS C 380 -30.08 -9.11 -4.27
N VAL C 381 -29.72 -7.95 -4.81
CA VAL C 381 -28.40 -7.41 -4.58
C VAL C 381 -28.31 -7.06 -3.10
N ILE C 382 -27.15 -7.33 -2.49
CA ILE C 382 -26.92 -7.01 -1.08
C ILE C 382 -25.61 -6.22 -0.93
N LEU C 383 -25.36 -5.69 0.28
CA LEU C 383 -24.15 -4.95 0.67
C LEU C 383 -23.95 -3.58 -0.03
N GLU C 384 -25.05 -2.95 -0.47
CA GLU C 384 -24.93 -1.61 -1.06
C GLU C 384 -24.76 -0.58 0.05
N ASP C 385 -25.54 -0.70 1.14
CA ASP C 385 -25.52 0.25 2.25
C ASP C 385 -24.92 -0.31 3.57
N ASP C 386 -24.56 -1.61 3.62
CA ASP C 386 -24.06 -2.28 4.81
C ASP C 386 -22.85 -3.14 4.51
N SER C 387 -21.93 -2.59 3.68
CA SER C 387 -20.69 -3.27 3.26
C SER C 387 -19.79 -3.76 4.43
N TRP C 388 -19.86 -3.13 5.62
CA TRP C 388 -19.10 -3.56 6.80
C TRP C 388 -19.40 -5.03 7.22
N ARG C 389 -20.59 -5.49 6.93
CA ARG C 389 -21.09 -6.79 7.37
C ARG C 389 -20.48 -7.98 6.72
N ALA C 390 -20.01 -7.86 5.48
CA ALA C 390 -19.52 -9.02 4.74
C ALA C 390 -18.72 -8.62 3.49
N MET C 391 -17.90 -9.57 2.98
CA MET C 391 -17.16 -9.38 1.72
C MET C 391 -18.09 -9.49 0.55
N LYS C 392 -17.88 -8.66 -0.45
CA LYS C 392 -18.69 -8.67 -1.65
C LYS C 392 -18.39 -9.91 -2.52
N LYS C 393 -19.32 -10.27 -3.42
CA LYS C 393 -19.16 -11.41 -4.31
C LYS C 393 -18.05 -11.17 -5.34
N CYS C 394 -17.48 -12.27 -5.81
CA CYS C 394 -16.45 -12.28 -6.85
C CYS C 394 -17.08 -13.16 -7.95
N CYS C 395 -17.11 -12.65 -9.17
CA CYS C 395 -17.86 -13.25 -10.26
C CYS C 395 -17.19 -14.40 -11.00
N PRO C 396 -17.89 -15.55 -11.18
CA PRO C 396 -17.34 -16.61 -12.02
C PRO C 396 -17.28 -16.19 -13.49
N ILE C 397 -16.12 -16.41 -14.16
CA ILE C 397 -15.93 -16.17 -15.59
C ILE C 397 -15.86 -17.58 -16.21
N VAL C 398 -16.90 -17.98 -16.97
CA VAL C 398 -17.05 -19.32 -17.52
C VAL C 398 -16.61 -19.31 -18.99
N SER C 399 -15.38 -19.77 -19.24
CA SER C 399 -14.76 -19.75 -20.55
C SER C 399 -14.02 -21.06 -20.80
N GLY C 400 -13.67 -21.32 -22.07
CA GLY C 400 -12.87 -22.46 -22.51
C GLY C 400 -13.57 -23.51 -23.36
N GLY C 401 -13.48 -23.36 -24.69
CA GLY C 401 -14.06 -24.28 -25.64
C GLY C 401 -15.58 -24.37 -25.59
N LEU C 402 -16.27 -23.23 -25.63
CA LEU C 402 -17.73 -23.18 -25.57
C LEU C 402 -18.30 -22.66 -26.86
N ASN C 403 -19.59 -22.89 -27.03
CA ASN C 403 -20.35 -22.44 -28.17
C ASN C 403 -21.80 -22.39 -27.71
N PRO C 404 -22.69 -21.68 -28.45
CA PRO C 404 -24.10 -21.55 -28.00
C PRO C 404 -24.84 -22.84 -27.67
N VAL C 405 -24.42 -23.99 -28.24
CA VAL C 405 -25.04 -25.27 -27.97
C VAL C 405 -24.73 -25.76 -26.54
N LYS C 406 -23.55 -25.38 -26.00
CA LYS C 406 -23.15 -25.74 -24.64
C LYS C 406 -23.68 -24.79 -23.53
N LEU C 407 -24.29 -23.63 -23.90
CA LEU C 407 -24.80 -22.67 -22.92
C LEU C 407 -25.75 -23.30 -21.88
N LYS C 408 -26.88 -23.90 -22.32
CA LYS C 408 -27.83 -24.53 -21.40
C LYS C 408 -27.18 -25.64 -20.52
N PRO C 409 -26.50 -26.65 -21.10
CA PRO C 409 -25.91 -27.71 -20.23
C PRO C 409 -24.97 -27.19 -19.14
N PHE C 410 -24.31 -26.00 -19.35
CA PHE C 410 -23.50 -25.39 -18.31
C PHE C 410 -24.42 -24.76 -17.25
N ILE C 411 -25.42 -23.93 -17.68
CA ILE C 411 -26.40 -23.30 -16.77
C ILE C 411 -27.11 -24.38 -15.90
N ASP C 412 -27.28 -25.61 -16.44
CA ASP C 412 -27.92 -26.69 -15.70
C ASP C 412 -27.08 -27.13 -14.53
N VAL C 413 -25.78 -27.38 -14.78
CA VAL C 413 -24.84 -27.77 -13.71
C VAL C 413 -24.52 -26.60 -12.78
N MET C 414 -24.53 -25.35 -13.31
CA MET C 414 -24.29 -24.14 -12.50
C MET C 414 -25.44 -23.85 -11.51
N GLU C 415 -26.68 -24.13 -11.94
CA GLU C 415 -27.91 -23.92 -11.18
C GLU C 415 -28.26 -22.43 -10.96
N ASN C 416 -27.71 -21.52 -11.82
CA ASN C 416 -28.00 -20.08 -11.80
C ASN C 416 -27.42 -19.38 -13.03
N VAL C 417 -27.58 -18.04 -13.14
CA VAL C 417 -27.07 -17.25 -14.26
C VAL C 417 -26.18 -16.06 -13.80
N ASP C 418 -25.76 -15.98 -12.52
CA ASP C 418 -24.93 -14.85 -12.06
C ASP C 418 -23.46 -15.10 -12.43
N PHE C 419 -23.12 -14.95 -13.71
CA PHE C 419 -21.75 -15.17 -14.20
C PHE C 419 -21.54 -14.56 -15.57
N ILE C 420 -20.26 -14.44 -15.95
CA ILE C 420 -19.85 -13.94 -17.26
C ILE C 420 -19.45 -15.19 -18.09
N THR C 421 -19.76 -15.21 -19.40
CA THR C 421 -19.37 -16.30 -20.28
C THR C 421 -18.64 -15.73 -21.43
N THR C 422 -17.50 -16.31 -21.79
CA THR C 422 -16.73 -15.82 -22.91
C THR C 422 -16.53 -16.95 -23.90
N MET C 423 -16.86 -16.71 -25.19
CA MET C 423 -16.72 -17.69 -26.25
C MET C 423 -15.96 -17.10 -27.40
N GLY C 424 -14.74 -17.57 -27.63
CA GLY C 424 -13.85 -17.11 -28.70
C GLY C 424 -14.03 -17.94 -29.95
N SER C 425 -13.81 -19.26 -29.82
CA SER C 425 -13.98 -20.20 -30.93
C SER C 425 -15.47 -20.36 -31.23
N GLY C 426 -16.31 -20.41 -30.20
CA GLY C 426 -17.76 -20.53 -30.37
C GLY C 426 -18.46 -19.32 -30.96
N VAL C 427 -17.71 -18.28 -31.37
CA VAL C 427 -18.22 -17.07 -32.00
C VAL C 427 -17.49 -16.80 -33.33
N HIS C 428 -16.17 -16.58 -33.30
CA HIS C 428 -15.39 -16.24 -34.51
C HIS C 428 -15.27 -17.39 -35.54
N SER C 429 -15.51 -18.63 -35.11
CA SER C 429 -15.50 -19.77 -36.03
C SER C 429 -16.89 -20.00 -36.69
N HIS C 430 -17.95 -19.25 -36.26
CA HIS C 430 -19.29 -19.38 -36.83
C HIS C 430 -19.22 -19.17 -38.36
N PRO C 431 -19.95 -20.01 -39.14
CA PRO C 431 -19.92 -19.86 -40.60
C PRO C 431 -20.11 -18.41 -41.09
N GLY C 432 -21.02 -17.69 -40.45
CA GLY C 432 -21.33 -16.30 -40.79
C GLY C 432 -20.30 -15.27 -40.34
N GLY C 433 -19.62 -15.54 -39.23
CA GLY C 433 -18.59 -14.67 -38.67
C GLY C 433 -18.85 -14.25 -37.25
N THR C 434 -18.09 -13.26 -36.77
CA THR C 434 -18.19 -12.76 -35.40
C THR C 434 -19.62 -12.30 -35.07
N GLN C 435 -20.21 -11.46 -35.95
CA GLN C 435 -21.57 -10.93 -35.76
C GLN C 435 -22.59 -12.04 -35.66
N SER C 436 -22.54 -13.01 -36.57
CA SER C 436 -23.44 -14.16 -36.57
C SER C 436 -23.21 -15.05 -35.34
N GLY C 437 -21.93 -15.26 -34.98
CA GLY C 437 -21.57 -16.00 -33.77
C GLY C 437 -22.08 -15.33 -32.50
N ALA C 438 -22.05 -13.98 -32.48
CA ALA C 438 -22.58 -13.17 -31.39
C ALA C 438 -24.11 -13.33 -31.35
N LYS C 439 -24.80 -13.09 -32.49
CA LYS C 439 -26.25 -13.28 -32.61
C LYS C 439 -26.68 -14.69 -32.16
N ALA C 440 -25.92 -15.73 -32.58
CA ALA C 440 -26.20 -17.13 -32.23
C ALA C 440 -26.19 -17.34 -30.73
N LEU C 441 -25.17 -16.75 -30.03
CA LEU C 441 -25.02 -16.81 -28.57
C LEU C 441 -26.16 -16.08 -27.86
N VAL C 442 -26.54 -14.92 -28.40
CA VAL C 442 -27.64 -14.11 -27.88
C VAL C 442 -28.95 -14.91 -28.00
N GLN C 443 -29.20 -15.45 -29.21
CA GLN C 443 -30.39 -16.25 -29.51
C GLN C 443 -30.49 -17.48 -28.60
N ALA C 444 -29.38 -18.20 -28.39
CA ALA C 444 -29.32 -19.38 -27.51
C ALA C 444 -29.65 -19.06 -26.06
N CYS C 445 -29.28 -17.84 -25.62
CA CYS C 445 -29.54 -17.38 -24.25
C CYS C 445 -31.03 -17.10 -24.14
N ASP C 446 -31.56 -16.33 -25.12
CA ASP C 446 -32.99 -16.04 -25.24
C ASP C 446 -33.81 -17.35 -25.23
N ALA C 447 -33.31 -18.42 -25.91
CA ALA C 447 -33.94 -19.75 -25.90
C ALA C 447 -34.05 -20.32 -24.48
N TYR C 448 -32.94 -20.30 -23.70
CA TYR C 448 -32.95 -20.79 -22.30
C TYR C 448 -33.96 -20.03 -21.42
N LEU C 449 -33.93 -18.70 -21.52
CA LEU C 449 -34.77 -17.81 -20.72
C LEU C 449 -36.24 -18.01 -21.00
N GLN C 450 -36.58 -18.29 -22.27
CA GLN C 450 -37.95 -18.59 -22.70
C GLN C 450 -38.35 -20.07 -22.46
N GLY C 451 -37.49 -20.85 -21.77
CA GLY C 451 -37.73 -22.26 -21.45
C GLY C 451 -38.00 -23.11 -22.67
N MET C 452 -37.23 -22.86 -23.72
CA MET C 452 -37.38 -23.48 -25.03
C MET C 452 -36.06 -24.08 -25.52
N ASP C 453 -36.12 -25.27 -26.16
CA ASP C 453 -34.95 -25.95 -26.74
C ASP C 453 -34.39 -25.10 -27.90
N ILE C 454 -33.07 -25.08 -28.08
CA ILE C 454 -32.42 -24.26 -29.12
C ILE C 454 -32.86 -24.62 -30.56
N GLU C 455 -33.10 -25.91 -30.86
CA GLU C 455 -33.57 -26.34 -32.20
C GLU C 455 -34.96 -25.77 -32.47
N GLU C 456 -35.81 -25.68 -31.43
CA GLU C 456 -37.14 -25.07 -31.53
C GLU C 456 -36.97 -23.55 -31.75
N TYR C 457 -36.11 -22.89 -30.94
CA TYR C 457 -35.86 -21.45 -31.07
C TYR C 457 -35.22 -21.11 -32.42
N ALA C 458 -34.40 -22.02 -32.97
CA ALA C 458 -33.72 -21.84 -34.26
C ALA C 458 -34.66 -21.86 -35.48
N LYS C 459 -35.95 -22.26 -35.29
CA LYS C 459 -36.97 -22.23 -36.36
C LYS C 459 -37.03 -20.82 -37.02
N ASP C 460 -37.05 -19.76 -36.18
CA ASP C 460 -37.12 -18.35 -36.65
C ASP C 460 -35.77 -17.62 -36.64
N HIS C 461 -34.70 -18.26 -36.11
CA HIS C 461 -33.39 -17.65 -35.91
C HIS C 461 -32.25 -18.39 -36.62
N LYS C 462 -31.84 -17.85 -37.78
CA LYS C 462 -30.80 -18.41 -38.66
C LYS C 462 -29.46 -18.66 -37.98
N GLU C 463 -28.94 -17.67 -37.27
CA GLU C 463 -27.60 -17.77 -36.67
C GLU C 463 -27.49 -18.89 -35.64
N LEU C 464 -28.54 -19.09 -34.81
CA LEU C 464 -28.60 -20.20 -33.87
C LEU C 464 -28.70 -21.54 -34.64
N ALA C 465 -29.33 -21.53 -35.83
CA ALA C 465 -29.45 -22.73 -36.67
C ALA C 465 -28.12 -23.05 -37.33
N GLU C 466 -27.51 -22.04 -37.98
CA GLU C 466 -26.19 -22.14 -38.61
C GLU C 466 -25.15 -22.67 -37.60
N ALA C 467 -25.38 -22.44 -36.28
CA ALA C 467 -24.51 -22.86 -35.18
C ALA C 467 -24.84 -24.28 -34.68
N ILE C 468 -26.13 -24.69 -34.68
CA ILE C 468 -26.50 -26.05 -34.30
C ILE C 468 -25.74 -27.04 -35.24
N GLU C 469 -25.83 -26.84 -36.57
CA GLU C 469 -24.98 -27.54 -37.56
C GLU C 469 -23.64 -26.80 -37.44
N PHE C 470 -22.50 -27.48 -37.56
CA PHE C 470 -21.13 -26.90 -37.42
C PHE C 470 -20.56 -27.34 -36.10
N TYR C 471 -21.23 -26.95 -35.00
CA TYR C 471 -20.83 -27.36 -33.65
C TYR C 471 -21.38 -28.78 -33.32
N LEU C 472 -22.19 -29.40 -34.24
CA LEU C 472 -22.69 -30.77 -34.10
C LEU C 472 -22.58 -31.53 -35.44
N MET D 1 11.04 -39.87 -44.54
CA MET D 1 10.48 -39.45 -43.25
C MET D 1 10.38 -40.63 -42.24
N SER D 2 9.53 -41.65 -42.57
CA SER D 2 9.16 -42.87 -41.81
C SER D 2 7.67 -43.07 -42.03
N LEU D 3 7.21 -44.30 -42.20
CA LEU D 3 5.79 -44.55 -42.44
C LEU D 3 4.90 -44.20 -41.23
N ILE D 4 5.42 -44.36 -40.00
CA ILE D 4 4.66 -44.04 -38.77
C ILE D 4 4.41 -42.52 -38.71
N TYR D 5 5.49 -41.73 -38.89
CA TYR D 5 5.48 -40.26 -38.92
C TYR D 5 4.57 -39.73 -40.04
N GLU D 6 4.74 -40.24 -41.26
CA GLU D 6 3.89 -39.88 -42.42
C GLU D 6 2.39 -40.12 -42.17
N ASP D 7 2.00 -41.25 -41.55
CA ASP D 7 0.59 -41.53 -41.26
C ASP D 7 0.02 -40.55 -40.21
N LEU D 8 0.86 -40.12 -39.23
CA LEU D 8 0.47 -39.12 -38.22
C LEU D 8 0.25 -37.74 -38.87
N VAL D 9 1.07 -37.38 -39.88
CA VAL D 9 0.93 -36.12 -40.62
C VAL D 9 -0.37 -36.15 -41.46
N LYS D 10 -0.71 -37.30 -42.06
CA LYS D 10 -1.93 -37.48 -42.86
C LYS D 10 -3.19 -37.36 -42.00
N SER D 11 -3.09 -37.71 -40.71
CA SER D 11 -4.22 -37.67 -39.77
C SER D 11 -4.63 -36.26 -39.34
N LEU D 12 -3.77 -35.25 -39.56
CA LEU D 12 -4.03 -33.88 -39.13
C LEU D 12 -5.12 -33.20 -39.91
N ASP D 13 -5.89 -32.32 -39.24
CA ASP D 13 -6.93 -31.50 -39.88
C ASP D 13 -6.29 -30.22 -40.47
N SER D 14 -7.08 -29.35 -41.12
CA SER D 14 -6.55 -28.12 -41.71
C SER D 14 -5.89 -27.15 -40.71
N LYS D 15 -6.41 -27.11 -39.48
CA LYS D 15 -5.90 -26.19 -38.46
C LYS D 15 -4.66 -26.79 -37.73
N GLN D 16 -4.64 -28.12 -37.44
CA GLN D 16 -3.51 -28.80 -36.82
C GLN D 16 -2.28 -28.71 -37.73
N GLN D 17 -2.48 -28.91 -39.05
CA GLN D 17 -1.45 -28.79 -40.10
C GLN D 17 -0.64 -27.48 -40.00
N ALA D 18 -1.32 -26.39 -39.64
CA ALA D 18 -0.75 -25.05 -39.53
C ALA D 18 0.18 -24.86 -38.33
N TYR D 19 0.14 -25.81 -37.38
CA TYR D 19 0.97 -25.81 -36.17
C TYR D 19 1.98 -26.98 -36.18
N VAL D 20 2.32 -27.51 -37.37
CA VAL D 20 3.29 -28.59 -37.54
C VAL D 20 4.19 -28.29 -38.76
N ASP D 21 5.50 -28.42 -38.55
CA ASP D 21 6.52 -28.35 -39.60
C ASP D 21 7.69 -29.23 -39.18
N LEU D 22 7.51 -30.56 -39.34
CA LEU D 22 8.55 -31.56 -39.02
C LEU D 22 9.81 -31.39 -39.90
N LYS D 23 9.67 -30.69 -41.05
CA LYS D 23 10.73 -30.33 -41.99
C LYS D 23 11.23 -28.86 -41.78
N LEU D 24 10.92 -28.20 -40.59
CA LEU D 24 11.37 -26.84 -40.26
C LEU D 24 12.89 -26.72 -40.52
N PRO D 25 13.30 -25.90 -41.51
CA PRO D 25 14.72 -25.85 -41.91
C PRO D 25 15.79 -25.61 -40.86
N ASP D 26 15.67 -24.53 -40.06
CA ASP D 26 16.69 -24.16 -39.07
C ASP D 26 16.03 -23.56 -37.82
N PRO D 27 15.69 -24.39 -36.81
CA PRO D 27 15.11 -23.84 -35.56
C PRO D 27 16.04 -22.89 -34.79
N THR D 28 17.36 -23.03 -34.96
CA THR D 28 18.36 -22.17 -34.30
C THR D 28 18.71 -20.91 -35.12
N ASN D 29 17.86 -20.55 -36.11
CA ASN D 29 18.08 -19.33 -36.92
C ASN D 29 17.89 -18.02 -36.16
N GLY D 30 17.30 -18.08 -34.95
CA GLY D 30 17.07 -16.92 -34.09
C GLY D 30 15.64 -16.43 -34.07
N GLU D 31 14.76 -17.02 -34.93
CA GLU D 31 13.36 -16.63 -35.02
C GLU D 31 12.53 -17.21 -33.90
N PHE D 32 13.01 -18.30 -33.28
CA PHE D 32 12.23 -19.04 -32.30
C PHE D 32 12.84 -19.24 -30.93
N LEU D 33 11.95 -19.54 -30.02
CA LEU D 33 12.24 -19.93 -28.66
C LEU D 33 11.91 -21.42 -28.75
N LEU D 34 12.93 -22.30 -28.62
CA LEU D 34 12.69 -23.74 -28.74
C LEU D 34 12.31 -24.27 -27.38
N ALA D 35 11.42 -25.28 -27.34
CA ALA D 35 10.90 -25.82 -26.09
C ALA D 35 10.68 -27.33 -26.17
N VAL D 36 11.00 -28.10 -25.08
CA VAL D 36 10.72 -29.54 -25.02
C VAL D 36 9.72 -29.74 -23.94
N PHE D 37 8.72 -30.59 -24.20
CA PHE D 37 7.70 -30.97 -23.24
C PHE D 37 7.63 -32.46 -23.15
N HIS D 38 7.33 -32.99 -21.99
CA HIS D 38 7.00 -34.40 -21.84
C HIS D 38 5.47 -34.37 -21.92
N MET D 39 4.89 -34.77 -23.07
CA MET D 39 3.43 -34.73 -23.26
C MET D 39 2.82 -36.13 -23.41
N ILE D 40 1.63 -36.34 -22.85
CA ILE D 40 0.90 -37.61 -22.96
C ILE D 40 -0.56 -37.31 -23.28
N PRO D 41 -1.05 -37.66 -24.49
CA PRO D 41 -2.47 -37.44 -24.81
C PRO D 41 -3.49 -38.04 -23.85
N GLY D 42 -4.64 -37.38 -23.76
CA GLY D 42 -5.72 -37.72 -22.84
C GLY D 42 -6.94 -38.22 -23.57
N GLY D 43 -6.71 -39.18 -24.47
CA GLY D 43 -7.75 -39.80 -25.27
C GLY D 43 -8.14 -38.95 -26.46
N ASP D 44 -8.74 -39.61 -27.46
CA ASP D 44 -9.20 -39.08 -28.76
C ASP D 44 -8.06 -38.68 -29.69
N LEU D 45 -7.35 -37.61 -29.39
CA LEU D 45 -6.28 -37.15 -30.29
C LEU D 45 -5.00 -38.00 -30.20
N ASN D 46 -4.33 -38.17 -31.35
CA ASN D 46 -3.04 -38.84 -31.41
C ASN D 46 -1.94 -37.88 -30.95
N VAL D 47 -0.70 -38.36 -30.83
CA VAL D 47 0.40 -37.52 -30.38
C VAL D 47 0.63 -36.26 -31.23
N LEU D 48 0.63 -36.38 -32.56
CA LEU D 48 0.92 -35.21 -33.40
C LEU D 48 -0.26 -34.24 -33.37
N GLN D 49 -1.49 -34.78 -33.30
CA GLN D 49 -2.70 -33.97 -33.19
C GLN D 49 -2.69 -33.24 -31.86
N ALA D 50 -2.50 -33.98 -30.76
CA ALA D 50 -2.44 -33.39 -29.43
C ALA D 50 -1.32 -32.32 -29.36
N ALA D 51 -0.13 -32.64 -29.90
CA ALA D 51 1.00 -31.71 -29.92
C ALA D 51 0.69 -30.44 -30.67
N ALA D 52 -0.07 -30.54 -31.78
CA ALA D 52 -0.47 -29.40 -32.60
C ALA D 52 -1.48 -28.53 -31.83
N GLU D 53 -2.40 -29.16 -31.06
CA GLU D 53 -3.35 -28.42 -30.21
C GLU D 53 -2.60 -27.71 -29.11
N ILE D 54 -1.56 -28.34 -28.55
CA ILE D 54 -0.74 -27.69 -27.52
C ILE D 54 -0.07 -26.48 -28.17
N ALA D 55 0.54 -26.67 -29.36
CA ALA D 55 1.14 -25.58 -30.11
C ALA D 55 0.13 -24.43 -30.46
N ALA D 56 -1.09 -24.77 -30.91
CA ALA D 56 -2.11 -23.79 -31.29
C ALA D 56 -2.57 -22.92 -30.11
N GLU D 57 -2.91 -23.59 -29.01
CA GLU D 57 -3.43 -22.98 -27.80
C GLU D 57 -2.35 -22.22 -27.02
N SER D 58 -1.09 -22.54 -27.30
CA SER D 58 0.08 -21.93 -26.69
C SER D 58 0.63 -20.79 -27.57
N SER D 59 -0.09 -20.37 -28.65
CA SER D 59 0.44 -19.31 -29.50
C SER D 59 -0.63 -18.45 -30.18
N THR D 60 -1.17 -18.87 -31.34
CA THR D 60 -2.09 -18.05 -32.13
C THR D 60 -3.47 -18.67 -32.39
N GLY D 61 -3.72 -19.88 -31.92
CA GLY D 61 -4.96 -20.59 -32.25
C GLY D 61 -5.90 -20.88 -31.12
N THR D 62 -6.93 -21.69 -31.45
CA THR D 62 -7.96 -22.14 -30.51
C THR D 62 -8.50 -23.51 -30.99
N ASN D 63 -9.40 -24.15 -30.22
CA ASN D 63 -9.91 -25.48 -30.56
C ASN D 63 -10.66 -25.59 -31.93
N ILE D 64 -11.01 -24.46 -32.59
CA ILE D 64 -11.61 -24.42 -33.93
C ILE D 64 -10.96 -23.27 -34.74
N LYS D 65 -10.74 -23.50 -36.04
CA LYS D 65 -10.18 -22.50 -36.97
C LYS D 65 -11.19 -21.33 -37.06
N VAL D 66 -10.70 -20.09 -36.92
CA VAL D 66 -11.56 -18.91 -36.90
C VAL D 66 -11.59 -18.21 -38.26
N SER D 67 -12.68 -17.46 -38.50
CA SER D 67 -12.91 -16.67 -39.71
C SER D 67 -12.09 -15.37 -39.69
N THR D 68 -11.57 -15.03 -38.49
CA THR D 68 -10.75 -13.86 -38.21
C THR D 68 -9.25 -14.16 -38.42
N GLU D 69 -8.90 -15.42 -38.76
CA GLU D 69 -7.51 -15.81 -38.98
C GLU D 69 -6.98 -15.11 -40.23
N THR D 70 -5.79 -14.51 -40.14
CA THR D 70 -5.12 -13.83 -41.26
C THR D 70 -3.86 -14.58 -41.68
N ALA D 71 -3.31 -14.24 -42.86
CA ALA D 71 -2.07 -14.86 -43.36
C ALA D 71 -0.89 -14.40 -42.49
N PHE D 72 -0.88 -13.12 -42.08
CA PHE D 72 0.15 -12.57 -41.20
C PHE D 72 0.12 -13.28 -39.84
N SER D 73 -1.08 -13.58 -39.30
CA SER D 73 -1.21 -14.26 -38.01
C SER D 73 -0.59 -15.64 -38.09
N ARG D 74 -0.74 -16.32 -39.26
CA ARG D 74 -0.24 -17.67 -39.53
C ARG D 74 1.30 -17.71 -39.40
N THR D 75 1.99 -16.61 -39.78
CA THR D 75 3.44 -16.52 -39.69
C THR D 75 3.97 -16.64 -38.26
N MET D 76 3.10 -16.49 -37.24
CA MET D 76 3.51 -16.54 -35.85
C MET D 76 2.95 -17.71 -35.08
N ASN D 77 2.49 -18.73 -35.81
CA ASN D 77 1.99 -19.96 -35.23
C ASN D 77 3.14 -20.71 -34.59
N ALA D 78 2.92 -21.37 -33.44
CA ALA D 78 3.95 -22.21 -32.84
C ALA D 78 3.98 -23.46 -33.71
N ARG D 79 5.17 -23.98 -34.01
CA ARG D 79 5.29 -25.14 -34.89
C ARG D 79 5.91 -26.34 -34.15
N VAL D 80 5.21 -27.49 -34.14
CA VAL D 80 5.77 -28.76 -33.63
C VAL D 80 6.79 -29.18 -34.71
N TYR D 81 8.08 -29.37 -34.36
CA TYR D 81 9.09 -29.71 -35.39
C TYR D 81 9.88 -31.04 -35.15
N GLN D 82 9.71 -31.68 -34.00
CA GLN D 82 10.39 -32.92 -33.65
C GLN D 82 9.58 -33.66 -32.58
N LEU D 83 9.71 -34.98 -32.54
CA LEU D 83 9.04 -35.82 -31.54
C LEU D 83 9.94 -36.97 -31.15
N ASP D 84 9.73 -37.50 -29.95
CA ASP D 84 10.35 -38.72 -29.46
C ASP D 84 9.16 -39.54 -28.99
N LEU D 85 8.80 -40.56 -29.77
CA LEU D 85 7.62 -41.37 -29.47
C LEU D 85 7.86 -42.40 -28.38
N GLU D 86 9.15 -42.67 -28.05
CA GLU D 86 9.51 -43.61 -26.99
C GLU D 86 9.35 -42.92 -25.64
N ARG D 87 10.13 -41.82 -25.45
CA ARG D 87 10.20 -41.02 -24.23
C ARG D 87 9.01 -40.09 -24.02
N GLU D 88 8.21 -39.85 -25.09
CA GLU D 88 7.02 -39.01 -25.09
C GLU D 88 7.37 -37.53 -24.98
N LEU D 89 8.31 -37.08 -25.83
CA LEU D 89 8.77 -35.71 -25.88
C LEU D 89 8.32 -35.04 -27.17
N VAL D 90 8.07 -33.71 -27.11
CA VAL D 90 7.62 -32.90 -28.24
C VAL D 90 8.46 -31.63 -28.24
N TRP D 91 8.99 -31.27 -29.41
CA TRP D 91 9.77 -30.06 -29.58
C TRP D 91 8.91 -29.05 -30.31
N ILE D 92 8.72 -27.86 -29.71
CA ILE D 92 7.90 -26.79 -30.27
C ILE D 92 8.72 -25.53 -30.46
N ALA D 93 8.58 -24.93 -31.64
CA ALA D 93 9.25 -23.72 -32.04
C ALA D 93 8.26 -22.58 -31.84
N TYR D 94 8.58 -21.65 -30.93
CA TYR D 94 7.72 -20.50 -30.63
C TYR D 94 8.32 -19.26 -31.22
N PRO D 95 7.75 -18.65 -32.29
CA PRO D 95 8.31 -17.38 -32.79
C PRO D 95 8.31 -16.34 -31.66
N TRP D 96 9.48 -15.73 -31.36
CA TRP D 96 9.50 -14.81 -30.22
C TRP D 96 8.81 -13.45 -30.49
N ARG D 97 8.44 -13.13 -31.76
CA ARG D 97 7.58 -11.94 -32.02
C ARG D 97 6.24 -12.11 -31.25
N LEU D 98 5.88 -13.36 -30.84
CA LEU D 98 4.71 -13.65 -30.01
C LEU D 98 4.73 -12.90 -28.69
N PHE D 99 5.93 -12.79 -28.09
CA PHE D 99 6.10 -12.25 -26.76
C PHE D 99 6.04 -10.71 -26.70
N ASP D 100 5.40 -10.22 -25.62
CA ASP D 100 5.19 -8.81 -25.33
C ASP D 100 6.55 -8.13 -25.19
N ARG D 101 6.65 -6.94 -25.77
CA ARG D 101 7.89 -6.19 -25.76
C ARG D 101 8.22 -5.57 -24.39
N GLY D 102 9.48 -5.20 -24.24
CA GLY D 102 10.02 -4.67 -23.00
C GLY D 102 10.35 -5.73 -21.97
N GLY D 103 10.91 -6.85 -22.41
CA GLY D 103 11.37 -7.94 -21.56
C GLY D 103 10.38 -8.56 -20.61
N ASN D 104 9.12 -8.64 -21.02
CA ASN D 104 8.06 -9.19 -20.18
C ASN D 104 8.14 -10.73 -20.08
N VAL D 105 8.62 -11.24 -18.93
CA VAL D 105 8.77 -12.67 -18.65
C VAL D 105 7.42 -13.34 -18.33
N GLN D 106 6.54 -12.71 -17.55
CA GLN D 106 5.26 -13.36 -17.24
C GLN D 106 4.43 -13.67 -18.51
N ASN D 107 4.62 -12.90 -19.59
CA ASN D 107 3.90 -13.09 -20.83
C ASN D 107 4.37 -14.31 -21.57
N ILE D 108 5.70 -14.58 -21.52
CA ILE D 108 6.28 -15.79 -22.12
C ILE D 108 5.63 -16.98 -21.45
N LEU D 109 5.64 -16.97 -20.11
CA LEU D 109 5.10 -18.08 -19.33
C LEU D 109 3.60 -18.25 -19.51
N THR D 110 2.86 -17.18 -19.77
CA THR D 110 1.41 -17.29 -20.03
C THR D 110 1.13 -18.12 -21.31
N TYR D 111 2.08 -18.12 -22.27
CA TYR D 111 1.97 -18.91 -23.49
C TYR D 111 2.43 -20.38 -23.26
N ILE D 112 3.75 -20.56 -22.97
CA ILE D 112 4.41 -21.87 -22.93
C ILE D 112 4.07 -22.74 -21.69
N ILE D 113 3.53 -22.18 -20.59
CA ILE D 113 3.11 -22.99 -19.42
C ILE D 113 1.77 -22.53 -18.85
N GLY D 114 0.96 -21.85 -19.66
CA GLY D 114 -0.30 -21.27 -19.22
C GLY D 114 -1.55 -22.12 -19.29
N ASN D 115 -2.42 -21.76 -20.24
CA ASN D 115 -3.74 -22.41 -20.40
C ASN D 115 -3.62 -23.85 -20.79
N ILE D 116 -2.55 -24.19 -21.56
CA ILE D 116 -2.27 -25.56 -22.02
C ILE D 116 -2.23 -26.58 -20.92
N LEU D 117 -1.81 -26.17 -19.70
CA LEU D 117 -1.74 -27.02 -18.52
C LEU D 117 -3.09 -27.49 -18.04
N GLY D 118 -4.17 -26.80 -18.42
CA GLY D 118 -5.52 -27.15 -18.03
C GLY D 118 -6.31 -27.98 -19.02
N MET D 119 -5.79 -28.13 -20.25
CA MET D 119 -6.44 -28.84 -21.35
C MET D 119 -6.75 -30.34 -21.06
N LYS D 120 -8.00 -30.79 -21.36
CA LYS D 120 -8.45 -32.18 -21.17
C LYS D 120 -7.70 -33.17 -22.06
N GLU D 121 -7.30 -32.71 -23.26
CA GLU D 121 -6.63 -33.55 -24.25
C GLU D 121 -5.23 -34.06 -23.85
N ILE D 122 -4.72 -33.76 -22.64
CA ILE D 122 -3.43 -34.26 -22.16
C ILE D 122 -3.61 -34.80 -20.77
N GLN D 123 -2.83 -35.81 -20.39
CA GLN D 123 -2.83 -36.33 -19.02
C GLN D 123 -1.43 -36.13 -18.39
N ALA D 124 -0.55 -35.40 -19.10
CA ALA D 124 0.79 -35.08 -18.67
C ALA D 124 1.32 -34.06 -19.66
N LEU D 125 1.96 -33.00 -19.16
CA LEU D 125 2.52 -31.93 -19.96
C LEU D 125 3.51 -31.14 -19.10
N LYS D 126 4.78 -31.59 -19.09
CA LYS D 126 5.83 -30.95 -18.27
C LYS D 126 6.88 -30.30 -19.18
N LEU D 127 7.03 -28.99 -19.11
CA LEU D 127 8.04 -28.31 -19.92
C LEU D 127 9.41 -28.62 -19.31
N MET D 128 10.25 -29.35 -20.06
CA MET D 128 11.56 -29.82 -19.61
C MET D 128 12.72 -28.89 -19.85
N ASP D 129 12.72 -28.15 -20.95
CA ASP D 129 13.84 -27.26 -21.28
C ASP D 129 13.36 -26.27 -22.30
N ILE D 130 14.10 -25.17 -22.45
CA ILE D 130 13.85 -24.11 -23.43
C ILE D 130 15.21 -23.58 -23.93
N TRP D 131 15.26 -23.07 -25.17
CA TRP D 131 16.48 -22.50 -25.75
C TRP D 131 16.22 -21.06 -26.18
N PHE D 132 16.98 -20.12 -25.58
CA PHE D 132 16.88 -18.70 -25.90
C PHE D 132 17.94 -18.35 -26.96
N PRO D 133 17.54 -17.95 -28.18
CA PRO D 133 18.55 -17.49 -29.16
C PRO D 133 19.18 -16.14 -28.78
N PRO D 134 20.37 -15.80 -29.30
CA PRO D 134 20.99 -14.49 -28.98
C PRO D 134 20.14 -13.27 -29.33
N SER D 135 19.16 -13.46 -30.26
CA SER D 135 18.19 -12.44 -30.70
C SER D 135 17.27 -12.10 -29.54
N MET D 136 16.72 -13.16 -28.93
CA MET D 136 15.80 -13.06 -27.81
C MET D 136 16.52 -12.63 -26.56
N LEU D 137 17.72 -13.18 -26.27
CA LEU D 137 18.45 -12.78 -25.06
C LEU D 137 18.67 -11.26 -24.97
N GLU D 138 18.87 -10.58 -26.10
CA GLU D 138 19.06 -9.12 -26.12
C GLU D 138 17.77 -8.32 -25.79
N GLN D 139 16.60 -8.94 -25.97
CA GLN D 139 15.31 -8.32 -25.66
C GLN D 139 14.99 -8.30 -24.15
N TYR D 140 15.78 -9.01 -23.32
CA TYR D 140 15.55 -9.13 -21.89
C TYR D 140 16.73 -8.58 -21.10
N ASP D 141 16.46 -8.30 -19.82
CA ASP D 141 17.40 -7.65 -18.88
C ASP D 141 18.65 -8.44 -18.55
N GLY D 142 18.42 -9.63 -18.02
CA GLY D 142 19.50 -10.47 -17.51
C GLY D 142 19.96 -9.91 -16.18
N PRO D 143 20.80 -10.63 -15.40
CA PRO D 143 21.25 -10.06 -14.11
C PRO D 143 22.20 -8.85 -14.26
N SER D 144 21.99 -7.80 -13.45
CA SER D 144 22.82 -6.58 -13.40
C SER D 144 23.79 -6.60 -12.19
N TYR D 145 23.38 -7.25 -11.09
CA TYR D 145 24.19 -7.41 -9.88
C TYR D 145 24.34 -8.91 -9.67
N THR D 146 25.61 -9.40 -9.62
CA THR D 146 25.89 -10.82 -9.49
C THR D 146 26.61 -11.16 -8.21
N VAL D 147 26.68 -12.47 -7.93
CA VAL D 147 27.41 -13.00 -6.79
C VAL D 147 28.90 -12.60 -6.86
N ASP D 148 29.43 -12.34 -8.06
CA ASP D 148 30.80 -11.89 -8.20
C ASP D 148 30.94 -10.52 -7.57
N ASP D 149 29.90 -9.68 -7.73
CA ASP D 149 29.85 -8.34 -7.10
C ASP D 149 29.79 -8.45 -5.56
N MET D 150 28.92 -9.36 -5.03
CA MET D 150 28.80 -9.63 -3.59
C MET D 150 30.13 -10.12 -3.00
N ARG D 151 30.79 -11.04 -3.72
CA ARG D 151 32.10 -11.58 -3.35
C ARG D 151 33.16 -10.48 -3.29
N LYS D 152 33.08 -9.47 -4.16
CA LYS D 152 34.01 -8.34 -4.10
C LYS D 152 33.73 -7.59 -2.80
N TYR D 153 32.45 -7.42 -2.42
CA TYR D 153 32.07 -6.73 -1.18
C TYR D 153 32.57 -7.50 0.03
N LEU D 154 32.22 -8.78 0.12
CA LEU D 154 32.62 -9.62 1.26
C LEU D 154 34.13 -9.93 1.32
N ASP D 155 34.80 -10.01 0.15
CA ASP D 155 36.19 -10.42 -0.06
C ASP D 155 36.21 -11.95 0.11
N VAL D 156 35.19 -12.63 -0.43
CA VAL D 156 34.99 -14.08 -0.28
C VAL D 156 35.10 -14.83 -1.61
N TYR D 157 36.16 -15.63 -1.71
CA TYR D 157 36.53 -16.56 -2.78
C TYR D 157 37.40 -17.54 -1.99
N ASP D 158 37.74 -18.75 -2.45
CA ASP D 158 37.30 -19.50 -3.60
C ASP D 158 36.60 -20.65 -2.89
N ARG D 159 35.49 -20.30 -2.25
CA ARG D 159 34.72 -21.23 -1.43
C ARG D 159 33.26 -20.80 -1.49
N PRO D 160 32.31 -21.60 -0.96
CA PRO D 160 30.94 -21.12 -0.95
C PRO D 160 30.73 -20.02 0.10
N ILE D 161 29.75 -19.13 -0.16
CA ILE D 161 29.28 -18.08 0.75
C ILE D 161 28.44 -18.84 1.78
N LEU D 162 28.86 -18.77 3.05
CA LEU D 162 28.22 -19.49 4.14
C LEU D 162 27.17 -18.60 4.75
N GLY D 163 25.95 -19.09 4.76
CA GLY D 163 24.83 -18.34 5.25
C GLY D 163 23.91 -19.07 6.16
N THR D 164 22.98 -18.32 6.76
CA THR D 164 21.93 -18.88 7.58
C THR D 164 20.60 -18.25 7.21
N ILE D 165 19.56 -18.79 7.84
CA ILE D 165 18.18 -18.35 7.76
C ILE D 165 17.84 -18.17 9.23
N VAL D 166 17.23 -17.04 9.58
CA VAL D 166 16.81 -16.85 10.95
C VAL D 166 15.62 -17.76 11.22
N LYS D 167 15.80 -18.63 12.22
CA LYS D 167 14.76 -19.53 12.69
C LYS D 167 14.54 -19.13 14.15
N PRO D 168 13.32 -19.28 14.70
CA PRO D 168 12.11 -19.84 14.06
C PRO D 168 11.64 -19.11 12.80
N LYS D 169 10.94 -19.86 11.94
CA LYS D 169 10.30 -19.36 10.71
C LYS D 169 9.37 -18.15 10.98
N MET D 170 8.74 -18.15 12.18
CA MET D 170 7.87 -17.09 12.63
C MET D 170 7.72 -17.13 14.15
N GLY D 171 7.64 -15.97 14.76
CA GLY D 171 7.46 -15.86 16.20
C GLY D 171 8.45 -14.97 16.90
N LEU D 172 9.66 -14.81 16.34
CA LEU D 172 10.62 -13.92 16.98
C LEU D 172 10.21 -12.48 16.78
N THR D 173 10.55 -11.64 17.76
CA THR D 173 10.33 -10.20 17.62
C THR D 173 11.46 -9.65 16.76
N SER D 174 11.39 -8.35 16.46
CA SER D 174 12.40 -7.68 15.65
C SER D 174 13.74 -7.59 16.37
N ALA D 175 13.71 -7.55 17.73
CA ALA D 175 14.92 -7.49 18.56
C ALA D 175 15.59 -8.85 18.58
N GLU D 176 14.78 -9.92 18.71
CA GLU D 176 15.21 -11.32 18.73
C GLU D 176 15.80 -11.72 17.38
N TYR D 177 15.13 -11.35 16.31
CA TYR D 177 15.62 -11.57 14.95
C TYR D 177 17.07 -11.09 14.81
N ALA D 178 17.34 -9.87 15.21
CA ALA D 178 18.66 -9.25 15.07
C ALA D 178 19.76 -9.92 15.89
N GLU D 179 19.40 -10.64 16.97
CA GLU D 179 20.38 -11.33 17.82
C GLU D 179 20.91 -12.51 17.04
N VAL D 180 19.99 -13.32 16.47
CA VAL D 180 20.28 -14.49 15.62
C VAL D 180 21.23 -14.07 14.49
N CYS D 181 20.99 -12.91 13.85
CA CYS D 181 21.86 -12.37 12.79
C CYS D 181 23.25 -12.13 13.32
N TYR D 182 23.34 -11.42 14.44
CA TYR D 182 24.60 -11.04 15.05
C TYR D 182 25.41 -12.30 15.40
N ASP D 183 24.75 -13.27 16.06
CA ASP D 183 25.37 -14.53 16.47
C ASP D 183 25.97 -15.27 15.29
N PHE D 184 25.23 -15.37 14.19
CA PHE D 184 25.74 -16.04 13.00
C PHE D 184 26.98 -15.33 12.45
N TRP D 185 26.88 -14.05 12.14
CA TRP D 185 28.01 -13.28 11.60
C TRP D 185 29.23 -13.23 12.52
N VAL D 186 29.02 -13.18 13.83
CA VAL D 186 30.14 -13.08 14.76
C VAL D 186 30.85 -14.45 14.92
N GLY D 187 30.09 -15.56 14.78
CA GLY D 187 30.64 -16.92 14.76
C GLY D 187 31.35 -17.33 13.47
N GLY D 188 31.48 -16.38 12.52
CA GLY D 188 32.17 -16.52 11.24
C GLY D 188 31.33 -16.64 9.98
N GLY D 189 30.00 -16.60 10.13
CA GLY D 189 29.07 -16.66 9.00
C GLY D 189 29.13 -15.42 8.14
N ASP D 190 28.69 -15.50 6.87
CA ASP D 190 28.78 -14.34 5.95
C ASP D 190 27.47 -13.63 5.65
N PHE D 191 26.43 -14.46 5.46
CA PHE D 191 25.14 -14.10 4.91
C PHE D 191 23.97 -14.52 5.78
N VAL D 192 22.99 -13.65 5.96
CA VAL D 192 21.77 -13.98 6.70
C VAL D 192 20.63 -13.58 5.80
N KCX D 193 19.66 -14.46 5.73
CA KCX D 193 18.46 -14.22 4.93
CB KCX D 193 18.38 -15.12 3.65
CG KCX D 193 18.24 -16.60 3.96
CD KCX D 193 17.80 -17.55 2.89
CE KCX D 193 16.47 -17.18 2.33
NZ KCX D 193 15.34 -17.59 3.12
C KCX D 193 17.27 -14.30 5.86
O KCX D 193 17.31 -14.94 6.92
CX KCX D 193 14.86 -18.86 3.21
OQ1 KCX D 193 13.78 -19.17 3.91
OQ2 KCX D 193 15.37 -19.77 2.62
N ASN D 194 16.19 -13.65 5.45
CA ASN D 194 14.93 -13.72 6.16
C ASN D 194 14.28 -15.03 5.82
N ASP D 195 13.64 -15.71 6.76
CA ASP D 195 12.90 -16.90 6.36
C ASP D 195 11.80 -16.34 5.44
N GLU D 196 11.49 -17.01 4.35
CA GLU D 196 10.62 -16.49 3.29
C GLU D 196 9.27 -15.83 3.74
N PRO D 197 8.61 -16.19 4.86
CA PRO D 197 7.36 -15.52 5.20
C PRO D 197 7.51 -14.44 6.29
N GLN D 198 8.77 -14.09 6.63
CA GLN D 198 9.06 -13.08 7.63
C GLN D 198 8.92 -11.71 7.02
N ALA D 199 8.01 -10.88 7.59
CA ALA D 199 7.72 -9.56 7.08
C ALA D 199 7.32 -8.56 8.19
N ASN D 200 6.22 -7.80 8.01
CA ASN D 200 5.73 -6.86 8.99
C ASN D 200 4.59 -7.47 9.81
N GLN D 201 4.89 -8.52 10.58
CA GLN D 201 3.90 -9.12 11.49
C GLN D 201 3.87 -8.20 12.71
N ASP D 202 2.72 -8.14 13.41
CA ASP D 202 2.49 -7.22 14.53
C ASP D 202 3.60 -7.20 15.62
N PHE D 203 4.21 -8.36 15.89
CA PHE D 203 5.23 -8.53 16.92
C PHE D 203 6.68 -8.30 16.41
N CYS D 204 6.89 -8.15 15.09
CA CYS D 204 8.20 -7.87 14.52
CA CYS D 204 8.20 -7.91 14.48
C CYS D 204 8.06 -6.74 13.49
N PRO D 205 7.82 -5.50 14.00
CA PRO D 205 7.70 -4.34 13.10
C PRO D 205 8.88 -4.21 12.13
N TYR D 206 8.61 -4.28 10.83
CA TYR D 206 9.64 -4.23 9.77
C TYR D 206 10.62 -3.07 9.93
N GLU D 207 10.10 -1.89 10.32
CA GLU D 207 10.91 -0.69 10.50
C GLU D 207 11.94 -0.92 11.60
N LYS D 208 11.54 -1.64 12.68
CA LYS D 208 12.40 -1.96 13.81
C LYS D 208 13.41 -3.04 13.45
N MET D 209 12.97 -4.07 12.71
CA MET D 209 13.84 -5.18 12.24
C MET D 209 15.01 -4.63 11.43
N VAL D 210 14.73 -3.80 10.43
CA VAL D 210 15.76 -3.18 9.60
C VAL D 210 16.80 -2.42 10.49
N ALA D 211 16.30 -1.68 11.50
CA ALA D 211 17.06 -0.85 12.42
C ALA D 211 18.02 -1.63 13.33
N HIS D 212 17.51 -2.71 13.91
CA HIS D 212 18.28 -3.57 14.82
C HIS D 212 19.30 -4.38 14.04
N VAL D 213 18.94 -4.80 12.79
CA VAL D 213 19.81 -5.56 11.87
C VAL D 213 20.97 -4.67 11.43
N LYS D 214 20.73 -3.37 11.31
CA LYS D 214 21.78 -2.43 10.92
C LYS D 214 22.81 -2.28 12.07
N GLU D 215 22.30 -2.32 13.30
CA GLU D 215 23.11 -2.21 14.50
C GLU D 215 23.86 -3.50 14.76
N ALA D 216 23.13 -4.63 14.75
CA ALA D 216 23.67 -5.97 14.87
C ALA D 216 24.82 -6.17 13.85
N MET D 217 24.60 -5.83 12.57
CA MET D 217 25.63 -5.95 11.56
C MET D 217 26.87 -5.12 11.89
N ASP D 218 26.70 -3.83 12.17
CA ASP D 218 27.82 -2.93 12.46
C ASP D 218 28.81 -3.50 13.52
N LYS D 219 28.24 -4.10 14.57
CA LYS D 219 28.99 -4.69 15.70
C LYS D 219 29.72 -5.94 15.25
N ALA D 220 29.00 -6.86 14.55
CA ALA D 220 29.58 -8.10 14.02
C ALA D 220 30.72 -7.84 13.02
N VAL D 221 30.62 -6.76 12.23
CA VAL D 221 31.66 -6.36 11.27
C VAL D 221 32.89 -5.80 11.98
N LYS D 222 32.66 -5.09 13.06
CA LYS D 222 33.70 -4.44 13.86
C LYS D 222 34.48 -5.49 14.65
N GLU D 223 33.74 -6.46 15.21
CA GLU D 223 34.33 -7.50 16.02
C GLU D 223 35.06 -8.59 15.24
N THR D 224 34.59 -8.91 14.05
CA THR D 224 35.20 -9.91 13.18
C THR D 224 36.20 -9.27 12.23
N GLY D 225 36.03 -7.99 11.94
CA GLY D 225 36.86 -7.30 10.96
C GLY D 225 36.54 -7.74 9.54
N GLN D 226 35.35 -8.37 9.35
CA GLN D 226 34.92 -8.92 8.08
C GLN D 226 33.58 -8.36 7.72
N LYS D 227 33.41 -7.93 6.45
CA LYS D 227 32.14 -7.41 5.92
C LYS D 227 31.11 -8.53 5.81
N LYS D 228 29.83 -8.21 6.11
CA LYS D 228 28.72 -9.17 6.18
C LYS D 228 27.53 -8.70 5.32
N VAL D 229 26.60 -9.64 5.01
CA VAL D 229 25.44 -9.33 4.13
C VAL D 229 24.11 -9.83 4.72
N HIS D 230 23.05 -9.04 4.51
CA HIS D 230 21.69 -9.44 4.90
C HIS D 230 20.75 -9.36 3.69
N SER D 231 20.04 -10.45 3.41
CA SER D 231 19.02 -10.54 2.34
C SER D 231 17.66 -10.36 3.02
N PHE D 232 17.00 -9.22 2.77
CA PHE D 232 15.72 -8.83 3.40
C PHE D 232 14.52 -9.26 2.59
N ASN D 233 13.57 -10.01 3.18
CA ASN D 233 12.33 -10.38 2.49
C ASN D 233 11.53 -9.10 2.24
N VAL D 234 11.43 -8.76 0.98
CA VAL D 234 10.82 -7.53 0.51
C VAL D 234 9.41 -7.82 -0.04
N SER D 235 8.96 -9.12 -0.08
CA SER D 235 7.60 -9.48 -0.53
C SER D 235 6.58 -8.78 0.35
N ALA D 236 5.53 -8.25 -0.27
CA ALA D 236 4.49 -7.48 0.42
C ALA D 236 3.12 -7.75 -0.20
N ALA D 237 2.07 -7.02 0.24
CA ALA D 237 0.71 -7.16 -0.32
C ALA D 237 0.67 -6.65 -1.73
N ASP D 238 1.38 -5.54 -2.01
CA ASP D 238 1.35 -4.90 -3.32
C ASP D 238 2.65 -4.14 -3.63
N PHE D 239 2.77 -3.60 -4.86
N PHE D 239 2.71 -3.60 -4.86
CA PHE D 239 4.00 -2.92 -5.30
CA PHE D 239 3.80 -2.79 -5.42
C PHE D 239 4.33 -1.63 -4.52
C PHE D 239 4.28 -1.68 -4.50
N ASP D 240 3.32 -0.91 -4.00
CA ASP D 240 3.58 0.28 -3.18
C ASP D 240 4.22 -0.08 -1.84
N THR D 241 3.69 -1.10 -1.14
CA THR D 241 4.24 -1.57 0.14
C THR D 241 5.63 -2.19 -0.02
N MET D 242 5.89 -2.87 -1.16
CA MET D 242 7.16 -3.52 -1.43
C MET D 242 8.28 -2.43 -1.57
N ILE D 243 8.00 -1.37 -2.33
CA ILE D 243 8.92 -0.23 -2.50
C ILE D 243 9.14 0.52 -1.16
N GLU D 244 8.10 0.57 -0.32
CA GLU D 244 8.16 1.21 0.99
C GLU D 244 9.23 0.49 1.86
N ARG D 245 9.24 -0.85 1.80
CA ARG D 245 10.19 -1.73 2.49
C ARG D 245 11.59 -1.60 1.93
N CYS D 246 11.71 -1.59 0.60
CA CYS D 246 12.98 -1.39 -0.10
C CYS D 246 13.59 -0.06 0.27
N GLU D 247 12.78 1.00 0.25
CA GLU D 247 13.25 2.36 0.55
C GLU D 247 13.68 2.54 1.99
N MET D 248 13.05 1.80 2.91
CA MET D 248 13.39 1.76 4.33
C MET D 248 14.83 1.30 4.51
N ILE D 249 15.18 0.20 3.81
CA ILE D 249 16.51 -0.41 3.84
C ILE D 249 17.50 0.51 3.14
N THR D 250 17.11 0.99 1.96
CA THR D 250 17.88 1.91 1.14
C THR D 250 18.34 3.16 1.93
N ASN D 251 17.57 3.61 2.97
CA ASN D 251 17.88 4.79 3.80
C ASN D 251 18.21 4.49 5.29
N ALA D 252 18.68 3.27 5.65
CA ALA D 252 18.83 2.82 7.04
C ALA D 252 20.15 3.11 7.89
N GLY D 253 21.31 3.49 7.38
CA GLY D 253 21.80 3.52 6.02
C GLY D 253 23.00 2.59 6.04
N PHE D 254 22.81 1.41 5.45
CA PHE D 254 23.81 0.37 5.38
C PHE D 254 24.90 0.74 4.40
N GLU D 255 26.03 0.07 4.49
CA GLU D 255 27.12 0.30 3.56
C GLU D 255 26.79 -0.42 2.25
N PRO D 256 26.86 0.25 1.08
CA PRO D 256 26.50 -0.43 -0.17
C PRO D 256 27.18 -1.80 -0.32
N GLY D 257 26.38 -2.81 -0.71
CA GLY D 257 26.80 -4.19 -0.87
C GLY D 257 26.35 -5.09 0.27
N SER D 258 26.10 -4.52 1.46
CA SER D 258 25.74 -5.30 2.64
C SER D 258 24.27 -5.68 2.77
N TYR D 259 23.46 -5.47 1.73
CA TYR D 259 22.05 -5.86 1.78
C TYR D 259 21.59 -6.35 0.44
N ALA D 260 20.68 -7.31 0.48
CA ALA D 260 20.05 -7.88 -0.69
C ALA D 260 18.55 -7.84 -0.47
N PHE D 261 17.78 -8.08 -1.54
CA PHE D 261 16.31 -8.09 -1.47
C PHE D 261 15.84 -9.45 -1.88
N LEU D 262 14.94 -10.02 -1.10
CA LEU D 262 14.40 -11.34 -1.33
C LEU D 262 12.93 -11.21 -1.69
N ILE D 263 12.51 -11.92 -2.74
CA ILE D 263 11.13 -11.89 -3.21
C ILE D 263 10.67 -13.32 -3.42
N ASP D 264 9.48 -13.69 -2.94
CA ASP D 264 8.89 -15.01 -3.20
C ASP D 264 8.33 -14.95 -4.65
N GLY D 265 9.17 -15.25 -5.64
CA GLY D 265 8.83 -15.11 -7.05
C GLY D 265 7.60 -15.85 -7.56
N ILE D 266 7.19 -16.96 -6.94
CA ILE D 266 6.02 -17.69 -7.45
C ILE D 266 4.74 -17.08 -6.88
N THR D 267 4.69 -16.83 -5.56
CA THR D 267 3.51 -16.26 -4.90
C THR D 267 3.39 -14.77 -5.12
N ALA D 268 4.50 -14.03 -5.06
CA ALA D 268 4.47 -12.58 -5.30
C ALA D 268 4.32 -12.29 -6.79
N GLY D 269 5.08 -13.03 -7.58
CA GLY D 269 5.05 -12.95 -9.03
C GLY D 269 6.32 -12.54 -9.73
N TRP D 270 6.32 -12.78 -11.02
CA TRP D 270 7.42 -12.44 -11.90
C TRP D 270 7.47 -10.92 -12.11
N MET D 271 6.32 -10.23 -11.92
CA MET D 271 6.24 -8.78 -12.01
C MET D 271 6.95 -8.11 -10.84
N ALA D 272 6.87 -8.71 -9.63
CA ALA D 272 7.63 -8.23 -8.47
C ALA D 272 9.14 -8.45 -8.72
N VAL D 273 9.52 -9.63 -9.31
CA VAL D 273 10.92 -9.95 -9.63
C VAL D 273 11.51 -8.89 -10.58
N GLN D 274 10.76 -8.55 -11.67
CA GLN D 274 11.21 -7.55 -12.65
C GLN D 274 11.20 -6.10 -12.16
N THR D 275 10.29 -5.77 -11.22
CA THR D 275 10.22 -4.43 -10.65
C THR D 275 11.48 -4.17 -9.85
N LEU D 276 11.87 -5.14 -9.01
CA LEU D 276 13.07 -5.01 -8.18
C LEU D 276 14.36 -4.95 -9.03
N ARG D 277 14.44 -5.78 -10.07
CA ARG D 277 15.60 -5.76 -10.99
C ARG D 277 15.80 -4.39 -11.61
N ARG D 278 14.71 -3.80 -12.08
CA ARG D 278 14.70 -2.52 -12.79
C ARG D 278 14.74 -1.29 -11.90
N ARG D 279 14.11 -1.34 -10.72
CA ARG D 279 14.15 -0.23 -9.79
C ARG D 279 15.46 -0.24 -8.99
N TYR D 280 15.92 -1.42 -8.58
CA TYR D 280 17.14 -1.61 -7.81
C TYR D 280 18.14 -2.50 -8.57
N PRO D 281 18.73 -2.00 -9.66
CA PRO D 281 19.69 -2.82 -10.41
C PRO D 281 21.04 -3.07 -9.71
N ASP D 282 21.39 -2.28 -8.68
CA ASP D 282 22.67 -2.40 -8.02
C ASP D 282 22.58 -3.02 -6.62
N VAL D 283 21.50 -3.79 -6.40
CA VAL D 283 21.25 -4.58 -5.20
C VAL D 283 21.11 -6.02 -5.69
N PHE D 284 21.63 -6.98 -4.94
CA PHE D 284 21.47 -8.39 -5.25
C PHE D 284 19.97 -8.79 -5.10
N LEU D 285 19.36 -9.34 -6.16
CA LEU D 285 17.99 -9.81 -6.17
C LEU D 285 17.93 -11.32 -5.89
N HIS D 286 17.62 -11.67 -4.65
CA HIS D 286 17.52 -13.06 -4.18
C HIS D 286 16.11 -13.63 -4.47
N PHE D 287 16.00 -14.57 -5.42
CA PHE D 287 14.71 -15.21 -5.76
C PHE D 287 14.44 -16.43 -4.87
N HIS D 288 13.42 -16.35 -4.02
CA HIS D 288 13.01 -17.50 -3.21
C HIS D 288 11.81 -18.08 -3.97
N ARG D 289 11.72 -19.42 -4.08
CA ARG D 289 10.76 -20.11 -4.95
C ARG D 289 9.65 -20.87 -4.24
N ALA D 290 9.32 -20.49 -3.02
CA ALA D 290 8.24 -21.17 -2.29
C ALA D 290 6.98 -21.27 -3.15
N ALA D 291 6.45 -22.51 -3.30
CA ALA D 291 5.26 -22.95 -4.07
C ALA D 291 5.60 -23.53 -5.44
N HIS D 292 6.90 -23.60 -5.81
CA HIS D 292 7.35 -24.17 -7.08
C HIS D 292 7.07 -25.68 -7.15
N GLY D 293 6.99 -26.35 -6.01
CA GLY D 293 6.71 -27.78 -5.95
C GLY D 293 5.53 -28.20 -6.80
N ALA D 294 4.49 -27.34 -6.96
CA ALA D 294 3.36 -27.73 -7.80
C ALA D 294 3.79 -27.85 -9.29
N PHE D 295 4.72 -27.00 -9.73
CA PHE D 295 5.22 -27.06 -11.09
C PHE D 295 6.31 -28.12 -11.32
N THR D 296 7.31 -28.12 -10.45
CA THR D 296 8.52 -28.92 -10.63
C THR D 296 8.53 -30.33 -10.07
N ARG D 297 7.71 -30.62 -9.09
CA ARG D 297 7.76 -31.90 -8.42
C ARG D 297 7.55 -33.08 -9.39
N GLN D 298 8.44 -34.08 -9.32
CA GLN D 298 8.44 -35.25 -10.21
C GLN D 298 7.11 -36.04 -10.16
N GLU D 299 6.44 -36.08 -9.00
CA GLU D 299 5.15 -36.78 -8.82
C GLU D 299 3.99 -36.13 -9.62
N ASN D 300 4.15 -34.83 -10.01
CA ASN D 300 3.16 -34.06 -10.77
C ASN D 300 3.38 -34.16 -12.31
N PRO D 301 2.50 -34.84 -13.08
CA PRO D 301 2.71 -34.92 -14.55
C PRO D 301 2.70 -33.61 -15.35
N ILE D 302 1.98 -32.57 -14.83
CA ILE D 302 1.81 -31.25 -15.46
C ILE D 302 2.64 -30.19 -14.71
N GLY D 303 3.34 -29.32 -15.45
CA GLY D 303 4.14 -28.24 -14.87
C GLY D 303 5.36 -27.88 -15.69
N PHE D 304 6.48 -27.60 -15.02
CA PHE D 304 7.78 -27.30 -15.67
C PHE D 304 8.94 -27.81 -14.81
N SER D 305 10.13 -27.94 -15.38
CA SER D 305 11.30 -28.41 -14.63
C SER D 305 12.02 -27.29 -13.84
N VAL D 306 12.87 -27.70 -12.86
CA VAL D 306 13.74 -26.79 -12.08
C VAL D 306 14.71 -26.07 -13.03
N LEU D 307 15.11 -26.74 -14.13
CA LEU D 307 15.98 -26.16 -15.16
C LEU D 307 15.25 -24.92 -15.74
N VAL D 308 13.98 -25.10 -16.17
CA VAL D 308 13.14 -24.04 -16.77
C VAL D 308 12.98 -22.84 -15.81
N LEU D 309 12.55 -23.10 -14.57
CA LEU D 309 12.40 -22.07 -13.52
C LEU D 309 13.67 -21.23 -13.34
N SER D 310 14.81 -21.91 -13.20
CA SER D 310 16.12 -21.30 -12.94
C SER D 310 16.58 -20.47 -14.11
N LYS D 311 16.38 -20.99 -15.33
CA LYS D 311 16.74 -20.30 -16.58
C LYS D 311 15.93 -19.02 -16.76
N PHE D 312 14.61 -19.10 -16.51
CA PHE D 312 13.73 -17.91 -16.60
C PHE D 312 14.08 -16.85 -15.55
N ALA D 313 14.46 -17.25 -14.33
CA ALA D 313 14.92 -16.32 -13.30
C ALA D 313 16.18 -15.59 -13.75
N ARG D 314 17.12 -16.28 -14.41
CA ARG D 314 18.34 -15.63 -14.93
C ARG D 314 17.96 -14.59 -15.99
N LEU D 315 17.03 -14.95 -16.90
CA LEU D 315 16.52 -14.06 -17.96
C LEU D 315 15.80 -12.80 -17.38
N ALA D 316 14.99 -12.98 -16.33
CA ALA D 316 14.27 -11.89 -15.63
C ALA D 316 15.21 -10.90 -14.89
N GLY D 317 16.42 -11.35 -14.52
CA GLY D 317 17.44 -10.56 -13.88
C GLY D 317 17.76 -10.91 -12.44
N ALA D 318 17.27 -12.07 -11.93
CA ALA D 318 17.59 -12.49 -10.55
C ALA D 318 19.10 -12.64 -10.40
N SER D 319 19.63 -12.18 -9.29
CA SER D 319 21.03 -12.27 -9.01
C SER D 319 21.32 -13.66 -8.47
N GLY D 320 20.29 -14.34 -7.96
CA GLY D 320 20.41 -15.68 -7.44
C GLY D 320 19.08 -16.35 -7.17
N ILE D 321 19.00 -17.67 -7.39
CA ILE D 321 17.80 -18.45 -7.19
C ILE D 321 18.12 -19.75 -6.45
N HIS D 322 17.11 -20.29 -5.77
CA HIS D 322 17.21 -21.54 -5.06
C HIS D 322 17.09 -22.69 -6.07
N THR D 323 18.13 -23.56 -6.14
CA THR D 323 18.22 -24.67 -7.10
C THR D 323 18.04 -26.05 -6.48
N GLY D 324 18.24 -26.16 -5.18
CA GLY D 324 18.07 -27.43 -4.44
C GLY D 324 19.37 -28.09 -4.02
N THR D 325 19.24 -28.99 -3.01
CA THR D 325 20.34 -29.79 -2.42
C THR D 325 20.60 -31.13 -3.17
N ALA D 326 19.90 -31.40 -4.29
CA ALA D 326 20.06 -32.62 -5.07
C ALA D 326 19.69 -33.88 -4.23
N GLY D 327 18.63 -33.74 -3.43
CA GLY D 327 18.09 -34.81 -2.59
C GLY D 327 18.82 -35.08 -1.28
N ILE D 328 19.96 -34.38 -1.06
CA ILE D 328 20.74 -34.54 0.17
C ILE D 328 19.97 -33.97 1.39
N GLY D 329 19.24 -32.86 1.14
CA GLY D 329 18.49 -32.14 2.15
C GLY D 329 17.10 -32.69 2.42
N LYS D 330 16.15 -31.81 2.80
CA LYS D 330 14.77 -32.21 3.15
C LYS D 330 13.76 -32.10 1.99
N MET D 331 14.18 -31.53 0.84
CA MET D 331 13.33 -31.35 -0.32
C MET D 331 13.68 -32.35 -1.41
N LYS D 332 12.61 -32.88 -2.06
CA LYS D 332 12.72 -33.83 -3.16
C LYS D 332 13.60 -33.25 -4.30
N GLY D 333 14.49 -34.08 -4.83
CA GLY D 333 15.40 -33.68 -5.89
C GLY D 333 16.53 -34.67 -6.10
N THR D 334 17.29 -34.47 -7.20
CA THR D 334 18.42 -35.33 -7.55
C THR D 334 19.48 -34.53 -8.25
N PRO D 335 20.72 -35.02 -8.35
CA PRO D 335 21.73 -34.26 -9.10
C PRO D 335 21.36 -34.02 -10.58
N ALA D 336 20.60 -34.96 -11.17
CA ALA D 336 20.12 -34.89 -12.55
C ALA D 336 19.21 -33.70 -12.79
N GLU D 337 18.44 -33.30 -11.77
CA GLU D 337 17.53 -32.15 -11.84
C GLU D 337 18.21 -30.86 -11.33
N ASP D 338 18.65 -30.87 -10.08
CA ASP D 338 19.14 -29.71 -9.34
C ASP D 338 20.53 -29.17 -9.71
N VAL D 339 21.46 -30.03 -10.18
CA VAL D 339 22.82 -29.58 -10.55
C VAL D 339 22.84 -29.11 -11.99
N VAL D 340 21.96 -29.67 -12.81
CA VAL D 340 21.81 -29.28 -14.20
C VAL D 340 21.35 -27.83 -14.26
N ALA D 341 20.42 -27.49 -13.34
CA ALA D 341 19.85 -26.18 -13.15
C ALA D 341 20.89 -25.22 -12.61
N ALA D 342 21.64 -25.63 -11.60
CA ALA D 342 22.69 -24.79 -11.05
C ALA D 342 23.70 -24.41 -12.11
N HIS D 343 24.08 -25.38 -12.94
CA HIS D 343 25.05 -25.19 -14.02
C HIS D 343 24.55 -24.31 -15.16
N SER D 344 23.23 -24.31 -15.38
CA SER D 344 22.60 -23.49 -16.42
C SER D 344 22.68 -22.03 -16.06
N ILE D 345 22.51 -21.74 -14.77
CA ILE D 345 22.55 -20.37 -14.24
C ILE D 345 23.98 -19.90 -13.86
N GLN D 346 24.93 -20.81 -13.56
CA GLN D 346 26.32 -20.44 -13.20
C GLN D 346 27.23 -20.16 -14.37
N TYR D 347 27.20 -21.08 -15.36
CA TYR D 347 28.13 -21.04 -16.50
C TYR D 347 27.53 -20.40 -17.74
N LEU D 348 28.42 -19.89 -18.61
CA LEU D 348 28.08 -19.30 -19.89
C LEU D 348 27.58 -20.36 -20.89
N LYS D 349 28.08 -21.62 -20.83
CA LYS D 349 27.68 -22.78 -21.64
C LYS D 349 27.35 -23.94 -20.69
N SER D 350 26.24 -24.69 -20.99
CA SER D 350 25.77 -25.81 -20.16
C SER D 350 24.97 -26.78 -21.04
N PRO D 351 24.80 -28.07 -20.65
CA PRO D 351 24.15 -29.04 -21.55
C PRO D 351 22.67 -28.80 -21.95
N GLY D 352 21.64 -28.62 -21.12
CA GLY D 352 21.49 -28.89 -19.71
C GLY D 352 20.69 -30.19 -19.71
N HIS D 353 19.41 -30.15 -20.20
CA HIS D 353 18.59 -31.37 -20.34
C HIS D 353 18.50 -31.80 -21.82
N PHE D 354 17.95 -30.92 -22.67
CA PHE D 354 17.78 -31.17 -24.10
C PHE D 354 18.35 -30.09 -25.01
N PHE D 355 18.73 -28.91 -24.48
CA PHE D 355 19.20 -27.80 -25.29
C PHE D 355 20.48 -27.20 -24.75
N GLU D 356 21.56 -27.32 -25.51
CA GLU D 356 22.81 -26.70 -25.14
C GLU D 356 22.63 -25.21 -25.29
N GLN D 357 22.78 -24.51 -24.17
CA GLN D 357 22.64 -23.08 -24.08
C GLN D 357 23.95 -22.37 -23.81
N THR D 358 24.41 -21.55 -24.75
CA THR D 358 25.48 -20.59 -24.52
C THR D 358 24.68 -19.30 -24.26
N TRP D 359 24.89 -18.62 -23.13
CA TRP D 359 24.15 -17.39 -22.79
C TRP D 359 24.74 -16.07 -23.41
N SER D 360 25.17 -16.14 -24.66
CA SER D 360 25.59 -14.99 -25.48
C SER D 360 24.44 -14.87 -26.49
N LYS D 361 23.68 -13.76 -26.59
CA LYS D 361 23.69 -12.31 -26.88
C LYS D 361 24.44 -11.96 -28.19
N ILE D 362 25.53 -12.65 -28.52
CA ILE D 362 26.22 -12.58 -29.82
C ILE D 362 26.40 -14.04 -30.33
N MET D 363 26.94 -14.22 -31.55
CA MET D 363 27.15 -15.57 -32.10
C MET D 363 28.24 -16.35 -31.35
N ASP D 364 27.85 -17.48 -30.70
CA ASP D 364 28.73 -18.37 -29.92
C ASP D 364 29.97 -18.92 -30.65
N THR D 365 29.97 -18.84 -31.98
CA THR D 365 31.08 -19.25 -32.83
C THR D 365 32.15 -18.14 -32.94
N ASP D 366 31.89 -16.93 -32.37
CA ASP D 366 32.85 -15.83 -32.42
C ASP D 366 34.01 -16.21 -31.52
N LYS D 367 35.24 -15.89 -31.97
CA LYS D 367 36.47 -16.15 -31.23
C LYS D 367 36.41 -15.65 -29.77
N ASP D 368 35.81 -14.48 -29.56
CA ASP D 368 35.70 -13.86 -28.23
C ASP D 368 34.72 -14.59 -27.30
N VAL D 369 33.66 -15.25 -27.83
CA VAL D 369 32.71 -16.04 -27.00
C VAL D 369 33.42 -17.30 -26.55
N ILE D 370 34.21 -17.90 -27.46
CA ILE D 370 34.95 -19.12 -27.17
C ILE D 370 35.96 -18.87 -26.03
N ASN D 371 36.70 -17.73 -26.05
CA ASN D 371 37.63 -17.40 -24.95
C ASN D 371 36.89 -17.13 -23.66
N LEU D 372 35.71 -16.50 -23.76
CA LEU D 372 34.84 -16.22 -22.61
C LEU D 372 34.41 -17.52 -21.90
N VAL D 373 34.06 -18.57 -22.66
CA VAL D 373 33.66 -19.84 -22.05
C VAL D 373 34.89 -20.58 -21.48
N ASN D 374 36.09 -20.40 -22.10
CA ASN D 374 37.32 -21.03 -21.59
C ASN D 374 37.74 -20.35 -20.30
N GLU D 375 37.62 -19.02 -20.25
CA GLU D 375 37.90 -18.22 -19.05
C GLU D 375 36.89 -18.57 -17.96
N ASP D 376 35.62 -18.68 -18.34
CA ASP D 376 34.52 -19.04 -17.43
C ASP D 376 34.63 -20.47 -16.90
N LEU D 377 34.97 -21.44 -17.75
CA LEU D 377 35.05 -22.86 -17.33
C LEU D 377 36.11 -23.14 -16.29
N ALA D 378 37.19 -22.35 -16.28
CA ALA D 378 38.19 -22.53 -15.26
C ALA D 378 39.06 -21.29 -15.13
N HIS D 379 38.75 -20.32 -14.23
CA HIS D 379 37.51 -20.14 -13.43
C HIS D 379 37.48 -18.65 -13.08
N HIS D 380 37.56 -17.81 -14.13
CA HIS D 380 37.70 -16.36 -14.04
C HIS D 380 36.42 -15.57 -14.18
N VAL D 381 36.44 -14.35 -13.61
CA VAL D 381 35.33 -13.41 -13.64
C VAL D 381 35.32 -12.76 -15.02
N ILE D 382 34.19 -12.91 -15.73
CA ILE D 382 33.99 -12.41 -17.10
C ILE D 382 32.85 -11.40 -17.08
N LEU D 383 32.73 -10.63 -18.16
CA LEU D 383 31.67 -9.64 -18.38
C LEU D 383 31.76 -8.40 -17.47
N GLU D 384 32.98 -7.96 -17.16
CA GLU D 384 33.16 -6.71 -16.40
C GLU D 384 33.18 -5.56 -17.40
N ASP D 385 33.99 -5.68 -18.47
CA ASP D 385 34.15 -4.66 -19.50
C ASP D 385 33.53 -5.05 -20.86
N ASP D 386 32.79 -6.17 -20.91
CA ASP D 386 32.20 -6.61 -22.15
C ASP D 386 30.84 -7.28 -21.92
N SER D 387 29.95 -6.61 -21.16
CA SER D 387 28.58 -7.06 -20.83
C SER D 387 27.72 -7.34 -22.06
N TRP D 388 27.90 -6.58 -23.16
CA TRP D 388 27.10 -6.72 -24.38
C TRP D 388 27.11 -8.11 -24.99
N ARG D 389 28.20 -8.85 -24.77
CA ARG D 389 28.43 -10.19 -25.30
C ARG D 389 27.56 -11.27 -24.72
N ALA D 390 27.29 -11.21 -23.41
CA ALA D 390 26.54 -12.28 -22.74
C ALA D 390 25.80 -11.84 -21.52
N MET D 391 24.77 -12.61 -21.21
CA MET D 391 23.93 -12.42 -20.04
C MET D 391 24.76 -12.89 -18.84
N LYS D 392 24.86 -12.07 -17.79
CA LYS D 392 25.68 -12.42 -16.62
C LYS D 392 25.08 -13.61 -15.85
N LYS D 393 25.85 -14.21 -14.93
CA LYS D 393 25.41 -15.40 -14.19
C LYS D 393 24.36 -15.08 -13.13
N CYS D 394 23.54 -16.07 -12.79
CA CYS D 394 22.57 -16.01 -11.71
C CYS D 394 23.03 -17.13 -10.73
N CYS D 395 23.29 -16.75 -9.50
CA CYS D 395 23.88 -17.64 -8.50
C CYS D 395 22.91 -18.67 -7.89
N PRO D 396 23.29 -19.96 -7.85
CA PRO D 396 22.46 -20.92 -7.12
C PRO D 396 22.52 -20.68 -5.61
N ILE D 397 21.39 -20.88 -4.93
CA ILE D 397 21.32 -20.70 -3.47
C ILE D 397 20.88 -22.06 -2.97
N VAL D 398 21.76 -22.75 -2.26
CA VAL D 398 21.52 -24.11 -1.83
C VAL D 398 21.03 -24.14 -0.39
N SER D 399 19.78 -24.58 -0.20
CA SER D 399 19.11 -24.58 1.09
C SER D 399 18.17 -25.77 1.21
N GLY D 400 17.77 -26.10 2.44
CA GLY D 400 16.78 -27.14 2.73
C GLY D 400 17.29 -28.36 3.46
N GLY D 401 17.27 -28.33 4.79
CA GLY D 401 17.68 -29.45 5.62
C GLY D 401 19.15 -29.81 5.60
N LEU D 402 20.03 -28.84 5.29
CA LEU D 402 21.46 -29.09 5.31
C LEU D 402 22.03 -28.72 6.67
N ASN D 403 23.10 -29.41 7.10
CA ASN D 403 23.92 -29.13 8.29
C ASN D 403 25.40 -29.21 7.84
N PRO D 404 26.43 -28.86 8.63
CA PRO D 404 27.81 -28.86 8.09
C PRO D 404 28.33 -30.21 7.54
N VAL D 405 27.74 -31.34 7.98
CA VAL D 405 28.13 -32.69 7.55
C VAL D 405 27.65 -32.99 6.12
N LYS D 406 26.62 -32.27 5.63
CA LYS D 406 26.09 -32.41 4.27
C LYS D 406 26.76 -31.47 3.26
N LEU D 407 27.75 -30.64 3.70
CA LEU D 407 28.45 -29.70 2.81
C LEU D 407 29.30 -30.37 1.75
N LYS D 408 30.25 -31.24 2.16
CA LYS D 408 31.15 -31.94 1.21
C LYS D 408 30.32 -32.82 0.27
N PRO D 409 29.41 -33.68 0.78
CA PRO D 409 28.53 -34.45 -0.12
C PRO D 409 27.89 -33.65 -1.26
N PHE D 410 27.46 -32.42 -0.98
CA PHE D 410 26.83 -31.56 -1.97
C PHE D 410 27.89 -30.96 -2.87
N ILE D 411 28.98 -30.38 -2.30
CA ILE D 411 30.05 -29.84 -3.16
C ILE D 411 30.48 -30.89 -4.21
N ASP D 412 30.61 -32.17 -3.79
CA ASP D 412 31.02 -33.30 -4.65
C ASP D 412 30.08 -33.46 -5.81
N VAL D 413 28.80 -33.44 -5.50
CA VAL D 413 27.72 -33.51 -6.48
C VAL D 413 27.69 -32.22 -7.37
N MET D 414 27.87 -31.02 -6.76
CA MET D 414 27.87 -29.73 -7.48
C MET D 414 29.06 -29.56 -8.43
N GLU D 415 30.25 -30.07 -8.06
CA GLU D 415 31.46 -29.99 -8.89
C GLU D 415 32.03 -28.56 -8.99
N ASN D 416 31.75 -27.75 -7.96
CA ASN D 416 32.26 -26.39 -7.81
C ASN D 416 31.86 -25.88 -6.45
N VAL D 417 32.37 -24.70 -6.10
CA VAL D 417 32.06 -24.01 -4.85
C VAL D 417 31.49 -22.58 -5.11
N ASP D 418 31.07 -22.27 -6.36
CA ASP D 418 30.52 -20.95 -6.71
C ASP D 418 28.99 -20.94 -6.46
N PHE D 419 28.63 -20.99 -5.16
CA PHE D 419 27.25 -20.93 -4.73
C PHE D 419 27.15 -20.37 -3.32
N ILE D 420 25.92 -20.03 -2.90
CA ILE D 420 25.59 -19.53 -1.57
C ILE D 420 24.88 -20.71 -0.94
N THR D 421 25.22 -21.05 0.30
CA THR D 421 24.55 -22.12 1.04
C THR D 421 23.95 -21.47 2.25
N THR D 422 22.70 -21.82 2.58
CA THR D 422 22.02 -21.31 3.75
C THR D 422 21.54 -22.49 4.61
N MET D 423 21.89 -22.47 5.92
CA MET D 423 21.51 -23.52 6.85
C MET D 423 20.74 -22.94 8.05
N GLY D 424 19.44 -23.17 8.06
CA GLY D 424 18.57 -22.75 9.15
C GLY D 424 18.73 -23.65 10.37
N SER D 425 17.90 -24.71 10.45
CA SER D 425 18.00 -25.67 11.57
C SER D 425 19.41 -26.23 11.69
N GLY D 426 20.10 -26.46 10.57
CA GLY D 426 21.50 -26.91 10.55
C GLY D 426 22.51 -26.04 11.28
N VAL D 427 22.12 -24.82 11.74
CA VAL D 427 22.98 -23.92 12.53
C VAL D 427 22.37 -23.63 13.90
N HIS D 428 21.08 -23.30 13.94
CA HIS D 428 20.42 -22.89 15.17
C HIS D 428 20.09 -24.05 16.04
N SER D 429 20.11 -25.29 15.50
CA SER D 429 19.86 -26.50 16.28
C SER D 429 21.15 -27.07 16.87
N HIS D 430 22.32 -26.52 16.46
CA HIS D 430 23.60 -26.96 17.01
C HIS D 430 23.51 -26.89 18.54
N PRO D 431 24.06 -27.90 19.24
CA PRO D 431 23.96 -27.90 20.72
C PRO D 431 24.65 -26.74 21.47
N GLY D 432 25.64 -26.12 20.84
CA GLY D 432 26.36 -24.99 21.42
C GLY D 432 25.62 -23.68 21.26
N GLY D 433 24.82 -23.56 20.20
CA GLY D 433 24.02 -22.41 19.86
C GLY D 433 24.25 -21.94 18.43
N THR D 434 23.68 -20.76 18.08
CA THR D 434 23.82 -20.18 16.75
C THR D 434 25.29 -19.87 16.41
N GLN D 435 26.08 -19.34 17.37
CA GLN D 435 27.50 -19.03 17.11
C GLN D 435 28.32 -20.28 16.88
N SER D 436 28.00 -21.35 17.61
CA SER D 436 28.69 -22.63 17.45
C SER D 436 28.33 -23.31 16.10
N GLY D 437 27.04 -23.29 15.71
CA GLY D 437 26.60 -23.82 14.42
C GLY D 437 27.26 -23.09 13.26
N ALA D 438 27.56 -21.80 13.43
CA ALA D 438 28.24 -20.97 12.46
C ALA D 438 29.71 -21.37 12.42
N LYS D 439 30.32 -21.59 13.60
CA LYS D 439 31.73 -22.05 13.71
C LYS D 439 31.85 -23.41 13.05
N ALA D 440 30.93 -24.34 13.38
CA ALA D 440 30.87 -25.67 12.79
C ALA D 440 30.81 -25.65 11.26
N LEU D 441 30.01 -24.73 10.66
CA LEU D 441 29.90 -24.61 9.21
C LEU D 441 31.17 -23.98 8.57
N VAL D 442 31.85 -23.11 9.30
CA VAL D 442 33.09 -22.48 8.82
C VAL D 442 34.19 -23.53 8.82
N GLN D 443 34.27 -24.31 9.92
CA GLN D 443 35.24 -25.39 10.13
C GLN D 443 35.06 -26.49 9.06
N ALA D 444 33.80 -26.95 8.85
CA ALA D 444 33.44 -27.94 7.82
C ALA D 444 33.87 -27.46 6.44
N CYS D 445 33.71 -26.16 6.18
CA CYS D 445 34.16 -25.58 4.93
C CYS D 445 35.69 -25.61 4.91
N ASP D 446 36.37 -25.11 5.98
CA ASP D 446 37.84 -25.09 6.05
C ASP D 446 38.47 -26.48 5.90
N ALA D 447 37.75 -27.54 6.32
CA ALA D 447 38.24 -28.92 6.16
C ALA D 447 38.32 -29.25 4.66
N TYR D 448 37.21 -29.04 3.93
CA TYR D 448 37.13 -29.27 2.48
C TYR D 448 38.22 -28.48 1.75
N LEU D 449 38.36 -27.20 2.08
CA LEU D 449 39.32 -26.32 1.43
C LEU D 449 40.78 -26.76 1.60
N GLN D 450 41.10 -27.53 2.64
CA GLN D 450 42.45 -28.02 2.79
C GLN D 450 42.50 -29.57 2.68
N GLY D 451 41.61 -30.12 1.84
CA GLY D 451 41.52 -31.54 1.48
C GLY D 451 41.47 -32.53 2.61
N MET D 452 40.77 -32.19 3.69
CA MET D 452 40.67 -33.00 4.90
C MET D 452 39.26 -33.52 5.16
N ASP D 453 39.18 -34.64 5.88
CA ASP D 453 37.90 -35.21 6.31
C ASP D 453 37.46 -34.36 7.50
N ILE D 454 36.14 -34.30 7.76
CA ILE D 454 35.64 -33.49 8.87
C ILE D 454 35.98 -34.11 10.21
N GLU D 455 35.99 -35.45 10.32
CA GLU D 455 36.34 -36.15 11.56
C GLU D 455 37.83 -35.91 11.94
N GLU D 456 38.68 -35.62 10.93
CA GLU D 456 40.11 -35.33 11.09
C GLU D 456 40.27 -33.89 11.56
N TYR D 457 39.66 -32.93 10.84
CA TYR D 457 39.71 -31.50 11.20
C TYR D 457 39.10 -31.27 12.58
N ALA D 458 38.03 -32.05 12.90
CA ALA D 458 37.33 -32.00 14.20
C ALA D 458 38.18 -32.40 15.42
N LYS D 459 39.34 -33.04 15.22
CA LYS D 459 40.23 -33.45 16.32
C LYS D 459 40.75 -32.25 17.11
N ASP D 460 40.80 -31.05 16.49
CA ASP D 460 41.23 -29.82 17.14
C ASP D 460 40.26 -28.63 16.88
N HIS D 461 38.95 -28.93 16.64
CA HIS D 461 37.90 -27.93 16.35
C HIS D 461 36.56 -28.42 16.92
N LYS D 462 36.26 -28.00 18.16
CA LYS D 462 35.12 -28.48 18.96
C LYS D 462 33.75 -28.36 18.36
N GLU D 463 33.47 -27.25 17.69
CA GLU D 463 32.12 -27.01 17.19
C GLU D 463 31.77 -27.97 16.05
N LEU D 464 32.76 -28.30 15.19
CA LEU D 464 32.58 -29.32 14.14
C LEU D 464 32.41 -30.71 14.79
N ALA D 465 33.20 -30.98 15.86
CA ALA D 465 33.11 -32.25 16.61
C ALA D 465 31.71 -32.46 17.21
N GLU D 466 31.17 -31.41 17.87
CA GLU D 466 29.82 -31.45 18.46
C GLU D 466 28.74 -31.56 17.36
N ALA D 467 29.03 -31.03 16.15
CA ALA D 467 28.13 -31.09 15.00
C ALA D 467 28.00 -32.51 14.48
N ILE D 468 29.16 -33.16 14.26
CA ILE D 468 29.25 -34.54 13.77
C ILE D 468 28.47 -35.48 14.73
N GLU D 469 28.65 -35.30 16.04
CA GLU D 469 27.97 -36.09 17.05
C GLU D 469 26.45 -35.83 17.02
N PHE D 470 26.07 -34.55 16.89
CA PHE D 470 24.68 -34.14 16.91
C PHE D 470 23.91 -34.51 15.65
N TYR D 471 24.42 -34.09 14.49
CA TYR D 471 23.74 -34.25 13.21
C TYR D 471 23.78 -35.68 12.60
N LEU D 472 24.59 -36.60 13.13
CA LEU D 472 24.57 -38.00 12.66
C LEU D 472 23.83 -38.89 13.66
N ASN D 473 24.12 -38.76 14.97
CA ASN D 473 23.49 -39.54 16.03
C ASN D 473 22.18 -38.89 16.47
N SER E 2 11.92 -22.47 -65.21
CA SER E 2 11.64 -22.99 -66.55
C SER E 2 12.61 -22.41 -67.60
N LEU E 3 12.89 -23.19 -68.67
CA LEU E 3 13.72 -22.82 -69.83
C LEU E 3 14.86 -21.78 -69.54
N ILE E 4 14.60 -20.46 -69.73
CA ILE E 4 15.60 -19.40 -69.56
C ILE E 4 15.81 -19.01 -68.08
N TYR E 5 14.75 -19.10 -67.25
CA TYR E 5 14.81 -18.77 -65.83
C TYR E 5 15.72 -19.76 -65.09
N GLU E 6 15.62 -21.07 -65.44
CA GLU E 6 16.49 -22.14 -64.88
C GLU E 6 17.96 -21.76 -65.05
N ASP E 7 18.32 -21.36 -66.28
CA ASP E 7 19.67 -20.97 -66.66
C ASP E 7 20.12 -19.70 -65.93
N LEU E 8 19.21 -18.71 -65.78
CA LEU E 8 19.50 -17.44 -65.07
C LEU E 8 19.74 -17.67 -63.58
N VAL E 9 18.95 -18.58 -62.95
CA VAL E 9 19.09 -18.92 -61.53
C VAL E 9 20.43 -19.66 -61.31
N LYS E 10 20.85 -20.51 -62.27
CA LYS E 10 22.12 -21.24 -62.21
C LYS E 10 23.36 -20.30 -62.24
N SER E 11 23.22 -19.13 -62.89
CA SER E 11 24.29 -18.12 -62.96
C SER E 11 24.54 -17.35 -61.64
N LEU E 12 23.68 -17.53 -60.62
CA LEU E 12 23.78 -16.75 -59.39
C LEU E 12 24.87 -17.16 -58.40
N ASP E 13 25.58 -16.15 -57.92
CA ASP E 13 26.61 -16.20 -56.89
C ASP E 13 25.95 -16.69 -55.56
N SER E 14 26.70 -17.36 -54.68
CA SER E 14 26.22 -17.85 -53.36
C SER E 14 25.45 -16.75 -52.58
N LYS E 15 25.99 -15.51 -52.66
CA LYS E 15 25.42 -14.29 -52.06
C LYS E 15 24.07 -13.94 -52.70
N GLN E 16 24.03 -13.90 -54.04
CA GLN E 16 22.86 -13.55 -54.84
C GLN E 16 21.67 -14.49 -54.66
N GLN E 17 21.93 -15.78 -54.42
CA GLN E 17 20.88 -16.78 -54.23
C GLN E 17 20.00 -16.49 -53.01
N ALA E 18 20.58 -15.81 -52.02
CA ALA E 18 19.89 -15.44 -50.78
C ALA E 18 18.86 -14.29 -50.96
N TYR E 19 18.97 -13.50 -52.06
CA TYR E 19 18.05 -12.40 -52.35
C TYR E 19 17.19 -12.70 -53.58
N VAL E 20 16.89 -13.99 -53.81
CA VAL E 20 16.07 -14.46 -54.91
C VAL E 20 15.18 -15.62 -54.41
N ASP E 21 13.91 -15.61 -54.81
CA ASP E 21 12.98 -16.71 -54.50
C ASP E 21 11.82 -16.65 -55.48
N LEU E 22 12.05 -17.19 -56.68
CA LEU E 22 11.05 -17.25 -57.75
C LEU E 22 9.87 -18.18 -57.38
N LYS E 23 10.04 -19.02 -56.35
CA LYS E 23 9.00 -19.90 -55.83
C LYS E 23 8.43 -19.34 -54.49
N LEU E 24 8.45 -17.97 -54.29
CA LEU E 24 7.94 -17.35 -53.05
C LEU E 24 6.44 -17.64 -52.98
N PRO E 25 5.97 -18.36 -51.93
CA PRO E 25 4.58 -18.81 -51.94
C PRO E 25 3.50 -17.73 -51.89
N ASP E 26 3.43 -16.92 -50.80
CA ASP E 26 2.39 -15.91 -50.62
C ASP E 26 3.00 -14.53 -50.34
N PRO E 27 3.49 -13.81 -51.40
CA PRO E 27 4.04 -12.45 -51.19
C PRO E 27 3.07 -11.46 -50.54
N THR E 28 1.75 -11.73 -50.63
CA THR E 28 0.69 -10.94 -50.02
C THR E 28 0.24 -11.57 -48.67
N ASN E 29 1.19 -12.23 -47.93
CA ASN E 29 0.91 -12.84 -46.61
C ASN E 29 0.97 -11.83 -45.47
N GLY E 30 1.50 -10.63 -45.74
CA GLY E 30 1.59 -9.56 -44.75
C GLY E 30 2.98 -9.23 -44.24
N GLU E 31 3.99 -10.04 -44.57
CA GLU E 31 5.35 -9.81 -44.10
C GLU E 31 6.10 -8.84 -44.94
N PHE E 32 5.68 -8.65 -46.21
CA PHE E 32 6.42 -7.86 -47.20
C PHE E 32 5.74 -6.65 -47.77
N LEU E 33 6.58 -5.68 -48.10
CA LEU E 33 6.26 -4.45 -48.84
C LEU E 33 6.69 -4.82 -50.26
N LEU E 34 5.72 -5.16 -51.13
CA LEU E 34 6.06 -5.55 -52.50
C LEU E 34 6.37 -4.30 -53.34
N ALA E 35 7.31 -4.42 -54.29
CA ALA E 35 7.78 -3.31 -55.13
C ALA E 35 8.13 -3.80 -56.53
N VAL E 36 7.85 -2.99 -57.57
CA VAL E 36 8.21 -3.32 -58.94
C VAL E 36 9.13 -2.24 -59.41
N PHE E 37 10.28 -2.64 -59.94
CA PHE E 37 11.23 -1.70 -60.52
C PHE E 37 11.38 -1.98 -61.99
N HIS E 38 11.42 -0.93 -62.81
CA HIS E 38 11.78 -1.05 -64.20
C HIS E 38 13.33 -0.99 -64.13
N MET E 39 14.00 -2.13 -64.39
CA MET E 39 15.45 -2.24 -64.26
C MET E 39 16.11 -2.68 -65.56
N ILE E 40 17.32 -2.16 -65.83
CA ILE E 40 18.14 -2.50 -67.01
C ILE E 40 19.61 -2.67 -66.55
N PRO E 41 20.20 -3.89 -66.62
CA PRO E 41 21.61 -4.06 -66.22
C PRO E 41 22.60 -3.26 -67.05
N GLY E 42 23.65 -2.79 -66.38
CA GLY E 42 24.70 -1.97 -66.97
C GLY E 42 26.02 -2.71 -67.07
N GLY E 43 26.09 -3.62 -68.04
CA GLY E 43 27.24 -4.46 -68.30
C GLY E 43 27.51 -5.43 -67.17
N ASP E 44 28.56 -6.25 -67.32
CA ASP E 44 29.00 -7.25 -66.33
C ASP E 44 27.96 -8.33 -65.98
N LEU E 45 26.89 -7.96 -65.24
CA LEU E 45 25.87 -8.88 -64.74
C LEU E 45 24.64 -8.96 -65.64
N ASN E 46 23.93 -10.09 -65.55
CA ASN E 46 22.65 -10.30 -66.23
C ASN E 46 21.51 -9.71 -65.35
N VAL E 47 20.27 -9.75 -65.85
CA VAL E 47 19.09 -9.21 -65.14
C VAL E 47 18.86 -9.80 -63.74
N LEU E 48 18.91 -11.14 -63.56
CA LEU E 48 18.67 -11.74 -62.25
C LEU E 48 19.83 -11.48 -61.29
N GLN E 49 21.06 -11.39 -61.81
CA GLN E 49 22.25 -11.11 -61.00
C GLN E 49 22.19 -9.69 -60.44
N ALA E 50 21.94 -8.71 -61.32
CA ALA E 50 21.80 -7.29 -60.93
C ALA E 50 20.58 -7.09 -60.02
N ALA E 51 19.46 -7.79 -60.33
CA ALA E 51 18.25 -7.72 -59.50
C ALA E 51 18.53 -8.23 -58.11
N ALA E 52 19.33 -9.31 -58.00
CA ALA E 52 19.72 -9.83 -56.69
C ALA E 52 20.61 -8.81 -55.95
N GLU E 53 21.51 -8.11 -56.68
CA GLU E 53 22.37 -7.06 -56.07
C GLU E 53 21.57 -5.87 -55.53
N ILE E 54 20.53 -5.46 -56.26
CA ILE E 54 19.61 -4.39 -55.82
C ILE E 54 18.91 -4.84 -54.56
N ALA E 55 18.30 -6.04 -54.58
CA ALA E 55 17.63 -6.63 -53.42
C ALA E 55 18.57 -6.70 -52.21
N ALA E 56 19.86 -7.04 -52.42
CA ALA E 56 20.85 -7.06 -51.32
C ALA E 56 21.15 -5.65 -50.80
N GLU E 57 21.55 -4.75 -51.70
CA GLU E 57 21.91 -3.38 -51.34
C GLU E 57 20.69 -2.49 -50.92
N SER E 58 19.47 -3.01 -51.03
CA SER E 58 18.22 -2.36 -50.66
C SER E 58 17.63 -3.03 -49.40
N SER E 59 18.37 -3.96 -48.74
CA SER E 59 17.90 -4.63 -47.53
C SER E 59 19.04 -4.95 -46.54
N THR E 60 19.46 -6.21 -46.41
CA THR E 60 20.44 -6.63 -45.40
C THR E 60 21.88 -6.80 -45.84
N GLY E 61 22.13 -6.97 -47.14
CA GLY E 61 23.45 -7.29 -47.67
C GLY E 61 24.34 -6.17 -48.19
N THR E 62 25.40 -6.60 -48.90
CA THR E 62 26.39 -5.74 -49.55
C THR E 62 26.95 -6.48 -50.78
N ASN E 63 27.93 -5.90 -51.51
CA ASN E 63 28.44 -6.53 -52.75
C ASN E 63 29.19 -7.87 -52.54
N ILE E 64 29.82 -8.08 -51.37
CA ILE E 64 30.51 -9.34 -51.01
C ILE E 64 29.91 -9.88 -49.71
N LYS E 65 29.64 -11.21 -49.64
CA LYS E 65 29.13 -11.90 -48.45
C LYS E 65 30.06 -11.61 -47.28
N VAL E 66 29.51 -11.37 -46.07
CA VAL E 66 30.30 -11.01 -44.89
C VAL E 66 30.27 -12.10 -43.83
N SER E 67 31.35 -12.12 -43.03
CA SER E 67 31.54 -13.08 -41.94
C SER E 67 30.61 -12.79 -40.78
N THR E 68 30.17 -11.53 -40.68
CA THR E 68 29.30 -11.00 -39.63
C THR E 68 27.84 -11.40 -39.83
N GLU E 69 27.48 -11.87 -41.03
CA GLU E 69 26.14 -12.32 -41.39
C GLU E 69 25.67 -13.46 -40.47
N THR E 70 24.40 -13.39 -40.03
CA THR E 70 23.76 -14.38 -39.15
C THR E 70 22.57 -15.04 -39.81
N ALA E 71 22.12 -16.16 -39.27
CA ALA E 71 20.94 -16.86 -39.75
C ALA E 71 19.69 -15.96 -39.59
N PHE E 72 19.68 -15.14 -38.52
CA PHE E 72 18.62 -14.19 -38.21
C PHE E 72 18.64 -13.01 -39.19
N SER E 73 19.82 -12.51 -39.56
CA SER E 73 19.91 -11.42 -40.54
C SER E 73 19.37 -11.89 -41.89
N ARG E 74 19.59 -13.17 -42.24
CA ARG E 74 19.09 -13.76 -43.49
C ARG E 74 17.57 -13.70 -43.61
N THR E 75 16.82 -13.75 -42.50
CA THR E 75 15.34 -13.70 -42.54
C THR E 75 14.78 -12.34 -43.01
N MET E 76 15.58 -11.25 -42.89
CA MET E 76 15.20 -9.89 -43.29
C MET E 76 15.59 -9.63 -44.75
N ASN E 77 16.11 -10.66 -45.47
CA ASN E 77 16.52 -10.47 -46.85
C ASN E 77 15.36 -10.15 -47.77
N ALA E 78 15.56 -9.15 -48.64
CA ALA E 78 14.58 -8.84 -49.67
C ALA E 78 14.80 -9.89 -50.75
N ARG E 79 13.71 -10.45 -51.27
N ARG E 79 13.72 -10.47 -51.27
CA ARG E 79 13.74 -11.52 -52.26
CA ARG E 79 13.81 -11.53 -52.27
C ARG E 79 13.13 -11.10 -53.60
C ARG E 79 13.13 -11.16 -53.59
N VAL E 80 13.87 -11.27 -54.71
CA VAL E 80 13.34 -11.02 -56.06
C VAL E 80 12.43 -12.24 -56.31
N TYR E 81 11.12 -12.02 -56.49
CA TYR E 81 10.14 -13.12 -56.62
C TYR E 81 9.40 -13.24 -57.99
N GLN E 82 9.53 -12.23 -58.88
CA GLN E 82 8.88 -12.24 -60.19
C GLN E 82 9.73 -11.47 -61.20
N LEU E 83 9.45 -11.70 -62.49
CA LEU E 83 10.24 -11.12 -63.56
C LEU E 83 9.43 -11.07 -64.88
N ASP E 84 9.65 -10.01 -65.65
CA ASP E 84 9.11 -9.80 -67.00
C ASP E 84 10.31 -9.34 -67.79
N LEU E 85 10.90 -10.25 -68.53
CA LEU E 85 12.12 -9.97 -69.28
C LEU E 85 11.87 -9.01 -70.45
N GLU E 86 10.70 -9.13 -71.12
CA GLU E 86 10.32 -8.28 -72.25
C GLU E 86 10.07 -6.83 -71.82
N ARG E 87 9.34 -6.66 -70.70
CA ARG E 87 9.00 -5.32 -70.18
C ARG E 87 10.16 -4.64 -69.43
N GLU E 88 11.24 -5.40 -69.09
CA GLU E 88 12.40 -4.92 -68.31
C GLU E 88 11.97 -4.62 -66.86
N LEU E 89 11.03 -5.43 -66.33
CA LEU E 89 10.47 -5.29 -64.97
C LEU E 89 10.96 -6.39 -64.05
N VAL E 90 11.07 -6.05 -62.76
CA VAL E 90 11.51 -6.95 -61.69
C VAL E 90 10.70 -6.66 -60.43
N TRP E 91 10.25 -7.74 -59.76
CA TRP E 91 9.39 -7.69 -58.57
C TRP E 91 10.16 -8.15 -57.32
N ILE E 92 10.35 -7.25 -56.35
CA ILE E 92 11.06 -7.55 -55.10
C ILE E 92 10.15 -7.44 -53.89
N ALA E 93 10.16 -8.47 -53.04
CA ALA E 93 9.38 -8.52 -51.80
C ALA E 93 10.33 -8.08 -50.68
N TYR E 94 9.92 -7.08 -49.87
CA TYR E 94 10.76 -6.51 -48.81
C TYR E 94 10.15 -6.74 -47.45
N PRO E 95 10.80 -7.46 -46.50
CA PRO E 95 10.19 -7.59 -45.16
C PRO E 95 10.14 -6.24 -44.41
N TRP E 96 8.93 -5.76 -44.06
CA TRP E 96 8.79 -4.45 -43.41
C TRP E 96 9.40 -4.37 -41.98
N ARG E 97 9.78 -5.52 -41.37
CA ARG E 97 10.51 -5.56 -40.10
C ARG E 97 11.87 -4.81 -40.25
N LEU E 98 12.37 -4.68 -41.52
CA LEU E 98 13.58 -3.93 -41.89
C LEU E 98 13.49 -2.49 -41.53
N PHE E 99 12.27 -1.96 -41.67
CA PHE E 99 11.98 -0.54 -41.52
C PHE E 99 11.98 -0.08 -40.10
N ASP E 100 12.50 1.13 -39.90
CA ASP E 100 12.61 1.77 -38.60
C ASP E 100 11.23 1.99 -38.04
N ARG E 101 11.11 1.72 -36.75
CA ARG E 101 9.85 1.78 -36.05
C ARG E 101 9.44 3.20 -35.73
N GLY E 102 8.19 3.33 -35.31
CA GLY E 102 7.55 4.62 -35.06
C GLY E 102 7.02 5.24 -36.34
N GLY E 103 6.71 4.39 -37.35
CA GLY E 103 6.20 4.82 -38.64
C GLY E 103 7.10 5.73 -39.43
N ASN E 104 8.40 5.46 -39.44
CA ASN E 104 9.40 6.27 -40.16
C ASN E 104 9.32 5.98 -41.64
N VAL E 105 9.00 7.02 -42.44
CA VAL E 105 8.82 6.93 -43.89
C VAL E 105 10.12 7.24 -44.61
N GLN E 106 10.94 8.22 -44.16
CA GLN E 106 12.22 8.47 -44.83
C GLN E 106 13.11 7.23 -44.83
N ASN E 107 12.99 6.37 -43.79
CA ASN E 107 13.75 5.13 -43.64
C ASN E 107 13.38 4.16 -44.75
N ILE E 108 12.08 4.01 -45.07
CA ILE E 108 11.65 3.11 -46.15
C ILE E 108 12.32 3.55 -47.45
N LEU E 109 12.24 4.85 -47.74
CA LEU E 109 12.81 5.40 -48.97
C LEU E 109 14.32 5.27 -48.98
N THR E 110 14.97 5.30 -47.82
CA THR E 110 16.43 5.08 -47.74
C THR E 110 16.82 3.67 -48.27
N TYR E 111 15.94 2.67 -48.12
CA TYR E 111 16.18 1.32 -48.61
C TYR E 111 15.79 1.19 -50.10
N ILE E 112 14.46 1.27 -50.37
CA ILE E 112 13.84 0.99 -51.67
C ILE E 112 14.15 2.00 -52.77
N ILE E 113 14.54 3.26 -52.45
CA ILE E 113 14.93 4.23 -53.49
C ILE E 113 16.17 4.99 -53.06
N GLY E 114 17.06 4.30 -52.38
CA GLY E 114 18.24 4.93 -51.81
C GLY E 114 19.55 4.82 -52.55
N ASN E 115 20.43 3.96 -52.00
CA ASN E 115 21.79 3.76 -52.50
C ASN E 115 21.85 3.04 -53.82
N ILE E 116 20.86 2.14 -54.05
CA ILE E 116 20.71 1.37 -55.30
C ILE E 116 20.65 2.26 -56.58
N LEU E 117 20.17 3.50 -56.46
CA LEU E 117 20.07 4.47 -57.56
C LEU E 117 21.42 5.03 -58.02
N GLY E 118 22.50 4.80 -57.27
CA GLY E 118 23.84 5.25 -57.63
C GLY E 118 24.74 4.11 -58.09
N MET E 119 24.22 2.87 -58.07
CA MET E 119 24.99 1.68 -58.44
C MET E 119 25.28 1.57 -59.92
N LYS E 120 26.57 1.40 -60.29
CA LYS E 120 26.97 1.27 -61.71
C LYS E 120 26.52 -0.03 -62.38
N GLU E 121 26.16 -1.04 -61.59
CA GLU E 121 25.66 -2.29 -62.15
C GLU E 121 24.21 -2.18 -62.73
N ILE E 122 23.67 -0.93 -62.95
CA ILE E 122 22.39 -0.69 -63.63
C ILE E 122 22.45 0.58 -64.49
N GLN E 123 21.63 0.61 -65.53
CA GLN E 123 21.46 1.73 -66.46
C GLN E 123 20.17 2.46 -66.10
N ALA E 124 19.10 1.70 -65.83
CA ALA E 124 17.79 2.18 -65.43
C ALA E 124 17.37 1.46 -64.17
N LEU E 125 16.70 2.18 -63.27
CA LEU E 125 16.20 1.64 -62.01
C LEU E 125 15.12 2.62 -61.55
N LYS E 126 13.85 2.32 -61.85
CA LYS E 126 12.72 3.19 -61.58
C LYS E 126 11.70 2.45 -60.73
N LEU E 127 11.46 2.88 -59.48
CA LEU E 127 10.45 2.21 -58.65
C LEU E 127 9.07 2.67 -59.15
N MET E 128 8.37 1.77 -59.85
CA MET E 128 7.09 2.08 -60.51
C MET E 128 5.87 1.99 -59.61
N ASP E 129 5.81 0.98 -58.76
CA ASP E 129 4.69 0.80 -57.85
C ASP E 129 5.22 0.12 -56.60
N ILE E 130 4.40 0.15 -55.55
CA ILE E 130 4.67 -0.45 -54.24
C ILE E 130 3.35 -0.97 -53.70
N TRP E 131 3.39 -1.89 -52.76
CA TRP E 131 2.17 -2.41 -52.18
C TRP E 131 2.33 -2.55 -50.68
N PHE E 132 1.44 -1.90 -49.91
CA PHE E 132 1.45 -1.91 -48.46
C PHE E 132 0.47 -2.93 -47.93
N PRO E 133 0.90 -3.98 -47.22
CA PRO E 133 -0.07 -4.93 -46.67
C PRO E 133 -0.81 -4.31 -45.49
N PRO E 134 -2.01 -4.80 -45.14
CA PRO E 134 -2.73 -4.23 -44.00
C PRO E 134 -1.92 -4.10 -42.72
N SER E 135 -1.18 -5.17 -42.38
CA SER E 135 -0.31 -5.26 -41.19
C SER E 135 0.72 -4.11 -41.11
N MET E 136 1.25 -3.68 -42.29
CA MET E 136 2.21 -2.59 -42.37
C MET E 136 1.52 -1.24 -42.24
N LEU E 137 0.35 -1.06 -42.86
CA LEU E 137 -0.41 0.20 -42.80
C LEU E 137 -0.69 0.66 -41.37
N GLU E 138 -0.87 -0.28 -40.43
CA GLU E 138 -1.09 0.05 -39.01
C GLU E 138 0.12 0.69 -38.32
N GLN E 139 1.32 0.45 -38.83
CA GLN E 139 2.56 0.99 -38.26
C GLN E 139 2.74 2.45 -38.55
N TYR E 140 2.05 2.93 -39.60
CA TYR E 140 2.12 4.30 -40.06
C TYR E 140 0.87 5.11 -39.65
N ASP E 141 0.97 6.43 -39.81
CA ASP E 141 -0.07 7.35 -39.39
C ASP E 141 -1.28 7.36 -40.34
N GLY E 142 -1.01 7.78 -41.56
CA GLY E 142 -2.01 8.03 -42.58
C GLY E 142 -2.53 9.42 -42.33
N PRO E 143 -3.41 9.98 -43.19
CA PRO E 143 -3.91 11.34 -42.92
C PRO E 143 -4.90 11.42 -41.74
N SER E 144 -4.82 12.51 -40.94
CA SER E 144 -5.74 12.78 -39.81
C SER E 144 -6.81 13.80 -40.26
N TYR E 145 -6.37 14.88 -40.96
CA TYR E 145 -7.22 15.90 -41.55
C TYR E 145 -7.31 15.63 -43.08
N THR E 146 -8.51 15.69 -43.68
CA THR E 146 -8.69 15.42 -45.12
C THR E 146 -9.39 16.58 -45.85
N VAL E 147 -9.54 16.42 -47.17
CA VAL E 147 -10.31 17.35 -47.99
C VAL E 147 -11.80 17.26 -47.62
N ASP E 148 -12.29 16.12 -47.09
CA ASP E 148 -13.69 16.01 -46.64
C ASP E 148 -13.96 16.94 -45.44
N ASP E 149 -12.91 17.18 -44.63
CA ASP E 149 -12.97 18.08 -43.48
C ASP E 149 -12.96 19.50 -43.98
N MET E 150 -12.12 19.80 -45.00
CA MET E 150 -12.01 21.14 -45.62
C MET E 150 -13.34 21.50 -46.27
N ARG E 151 -13.96 20.53 -46.97
CA ARG E 151 -15.26 20.69 -47.60
C ARG E 151 -16.36 21.00 -46.61
N LYS E 152 -16.32 20.41 -45.41
CA LYS E 152 -17.30 20.70 -44.35
C LYS E 152 -17.16 22.15 -43.91
N TYR E 153 -15.92 22.61 -43.67
CA TYR E 153 -15.64 23.98 -43.24
C TYR E 153 -16.10 25.02 -44.27
N LEU E 154 -15.79 24.77 -45.56
CA LEU E 154 -16.08 25.67 -46.66
C LEU E 154 -17.51 25.56 -47.20
N ASP E 155 -18.13 24.37 -47.01
CA ASP E 155 -19.44 24.01 -47.56
C ASP E 155 -19.26 23.90 -49.07
N VAL E 156 -18.19 23.19 -49.51
CA VAL E 156 -17.90 23.05 -50.93
C VAL E 156 -18.06 21.62 -51.38
N TYR E 157 -19.09 21.39 -52.17
CA TYR E 157 -19.42 20.11 -52.81
C TYR E 157 -20.18 20.48 -54.08
N ASP E 158 -20.37 19.59 -55.05
CA ASP E 158 -19.68 18.34 -55.28
C ASP E 158 -18.96 18.79 -56.56
N ARG E 159 -17.98 19.68 -56.35
CA ARG E 159 -17.19 20.33 -57.40
C ARG E 159 -15.76 20.47 -56.92
N PRO E 160 -14.77 20.78 -57.77
CA PRO E 160 -13.43 20.95 -57.24
C PRO E 160 -13.31 22.23 -56.42
N ILE E 161 -12.39 22.23 -55.45
CA ILE E 161 -12.12 23.42 -54.64
C ILE E 161 -11.29 24.33 -55.56
N LEU E 162 -11.82 25.52 -55.87
CA LEU E 162 -11.22 26.43 -56.83
C LEU E 162 -10.27 27.33 -56.11
N GLY E 163 -9.01 27.29 -56.52
CA GLY E 163 -7.96 28.04 -55.84
C GLY E 163 -6.96 28.74 -56.73
N THR E 164 -6.05 29.48 -56.08
CA THR E 164 -4.99 30.23 -56.75
C THR E 164 -3.72 30.22 -55.93
N ILE E 165 -2.65 30.67 -56.57
CA ILE E 165 -1.35 30.83 -55.96
C ILE E 165 -1.12 32.32 -56.08
N VAL E 166 -0.62 32.98 -55.02
CA VAL E 166 -0.37 34.41 -55.09
C VAL E 166 0.89 34.60 -55.92
N LYS E 167 0.75 35.33 -57.04
CA LYS E 167 1.86 35.61 -57.94
C LYS E 167 2.02 37.12 -58.01
N PRO E 168 3.21 37.70 -58.19
CA PRO E 168 4.54 37.08 -58.37
C PRO E 168 4.92 35.94 -57.44
N LYS E 169 5.73 34.99 -57.95
CA LYS E 169 6.30 33.89 -57.17
C LYS E 169 7.17 34.46 -56.04
N MET E 170 7.74 35.66 -56.24
CA MET E 170 8.49 36.38 -55.25
C MET E 170 8.53 37.85 -55.63
N GLY E 171 8.69 38.73 -54.65
CA GLY E 171 8.73 40.18 -54.88
C GLY E 171 7.61 40.97 -54.23
N LEU E 172 6.43 40.36 -54.03
CA LEU E 172 5.33 41.05 -53.34
C LEU E 172 5.64 41.18 -51.86
N THR E 173 5.21 42.29 -51.23
CA THR E 173 5.36 42.51 -49.80
C THR E 173 4.21 41.86 -49.07
N SER E 174 4.29 41.84 -47.75
CA SER E 174 3.30 41.20 -46.89
C SER E 174 1.88 41.80 -47.05
N ALA E 175 1.78 43.10 -47.39
CA ALA E 175 0.51 43.80 -47.59
C ALA E 175 -0.01 43.53 -49.02
N GLU E 176 0.87 43.69 -50.01
CA GLU E 176 0.54 43.44 -51.41
C GLU E 176 0.06 42.00 -51.54
N TYR E 177 0.72 41.06 -50.83
CA TYR E 177 0.36 39.64 -50.80
C TYR E 177 -1.10 39.47 -50.38
N ALA E 178 -1.47 40.15 -49.27
CA ALA E 178 -2.80 40.07 -48.68
C ALA E 178 -3.92 40.60 -49.60
N GLU E 179 -3.63 41.57 -50.47
CA GLU E 179 -4.64 42.08 -51.42
C GLU E 179 -4.96 40.99 -52.45
N VAL E 180 -3.92 40.29 -52.94
CA VAL E 180 -4.08 39.21 -53.93
C VAL E 180 -4.98 38.12 -53.34
N CYS E 181 -4.81 37.81 -52.04
CA CYS E 181 -5.62 36.81 -51.35
C CYS E 181 -7.05 37.27 -51.36
N TYR E 182 -7.26 38.54 -50.90
CA TYR E 182 -8.56 39.21 -50.79
C TYR E 182 -9.31 39.22 -52.12
N ASP E 183 -8.66 39.74 -53.16
CA ASP E 183 -9.22 39.85 -54.51
C ASP E 183 -9.71 38.51 -55.07
N PHE E 184 -8.93 37.42 -54.88
CA PHE E 184 -9.36 36.11 -55.36
C PHE E 184 -10.57 35.58 -54.58
N TRP E 185 -10.49 35.63 -53.26
CA TRP E 185 -11.55 35.13 -52.39
C TRP E 185 -12.88 35.87 -52.58
N VAL E 186 -12.81 37.22 -52.64
CA VAL E 186 -13.99 38.09 -52.78
C VAL E 186 -14.68 37.86 -54.14
N GLY E 187 -13.89 37.49 -55.16
CA GLY E 187 -14.38 37.15 -56.49
C GLY E 187 -14.98 35.76 -56.65
N GLY E 188 -15.21 35.02 -55.56
CA GLY E 188 -15.80 33.69 -55.57
C GLY E 188 -14.84 32.51 -55.41
N GLY E 189 -13.54 32.81 -55.28
CA GLY E 189 -12.51 31.81 -55.06
C GLY E 189 -12.57 31.23 -53.66
N ASP E 190 -12.20 29.96 -53.49
CA ASP E 190 -12.30 29.28 -52.19
C ASP E 190 -11.00 29.24 -51.40
N PHE E 191 -9.92 28.85 -52.08
CA PHE E 191 -8.63 28.49 -51.52
C PHE E 191 -7.50 29.33 -52.10
N VAL E 192 -6.60 29.83 -51.26
CA VAL E 192 -5.42 30.56 -51.71
C VAL E 192 -4.22 29.81 -51.13
N KCX E 193 -3.10 29.86 -51.81
CA KCX E 193 -1.90 29.19 -51.34
CB KCX E 193 -1.72 27.81 -52.01
CG KCX E 193 -1.13 27.81 -53.38
CD KCX E 193 -0.94 26.40 -53.98
CE KCX E 193 0.32 25.61 -53.60
NZ KCX E 193 1.53 26.43 -53.74
C KCX E 193 -0.72 30.12 -51.50
O KCX E 193 -0.77 31.04 -52.30
CX KCX E 193 2.19 26.52 -54.92
OQ1 KCX E 193 1.84 25.93 -55.91
OQ2 KCX E 193 3.26 27.26 -55.06
N ASN E 194 0.32 29.88 -50.71
CA ASN E 194 1.56 30.63 -50.89
C ASN E 194 2.25 29.96 -52.05
N ASP E 195 3.09 30.69 -52.75
CA ASP E 195 3.89 30.07 -53.78
C ASP E 195 4.97 29.33 -52.97
N GLU E 196 5.38 28.13 -53.39
CA GLU E 196 6.31 27.28 -52.65
C GLU E 196 7.57 27.98 -52.04
N PRO E 197 8.19 29.03 -52.62
CA PRO E 197 9.34 29.65 -51.95
C PRO E 197 9.00 30.90 -51.14
N GLN E 198 7.70 31.24 -51.00
CA GLN E 198 7.29 32.42 -50.24
C GLN E 198 7.35 32.14 -48.76
N ALA E 199 8.12 32.96 -48.02
CA ALA E 199 8.30 32.75 -46.59
C ALA E 199 8.66 34.07 -45.87
N ASN E 200 9.88 34.18 -45.28
CA ASN E 200 10.26 35.35 -44.52
C ASN E 200 11.42 36.09 -45.20
N GLN E 201 11.18 36.59 -46.41
CA GLN E 201 12.18 37.38 -47.10
C GLN E 201 12.07 38.77 -46.46
N ASP E 202 13.15 39.55 -46.50
CA ASP E 202 13.19 40.84 -45.80
C ASP E 202 12.03 41.80 -46.11
N PHE E 203 11.54 41.77 -47.34
CA PHE E 203 10.46 42.64 -47.83
C PHE E 203 9.04 42.12 -47.55
N CYS E 204 8.89 40.87 -47.08
CA CYS E 204 7.59 40.26 -46.77
CA CYS E 204 7.59 40.27 -46.78
C CYS E 204 7.65 39.57 -45.40
N PRO E 205 7.73 40.38 -44.28
CA PRO E 205 7.80 39.78 -42.95
C PRO E 205 6.65 38.85 -42.61
N TYR E 206 6.98 37.60 -42.29
CA TYR E 206 6.01 36.53 -41.99
C TYR E 206 4.92 36.91 -40.95
N GLU E 207 5.34 37.58 -39.84
CA GLU E 207 4.46 38.04 -38.75
C GLU E 207 3.40 39.03 -39.30
N LYS E 208 3.82 39.92 -40.23
CA LYS E 208 2.94 40.90 -40.86
C LYS E 208 2.00 40.18 -41.83
N MET E 209 2.56 39.38 -42.74
CA MET E 209 1.80 38.62 -43.75
C MET E 209 0.66 37.81 -43.14
N VAL E 210 0.95 37.06 -42.07
CA VAL E 210 -0.06 36.22 -41.42
C VAL E 210 -1.20 37.04 -40.82
N ALA E 211 -0.91 38.24 -40.29
CA ALA E 211 -1.93 39.14 -39.73
C ALA E 211 -2.79 39.77 -40.83
N HIS E 212 -2.14 40.32 -41.88
CA HIS E 212 -2.82 40.93 -43.03
C HIS E 212 -3.73 39.92 -43.77
N VAL E 213 -3.27 38.64 -43.87
CA VAL E 213 -4.05 37.55 -44.46
C VAL E 213 -5.26 37.24 -43.55
N LYS E 214 -5.10 37.39 -42.22
CA LYS E 214 -6.21 37.19 -41.27
C LYS E 214 -7.32 38.27 -41.49
N GLU E 215 -6.91 39.55 -41.73
CA GLU E 215 -7.83 40.66 -41.97
C GLU E 215 -8.52 40.50 -43.32
N ALA E 216 -7.70 40.29 -44.38
CA ALA E 216 -8.14 40.05 -45.76
C ALA E 216 -9.19 38.93 -45.82
N MET E 217 -9.02 37.88 -45.00
CA MET E 217 -9.99 36.79 -44.94
C MET E 217 -11.27 37.26 -44.29
N ASP E 218 -11.14 37.96 -43.14
CA ASP E 218 -12.30 38.46 -42.41
C ASP E 218 -13.19 39.32 -43.33
N LYS E 219 -12.59 40.33 -43.97
CA LYS E 219 -13.30 41.18 -44.93
C LYS E 219 -13.94 40.41 -46.11
N ALA E 220 -13.25 39.38 -46.63
CA ALA E 220 -13.73 38.60 -47.76
C ALA E 220 -14.87 37.65 -47.40
N VAL E 221 -14.81 37.06 -46.20
CA VAL E 221 -15.84 36.13 -45.71
C VAL E 221 -17.11 36.96 -45.35
N LYS E 222 -16.90 38.24 -44.97
CA LYS E 222 -18.00 39.16 -44.62
C LYS E 222 -18.84 39.47 -45.89
N GLU E 223 -18.16 39.86 -46.96
CA GLU E 223 -18.76 40.28 -48.22
C GLU E 223 -19.38 39.16 -49.05
N THR E 224 -18.74 38.00 -49.11
CA THR E 224 -19.25 36.87 -49.89
C THR E 224 -20.29 36.02 -49.13
N GLY E 225 -20.21 36.03 -47.79
CA GLY E 225 -21.04 35.19 -46.95
C GLY E 225 -20.57 33.73 -46.94
N GLN E 226 -19.36 33.48 -47.48
CA GLN E 226 -18.77 32.16 -47.66
C GLN E 226 -17.41 32.07 -46.94
N LYS E 227 -17.10 30.87 -46.41
CA LYS E 227 -15.85 30.64 -45.70
C LYS E 227 -14.73 30.48 -46.73
N LYS E 228 -13.47 30.80 -46.34
CA LYS E 228 -12.31 30.74 -47.24
C LYS E 228 -11.10 30.12 -46.54
N VAL E 229 -10.15 29.53 -47.29
CA VAL E 229 -8.95 28.86 -46.74
C VAL E 229 -7.62 29.43 -47.29
N HIS E 230 -6.57 29.45 -46.44
CA HIS E 230 -5.20 29.85 -46.86
C HIS E 230 -4.20 28.75 -46.48
N SER E 231 -3.41 28.27 -47.47
CA SER E 231 -2.35 27.27 -47.26
C SER E 231 -1.05 28.04 -47.12
N PHE E 232 -0.57 28.19 -45.88
CA PHE E 232 0.65 28.93 -45.56
C PHE E 232 1.86 28.06 -45.74
N ASN E 233 2.92 28.60 -46.35
CA ASN E 233 4.16 27.86 -46.48
C ASN E 233 4.91 27.95 -45.15
N VAL E 234 5.12 26.81 -44.50
CA VAL E 234 5.81 26.72 -43.22
C VAL E 234 7.21 26.12 -43.38
N SER E 235 7.63 25.82 -44.64
CA SER E 235 8.96 25.33 -44.93
C SER E 235 9.93 26.42 -44.47
N ALA E 236 10.87 26.02 -43.61
CA ALA E 236 11.83 26.92 -42.99
C ALA E 236 13.21 26.29 -43.01
N ALA E 237 14.21 27.02 -42.53
CA ALA E 237 15.60 26.55 -42.47
C ALA E 237 15.73 25.32 -41.59
N ASP E 238 15.05 25.31 -40.44
CA ASP E 238 15.11 24.26 -39.43
C ASP E 238 13.74 23.97 -38.76
N PHE E 239 13.69 22.97 -37.87
N PHE E 239 13.74 23.02 -37.82
CA PHE E 239 12.44 22.59 -37.18
CA PHE E 239 12.57 22.54 -37.08
C PHE E 239 11.94 23.69 -36.24
C PHE E 239 11.99 23.56 -36.13
N ASP E 240 12.85 24.32 -35.47
CA ASP E 240 12.43 25.34 -34.52
C ASP E 240 11.73 26.50 -35.23
N THR E 241 12.24 26.92 -36.39
CA THR E 241 11.63 27.99 -37.19
C THR E 241 10.27 27.56 -37.77
N MET E 242 10.16 26.31 -38.25
CA MET E 242 8.87 25.83 -38.78
C MET E 242 7.75 25.92 -37.74
N ILE E 243 8.05 25.51 -36.48
CA ILE E 243 7.05 25.54 -35.41
C ILE E 243 6.75 26.99 -34.97
N GLU E 244 7.78 27.88 -34.99
CA GLU E 244 7.65 29.31 -34.71
C GLU E 244 6.57 29.87 -35.62
N ARG E 245 6.65 29.49 -36.92
CA ARG E 245 5.75 29.91 -37.98
C ARG E 245 4.38 29.22 -37.88
N CYS E 246 4.34 27.90 -37.62
CA CYS E 246 3.06 27.21 -37.40
C CYS E 246 2.33 27.87 -36.22
N GLU E 247 3.10 28.32 -35.18
CA GLU E 247 2.52 28.96 -33.98
C GLU E 247 2.07 30.40 -34.21
N MET E 248 2.73 31.15 -35.12
CA MET E 248 2.28 32.50 -35.48
C MET E 248 0.86 32.38 -36.00
N ILE E 249 0.63 31.43 -36.90
CA ILE E 249 -0.68 31.16 -37.50
C ILE E 249 -1.70 30.66 -36.44
N THR E 250 -1.30 29.77 -35.56
CA THR E 250 -2.16 29.19 -34.52
C THR E 250 -2.71 30.25 -33.53
N ASN E 251 -1.93 31.31 -33.26
CA ASN E 251 -2.33 32.38 -32.34
C ASN E 251 -2.70 33.68 -33.08
N ALA E 252 -2.92 33.62 -34.41
CA ALA E 252 -3.29 34.79 -35.21
C ALA E 252 -4.80 35.08 -35.16
N GLY E 253 -5.58 34.16 -34.57
CA GLY E 253 -7.01 34.35 -34.39
C GLY E 253 -7.88 33.84 -35.53
N PHE E 254 -7.37 32.88 -36.33
CA PHE E 254 -8.13 32.31 -37.44
C PHE E 254 -9.18 31.37 -36.92
N GLU E 255 -10.29 31.27 -37.65
CA GLU E 255 -11.33 30.33 -37.26
C GLU E 255 -10.84 28.92 -37.63
N PRO E 256 -10.93 27.96 -36.71
CA PRO E 256 -10.50 26.58 -37.03
C PRO E 256 -11.09 26.06 -38.36
N GLY E 257 -10.21 25.58 -39.25
CA GLY E 257 -10.57 25.09 -40.58
C GLY E 257 -10.07 25.96 -41.72
N SER E 258 -9.89 27.27 -41.45
CA SER E 258 -9.50 28.25 -42.46
C SER E 258 -8.01 28.35 -42.78
N TYR E 259 -7.17 27.46 -42.26
CA TYR E 259 -5.76 27.50 -42.62
C TYR E 259 -5.19 26.10 -42.76
N ALA E 260 -4.31 25.94 -43.75
CA ALA E 260 -3.59 24.71 -44.02
C ALA E 260 -2.11 25.06 -43.90
N PHE E 261 -1.28 24.00 -43.76
CA PHE E 261 0.17 24.15 -43.69
C PHE E 261 0.76 23.48 -44.91
N LEU E 262 1.56 24.24 -45.67
CA LEU E 262 2.23 23.80 -46.87
C LEU E 262 3.69 23.51 -46.56
N ILE E 263 4.16 22.32 -46.98
CA ILE E 263 5.54 21.88 -46.80
C ILE E 263 6.07 21.36 -48.13
N ASP E 264 7.34 21.72 -48.47
CA ASP E 264 8.03 21.21 -49.65
C ASP E 264 8.64 19.88 -49.25
N GLY E 265 7.85 18.82 -49.29
CA GLY E 265 8.29 17.50 -48.86
C GLY E 265 9.59 16.97 -49.45
N ILE E 266 9.91 17.28 -50.72
CA ILE E 266 11.16 16.78 -51.30
C ILE E 266 12.35 17.57 -50.70
N THR E 267 12.40 18.90 -50.86
CA THR E 267 13.54 19.70 -50.36
C THR E 267 13.56 19.84 -48.82
N ALA E 268 12.41 20.15 -48.21
CA ALA E 268 12.32 20.30 -46.75
C ALA E 268 12.59 18.95 -46.05
N GLY E 269 11.98 17.89 -46.61
CA GLY E 269 12.14 16.53 -46.16
C GLY E 269 10.86 15.89 -45.75
N TRP E 270 10.90 14.56 -45.65
CA TRP E 270 9.77 13.77 -45.20
C TRP E 270 9.66 13.89 -43.68
N MET E 271 10.76 14.24 -42.99
CA MET E 271 10.70 14.40 -41.55
C MET E 271 9.84 15.62 -41.19
N ALA E 272 9.95 16.68 -42.00
CA ALA E 272 9.11 17.89 -41.89
C ALA E 272 7.66 17.58 -42.12
N VAL E 273 7.38 16.75 -43.08
CA VAL E 273 6.03 16.32 -43.38
C VAL E 273 5.45 15.61 -42.13
N GLN E 274 6.19 14.62 -41.61
CA GLN E 274 5.73 13.83 -40.45
C GLN E 274 5.61 14.60 -39.14
N THR E 275 6.46 15.61 -38.92
CA THR E 275 6.38 16.42 -37.71
C THR E 275 5.08 17.23 -37.71
N LEU E 276 4.82 17.96 -38.79
CA LEU E 276 3.60 18.73 -38.94
C LEU E 276 2.36 17.83 -38.75
N ARG E 277 2.38 16.63 -39.30
CA ARG E 277 1.28 15.67 -39.17
C ARG E 277 0.98 15.33 -37.72
N ARG E 278 2.03 15.04 -36.95
CA ARG E 278 1.90 14.61 -35.55
C ARG E 278 1.73 15.75 -34.56
N ARG E 279 2.29 16.92 -34.86
CA ARG E 279 2.13 18.11 -34.02
C ARG E 279 0.88 18.91 -34.35
N TYR E 280 0.42 18.85 -35.63
CA TYR E 280 -0.76 19.56 -36.13
C TYR E 280 -1.69 18.60 -36.89
N PRO E 281 -2.22 17.57 -36.20
CA PRO E 281 -3.10 16.61 -36.88
C PRO E 281 -4.46 17.15 -37.28
N ASP E 282 -4.94 18.25 -36.67
CA ASP E 282 -6.24 18.85 -36.98
C ASP E 282 -6.13 20.03 -37.99
N VAL E 283 -4.96 20.14 -38.69
CA VAL E 283 -4.68 21.13 -39.72
C VAL E 283 -4.42 20.37 -41.03
N PHE E 284 -4.85 20.92 -42.16
CA PHE E 284 -4.64 20.29 -43.46
C PHE E 284 -3.15 20.48 -43.81
N LEU E 285 -2.46 19.34 -44.09
CA LEU E 285 -1.05 19.27 -44.46
C LEU E 285 -1.00 19.13 -45.96
N HIS E 286 -0.50 20.17 -46.59
CA HIS E 286 -0.40 20.31 -48.03
C HIS E 286 1.03 20.00 -48.46
N PHE E 287 1.19 18.88 -49.17
CA PHE E 287 2.49 18.47 -49.66
C PHE E 287 2.76 19.11 -51.02
N HIS E 288 3.70 20.06 -51.06
CA HIS E 288 4.16 20.64 -52.30
C HIS E 288 5.41 19.83 -52.67
N ARG E 289 5.59 19.52 -53.96
CA ARG E 289 6.64 18.59 -54.38
C ARG E 289 7.73 19.23 -55.26
N ALA E 290 8.16 20.46 -54.93
CA ALA E 290 9.25 21.06 -55.73
C ALA E 290 10.52 20.20 -55.63
N ALA E 291 11.14 19.90 -56.81
CA ALA E 291 12.38 19.11 -57.06
C ALA E 291 12.11 17.59 -57.32
N HIS E 292 10.82 17.17 -57.39
CA HIS E 292 10.46 15.78 -57.69
C HIS E 292 10.86 15.33 -59.12
N GLY E 293 10.95 16.29 -60.05
CA GLY E 293 11.31 16.02 -61.44
C GLY E 293 12.41 14.99 -61.56
N ALA E 294 13.53 15.20 -60.86
CA ALA E 294 14.67 14.25 -60.86
C ALA E 294 14.24 12.77 -60.71
N PHE E 295 13.25 12.50 -59.86
CA PHE E 295 12.77 11.15 -59.62
C PHE E 295 11.71 10.69 -60.60
N THR E 296 10.65 11.50 -60.74
CA THR E 296 9.45 11.17 -61.52
C THR E 296 9.55 11.31 -63.05
N ARG E 297 10.35 12.25 -63.53
CA ARG E 297 10.45 12.60 -64.95
C ARG E 297 10.82 11.41 -65.87
N GLN E 298 10.14 11.33 -67.03
CA GLN E 298 10.28 10.25 -68.04
C GLN E 298 11.67 10.19 -68.65
N GLU E 299 12.24 11.37 -68.95
CA GLU E 299 13.58 11.52 -69.52
C GLU E 299 14.67 10.95 -68.62
N ASN E 300 14.39 10.79 -67.30
CA ASN E 300 15.29 10.26 -66.29
C ASN E 300 15.07 8.76 -66.07
N PRO E 301 15.97 7.86 -66.54
CA PRO E 301 15.75 6.41 -66.36
C PRO E 301 15.76 5.88 -64.92
N ILE E 302 16.41 6.62 -63.99
CA ILE E 302 16.52 6.20 -62.59
C ILE E 302 15.70 7.12 -61.67
N GLY E 303 14.95 6.53 -60.74
CA GLY E 303 14.14 7.24 -59.77
C GLY E 303 12.90 6.46 -59.34
N PHE E 304 11.74 7.12 -59.34
CA PHE E 304 10.45 6.49 -59.00
C PHE E 304 9.29 7.22 -59.69
N SER E 305 8.15 6.56 -59.85
CA SER E 305 6.97 7.15 -60.50
C SER E 305 6.20 8.14 -59.60
N VAL E 306 5.28 8.93 -60.21
CA VAL E 306 4.41 9.88 -59.51
C VAL E 306 3.49 9.10 -58.56
N LEU E 307 3.03 7.90 -58.96
CA LEU E 307 2.18 7.06 -58.10
C LEU E 307 2.92 6.66 -56.79
N VAL E 308 4.22 6.36 -56.89
CA VAL E 308 5.01 5.97 -55.71
C VAL E 308 5.14 7.18 -54.74
N LEU E 309 5.43 8.39 -55.26
CA LEU E 309 5.49 9.61 -54.44
C LEU E 309 4.17 9.90 -53.75
N SER E 310 3.09 9.75 -54.50
CA SER E 310 1.73 10.01 -54.03
C SER E 310 1.26 8.97 -52.99
N LYS E 311 1.66 7.71 -53.18
CA LYS E 311 1.34 6.65 -52.22
C LYS E 311 2.07 6.83 -50.89
N PHE E 312 3.29 7.37 -50.91
CA PHE E 312 4.03 7.60 -49.67
C PHE E 312 3.52 8.83 -48.93
N ALA E 313 3.15 9.90 -49.65
CA ALA E 313 2.56 11.10 -49.04
C ALA E 313 1.25 10.79 -48.29
N ARG E 314 0.44 9.82 -48.78
CA ARG E 314 -0.78 9.45 -48.06
C ARG E 314 -0.37 8.73 -46.77
N LEU E 315 0.52 7.73 -46.90
CA LEU E 315 1.08 6.96 -45.76
C LEU E 315 1.65 7.89 -44.69
N ALA E 316 2.56 8.80 -45.08
CA ALA E 316 3.19 9.76 -44.18
C ALA E 316 2.19 10.67 -43.40
N GLY E 317 1.01 10.89 -44.00
CA GLY E 317 -0.08 11.66 -43.40
C GLY E 317 -0.47 12.96 -44.09
N ALA E 318 0.08 13.29 -45.27
CA ALA E 318 -0.32 14.51 -45.99
C ALA E 318 -1.82 14.47 -46.28
N SER E 319 -2.46 15.62 -46.13
CA SER E 319 -3.90 15.78 -46.33
C SER E 319 -4.18 15.97 -47.80
N GLY E 320 -3.14 16.43 -48.51
CA GLY E 320 -3.18 16.63 -49.94
C GLY E 320 -1.79 16.75 -50.55
N ILE E 321 -1.66 16.29 -51.81
CA ILE E 321 -0.39 16.34 -52.54
C ILE E 321 -0.64 16.68 -54.00
N HIS E 322 0.31 17.41 -54.61
CA HIS E 322 0.24 17.79 -56.00
C HIS E 322 0.49 16.57 -56.88
N THR E 323 -0.54 16.12 -57.62
CA THR E 323 -0.52 14.95 -58.51
C THR E 323 -0.30 15.27 -60.00
N GLY E 324 -0.32 16.55 -60.37
CA GLY E 324 -0.13 16.96 -61.75
C GLY E 324 -1.41 17.17 -62.56
N THR E 325 -1.24 17.84 -63.72
CA THR E 325 -2.29 18.22 -64.66
C THR E 325 -2.55 17.23 -65.80
N ALA E 326 -1.98 16.00 -65.75
CA ALA E 326 -2.08 15.01 -66.85
C ALA E 326 -1.47 15.52 -68.20
N GLY E 327 -0.54 16.47 -68.12
CA GLY E 327 0.11 17.05 -69.29
C GLY E 327 -0.62 18.22 -69.93
N ILE E 328 -1.82 18.54 -69.44
CA ILE E 328 -2.62 19.66 -69.95
C ILE E 328 -1.91 20.98 -69.68
N GLY E 329 -1.25 21.05 -68.52
CA GLY E 329 -0.53 22.24 -68.09
C GLY E 329 0.90 22.31 -68.59
N LYS E 330 1.74 23.11 -67.92
CA LYS E 330 3.14 23.36 -68.30
C LYS E 330 4.13 22.29 -67.91
N MET E 331 3.69 21.26 -67.15
CA MET E 331 4.54 20.20 -66.63
C MET E 331 4.28 18.85 -67.34
N LYS E 332 5.37 18.07 -67.57
CA LYS E 332 5.37 16.75 -68.21
C LYS E 332 4.99 15.58 -67.23
N GLY E 333 3.81 14.97 -67.29
CA GLY E 333 2.67 15.34 -68.12
C GLY E 333 1.99 14.20 -68.84
N THR E 334 1.24 13.34 -68.12
CA THR E 334 0.53 12.22 -68.78
C THR E 334 -0.70 11.77 -67.99
N PRO E 335 -1.83 11.41 -68.64
CA PRO E 335 -2.99 10.89 -67.89
C PRO E 335 -2.71 9.57 -67.18
N ALA E 336 -2.09 8.61 -67.91
CA ALA E 336 -1.72 7.31 -67.35
C ALA E 336 -0.83 7.45 -66.11
N GLU E 337 0.03 8.48 -66.05
CA GLU E 337 0.91 8.71 -64.88
C GLU E 337 0.18 9.42 -63.71
N ASP E 338 -0.40 10.61 -64.01
CA ASP E 338 -1.01 11.55 -63.05
C ASP E 338 -2.43 11.17 -62.55
N VAL E 339 -3.26 10.47 -63.34
CA VAL E 339 -4.63 10.11 -62.91
C VAL E 339 -4.61 8.80 -62.13
N VAL E 340 -3.72 7.86 -62.51
CA VAL E 340 -3.51 6.58 -61.81
C VAL E 340 -3.04 6.92 -60.38
N ALA E 341 -2.09 7.88 -60.29
CA ALA E 341 -1.54 8.38 -59.05
C ALA E 341 -2.65 9.00 -58.21
N ALA E 342 -3.36 10.00 -58.77
CA ALA E 342 -4.44 10.71 -58.10
C ALA E 342 -5.53 9.78 -57.55
N HIS E 343 -5.87 8.69 -58.27
CA HIS E 343 -6.88 7.74 -57.80
C HIS E 343 -6.41 6.87 -56.62
N SER E 344 -5.10 6.51 -56.54
CA SER E 344 -4.63 5.68 -55.41
C SER E 344 -4.69 6.49 -54.10
N ILE E 345 -4.42 7.81 -54.16
CA ILE E 345 -4.57 8.67 -52.98
C ILE E 345 -6.05 9.02 -52.69
N GLN E 346 -6.88 9.20 -53.70
CA GLN E 346 -8.30 9.51 -53.52
C GLN E 346 -9.15 8.36 -53.03
N TYR E 347 -9.03 7.20 -53.67
CA TYR E 347 -9.92 6.07 -53.42
C TYR E 347 -9.42 5.04 -52.41
N LEU E 348 -10.39 4.32 -51.79
CA LEU E 348 -10.11 3.24 -50.86
C LEU E 348 -9.43 2.08 -51.61
N LYS E 349 -9.92 1.73 -52.80
CA LYS E 349 -9.39 0.70 -53.70
C LYS E 349 -9.01 1.36 -55.07
N SER E 350 -7.85 0.99 -55.64
CA SER E 350 -7.32 1.57 -56.90
C SER E 350 -6.58 0.48 -57.71
N PRO E 351 -6.42 0.62 -59.05
CA PRO E 351 -5.82 -0.47 -59.86
C PRO E 351 -4.40 -0.98 -59.49
N GLY E 352 -3.34 -0.19 -59.30
CA GLY E 352 -3.15 1.23 -59.60
C GLY E 352 -2.32 1.23 -60.87
N HIS E 353 -1.08 0.66 -60.81
CA HIS E 353 -0.19 0.44 -61.96
C HIS E 353 0.03 -1.09 -62.08
N PHE E 354 0.84 -1.65 -61.16
CA PHE E 354 1.18 -3.06 -61.10
C PHE E 354 0.55 -3.78 -59.90
N PHE E 355 0.08 -3.01 -58.86
CA PHE E 355 -0.49 -3.57 -57.64
C PHE E 355 -1.83 -2.95 -57.30
N GLU E 356 -2.84 -3.81 -57.01
CA GLU E 356 -4.16 -3.36 -56.58
C GLU E 356 -4.03 -3.08 -55.11
N GLN E 357 -4.35 -1.85 -54.73
CA GLN E 357 -4.24 -1.39 -53.36
C GLN E 357 -5.57 -1.02 -52.74
N THR E 358 -6.05 -1.82 -51.78
CA THR E 358 -7.18 -1.45 -50.95
C THR E 358 -6.48 -0.88 -49.69
N TRP E 359 -6.72 0.39 -49.31
CA TRP E 359 -6.04 1.02 -48.17
C TRP E 359 -6.55 0.65 -46.75
N SER E 360 -7.18 -0.53 -46.58
CA SER E 360 -7.59 -1.11 -45.29
C SER E 360 -6.43 -2.08 -44.94
N LYS E 361 -5.70 -2.07 -43.77
CA LYS E 361 -5.79 -1.74 -42.33
C LYS E 361 -6.51 -2.89 -41.61
N ILE E 362 -7.57 -3.46 -42.22
CA ILE E 362 -8.23 -4.70 -41.83
C ILE E 362 -8.31 -5.58 -43.12
N MET E 363 -9.03 -6.74 -43.10
CA MET E 363 -9.04 -7.63 -44.30
C MET E 363 -10.12 -7.29 -45.34
N ASP E 364 -9.68 -7.20 -46.61
CA ASP E 364 -10.47 -6.81 -47.80
C ASP E 364 -11.73 -7.64 -48.05
N THR E 365 -11.77 -8.86 -47.51
CA THR E 365 -12.89 -9.75 -47.67
C THR E 365 -14.02 -9.47 -46.66
N ASP E 366 -13.78 -8.66 -45.60
CA ASP E 366 -14.81 -8.36 -44.60
C ASP E 366 -15.91 -7.48 -45.23
N LYS E 367 -17.20 -7.90 -45.08
CA LYS E 367 -18.37 -7.17 -45.63
C LYS E 367 -18.35 -5.68 -45.31
N ASP E 368 -17.81 -5.30 -44.14
CA ASP E 368 -17.71 -3.90 -43.72
C ASP E 368 -16.74 -3.09 -44.63
N VAL E 369 -15.73 -3.75 -45.27
CA VAL E 369 -14.75 -3.13 -46.19
C VAL E 369 -15.34 -3.05 -47.60
N ILE E 370 -16.04 -4.12 -48.03
CA ILE E 370 -16.73 -4.21 -49.33
C ILE E 370 -17.74 -3.05 -49.43
N ASN E 371 -18.57 -2.90 -48.37
CA ASN E 371 -19.57 -1.83 -48.26
C ASN E 371 -18.87 -0.46 -48.25
N LEU E 372 -17.75 -0.35 -47.50
CA LEU E 372 -16.90 0.86 -47.44
C LEU E 372 -16.38 1.20 -48.83
N VAL E 373 -15.98 0.19 -49.63
CA VAL E 373 -15.48 0.41 -51.00
C VAL E 373 -16.65 0.87 -51.89
N ASN E 374 -17.81 0.19 -51.81
CA ASN E 374 -19.01 0.57 -52.59
C ASN E 374 -19.46 2.00 -52.26
N GLU E 375 -19.47 2.34 -50.97
CA GLU E 375 -19.83 3.68 -50.47
C GLU E 375 -18.88 4.75 -51.03
N ASP E 376 -17.58 4.47 -51.07
CA ASP E 376 -16.58 5.38 -51.64
C ASP E 376 -16.82 5.55 -53.18
N LEU E 377 -17.14 4.42 -53.85
CA LEU E 377 -17.52 4.40 -55.28
C LEU E 377 -18.76 5.29 -55.50
N ALA E 378 -19.78 5.11 -54.62
CA ALA E 378 -21.03 5.89 -54.61
C ALA E 378 -20.85 7.37 -54.14
N HIS E 379 -19.60 7.81 -53.87
CA HIS E 379 -19.21 9.16 -53.45
C HIS E 379 -19.83 9.56 -52.09
N HIS E 380 -19.73 8.65 -51.10
CA HIS E 380 -20.14 8.89 -49.73
C HIS E 380 -18.88 9.10 -48.88
N VAL E 381 -18.98 9.99 -47.86
CA VAL E 381 -17.86 10.22 -46.95
C VAL E 381 -17.82 9.04 -45.97
N ILE E 382 -16.62 8.48 -45.80
CA ILE E 382 -16.38 7.30 -44.98
C ILE E 382 -15.26 7.59 -43.93
N LEU E 383 -15.12 6.68 -42.95
CA LEU E 383 -14.08 6.71 -41.91
C LEU E 383 -14.22 7.83 -40.85
N GLU E 384 -15.42 8.42 -40.67
CA GLU E 384 -15.64 9.44 -39.64
C GLU E 384 -15.76 8.74 -38.28
N ASP E 385 -16.60 7.69 -38.22
CA ASP E 385 -16.83 6.91 -37.01
C ASP E 385 -16.09 5.57 -36.98
N ASP E 386 -15.33 5.22 -38.04
CA ASP E 386 -14.65 3.93 -38.12
C ASP E 386 -13.25 4.01 -38.74
N SER E 387 -12.46 5.03 -38.34
CA SER E 387 -11.08 5.28 -38.81
C SER E 387 -10.06 4.13 -38.57
N TRP E 388 -10.40 3.15 -37.71
CA TRP E 388 -9.55 2.00 -37.47
C TRP E 388 -9.49 1.08 -38.72
N ARG E 389 -10.54 1.10 -39.56
CA ARG E 389 -10.68 0.22 -40.70
C ARG E 389 -9.79 0.52 -41.90
N ALA E 390 -9.45 1.79 -42.16
CA ALA E 390 -8.63 2.09 -43.33
C ALA E 390 -7.93 3.41 -43.23
N MET E 391 -6.92 3.60 -44.08
CA MET E 391 -6.20 4.86 -44.16
C MET E 391 -7.12 5.86 -44.83
N LYS E 392 -7.14 7.09 -44.32
CA LYS E 392 -8.00 8.13 -44.87
C LYS E 392 -7.44 8.65 -46.19
N LYS E 393 -8.31 9.25 -47.03
CA LYS E 393 -7.92 9.78 -48.34
C LYS E 393 -6.92 10.93 -48.27
N CYS E 394 -6.10 11.07 -49.33
CA CYS E 394 -5.14 12.16 -49.47
C CYS E 394 -5.52 12.86 -50.77
N CYS E 395 -5.77 14.17 -50.72
CA CYS E 395 -6.31 14.95 -51.82
C CYS E 395 -5.34 15.28 -52.95
N PRO E 396 -5.73 15.09 -54.23
CA PRO E 396 -4.88 15.57 -55.32
C PRO E 396 -5.01 17.09 -55.46
N ILE E 397 -3.86 17.78 -55.67
CA ILE E 397 -3.80 19.22 -55.91
C ILE E 397 -3.31 19.38 -57.37
N VAL E 398 -4.21 19.84 -58.25
CA VAL E 398 -3.99 19.92 -59.70
C VAL E 398 -3.47 21.33 -60.01
N SER E 399 -2.24 21.44 -60.48
CA SER E 399 -1.63 22.76 -60.68
C SER E 399 -0.53 22.79 -61.71
N GLY E 400 -0.32 23.96 -62.30
CA GLY E 400 0.78 24.22 -63.23
C GLY E 400 0.42 24.65 -64.64
N GLY E 401 0.16 25.93 -64.81
CA GLY E 401 -0.14 26.51 -66.11
C GLY E 401 -1.51 26.15 -66.63
N LEU E 402 -2.51 26.19 -65.75
CA LEU E 402 -3.91 25.92 -66.08
C LEU E 402 -4.60 27.28 -66.19
N ASN E 403 -5.88 27.26 -66.61
CA ASN E 403 -6.74 28.43 -66.75
C ASN E 403 -8.19 27.92 -66.89
N PRO E 404 -9.23 28.79 -66.82
CA PRO E 404 -10.62 28.28 -66.89
C PRO E 404 -10.98 27.46 -68.14
N VAL E 405 -10.20 27.66 -69.23
CA VAL E 405 -10.40 26.93 -70.48
C VAL E 405 -9.93 25.49 -70.33
N LYS E 406 -8.85 25.25 -69.52
CA LYS E 406 -8.28 23.92 -69.28
C LYS E 406 -8.95 23.13 -68.13
N LEU E 407 -10.00 23.68 -67.49
CA LEU E 407 -10.70 23.00 -66.39
C LEU E 407 -11.46 21.75 -66.84
N LYS E 408 -12.42 21.87 -67.80
CA LYS E 408 -13.19 20.70 -68.28
C LYS E 408 -12.27 19.61 -68.88
N PRO E 409 -11.34 19.98 -69.80
CA PRO E 409 -10.37 18.99 -70.32
C PRO E 409 -9.73 18.14 -69.23
N PHE E 410 -9.32 18.79 -68.10
CA PHE E 410 -8.77 18.10 -66.94
C PHE E 410 -9.80 17.20 -66.24
N ILE E 411 -11.00 17.71 -65.96
CA ILE E 411 -12.02 16.92 -65.27
C ILE E 411 -12.35 15.65 -66.07
N ASP E 412 -12.41 15.76 -67.40
CA ASP E 412 -12.73 14.64 -68.29
C ASP E 412 -11.72 13.51 -68.17
N VAL E 413 -10.43 13.85 -68.16
CA VAL E 413 -9.35 12.87 -68.02
C VAL E 413 -9.28 12.30 -66.58
N MET E 414 -9.59 13.13 -65.57
CA MET E 414 -9.62 12.70 -64.18
C MET E 414 -10.79 11.75 -63.93
N GLU E 415 -11.98 12.06 -64.43
CA GLU E 415 -13.22 11.27 -64.27
C GLU E 415 -13.85 11.45 -62.86
N ASN E 416 -13.53 12.55 -62.15
CA ASN E 416 -14.13 12.90 -60.86
C ASN E 416 -13.89 14.38 -60.59
N VAL E 417 -14.41 14.90 -59.46
CA VAL E 417 -14.24 16.28 -59.02
C VAL E 417 -13.74 16.38 -57.55
N ASP E 418 -13.20 15.28 -56.95
CA ASP E 418 -12.68 15.37 -55.56
C ASP E 418 -11.19 15.75 -55.58
N PHE E 419 -10.95 17.01 -55.95
CA PHE E 419 -9.61 17.58 -55.98
C PHE E 419 -9.66 19.10 -55.80
N ILE E 420 -8.48 19.68 -55.57
CA ILE E 420 -8.27 21.11 -55.43
C ILE E 420 -7.54 21.52 -56.69
N THR E 421 -7.90 22.65 -57.30
CA THR E 421 -7.17 23.16 -58.46
C THR E 421 -6.69 24.53 -58.12
N THR E 422 -5.42 24.81 -58.42
CA THR E 422 -4.85 26.11 -58.17
C THR E 422 -4.41 26.66 -59.52
N MET E 423 -4.80 27.91 -59.80
CA MET E 423 -4.44 28.61 -61.02
C MET E 423 -3.85 29.94 -60.66
N GLY E 424 -2.54 30.04 -60.75
CA GLY E 424 -1.86 31.30 -60.48
C GLY E 424 -2.00 32.23 -61.66
N SER E 425 -1.20 31.96 -62.73
CA SER E 425 -1.20 32.73 -63.98
C SER E 425 -2.58 32.77 -64.68
N GLY E 426 -3.34 31.68 -64.61
CA GLY E 426 -4.68 31.62 -65.19
C GLY E 426 -5.73 32.49 -64.53
N VAL E 427 -5.37 33.16 -63.40
CA VAL E 427 -6.24 34.08 -62.67
C VAL E 427 -5.66 35.51 -62.69
N HIS E 428 -4.39 35.68 -62.29
CA HIS E 428 -3.79 37.02 -62.19
C HIS E 428 -3.42 37.65 -63.53
N SER E 429 -3.32 36.84 -64.61
CA SER E 429 -3.03 37.36 -65.96
C SER E 429 -4.32 37.72 -66.73
N HIS E 430 -5.51 37.47 -66.14
CA HIS E 430 -6.79 37.82 -66.74
C HIS E 430 -6.75 39.32 -67.13
N PRO E 431 -7.27 39.71 -68.31
CA PRO E 431 -7.22 41.12 -68.71
C PRO E 431 -7.86 42.10 -67.70
N GLY E 432 -8.90 41.65 -66.99
CA GLY E 432 -9.57 42.43 -65.96
C GLY E 432 -8.74 42.54 -64.70
N GLY E 433 -8.46 41.38 -64.10
CA GLY E 433 -7.63 41.29 -62.91
C GLY E 433 -7.86 40.03 -62.10
N THR E 434 -7.33 40.02 -60.86
CA THR E 434 -7.43 38.87 -59.94
C THR E 434 -8.89 38.57 -59.66
N GLN E 435 -9.70 39.61 -59.37
CA GLN E 435 -11.14 39.46 -59.09
C GLN E 435 -11.90 38.86 -60.28
N SER E 436 -11.56 39.35 -61.47
CA SER E 436 -12.17 38.91 -62.73
C SER E 436 -11.79 37.46 -63.05
N GLY E 437 -10.49 37.13 -62.89
CA GLY E 437 -9.98 35.77 -63.08
C GLY E 437 -10.62 34.74 -62.16
N ALA E 438 -10.93 35.16 -60.93
CA ALA E 438 -11.60 34.32 -59.96
C ALA E 438 -13.02 34.07 -60.43
N LYS E 439 -13.69 35.16 -60.93
CA LYS E 439 -15.04 35.08 -61.49
C LYS E 439 -15.06 34.15 -62.70
N ALA E 440 -14.07 34.31 -63.64
CA ALA E 440 -13.92 33.46 -64.83
C ALA E 440 -13.73 31.98 -64.51
N LEU E 441 -13.03 31.65 -63.39
CA LEU E 441 -12.80 30.26 -62.99
C LEU E 441 -14.08 29.65 -62.44
N VAL E 442 -14.77 30.42 -61.60
CA VAL E 442 -16.04 30.00 -61.01
C VAL E 442 -17.06 29.75 -62.12
N GLN E 443 -17.11 30.69 -63.08
CA GLN E 443 -18.00 30.66 -64.25
C GLN E 443 -17.76 29.42 -65.11
N ALA E 444 -16.48 29.08 -65.36
CA ALA E 444 -16.11 27.86 -66.10
C ALA E 444 -16.52 26.58 -65.34
N CYS E 445 -16.46 26.58 -64.00
CA CYS E 445 -16.87 25.42 -63.22
C CYS E 445 -18.38 25.28 -63.29
N ASP E 446 -19.10 26.42 -63.10
CA ASP E 446 -20.56 26.44 -63.18
C ASP E 446 -21.06 26.02 -64.55
N ALA E 447 -20.28 26.24 -65.62
CA ALA E 447 -20.63 25.77 -66.96
C ALA E 447 -20.58 24.24 -66.94
N TYR E 448 -19.43 23.65 -66.54
CA TYR E 448 -19.25 22.18 -66.45
C TYR E 448 -20.40 21.55 -65.64
N LEU E 449 -20.67 22.10 -64.46
CA LEU E 449 -21.71 21.58 -63.56
C LEU E 449 -23.09 21.58 -64.21
N GLN E 450 -23.42 22.65 -64.96
CA GLN E 450 -24.69 22.77 -65.69
C GLN E 450 -24.74 21.91 -66.97
N GLY E 451 -23.59 21.68 -67.59
CA GLY E 451 -23.49 20.88 -68.81
C GLY E 451 -23.24 21.67 -70.07
N MET E 452 -23.20 23.01 -69.96
CA MET E 452 -22.97 23.88 -71.12
C MET E 452 -21.52 24.00 -71.51
N ASP E 453 -21.32 24.35 -72.79
CA ASP E 453 -20.01 24.66 -73.35
C ASP E 453 -19.66 26.04 -72.79
N ILE E 454 -18.39 26.30 -72.51
CA ILE E 454 -18.00 27.59 -71.94
C ILE E 454 -18.25 28.77 -72.90
N GLU E 455 -18.29 28.53 -74.24
CA GLU E 455 -18.61 29.61 -75.18
C GLU E 455 -20.11 30.02 -75.05
N GLU E 456 -21.00 29.03 -74.81
CA GLU E 456 -22.44 29.25 -74.61
C GLU E 456 -22.72 29.91 -73.24
N TYR E 457 -22.02 29.46 -72.17
CA TYR E 457 -22.19 30.04 -70.83
C TYR E 457 -21.62 31.46 -70.77
N ALA E 458 -20.53 31.73 -71.54
CA ALA E 458 -19.89 33.04 -71.64
C ALA E 458 -20.77 34.12 -72.30
N LYS E 459 -21.83 33.73 -73.07
CA LYS E 459 -22.75 34.69 -73.72
C LYS E 459 -23.42 35.65 -72.73
N ASP E 460 -23.63 35.21 -71.46
CA ASP E 460 -24.24 36.07 -70.41
C ASP E 460 -23.31 36.23 -69.16
N HIS E 461 -22.03 35.79 -69.27
CA HIS E 461 -21.00 35.86 -68.21
C HIS E 461 -19.72 36.47 -68.81
N LYS E 462 -19.57 37.79 -68.64
CA LYS E 462 -18.49 38.59 -69.21
C LYS E 462 -17.07 38.15 -68.85
N GLU E 463 -16.83 37.77 -67.59
CA GLU E 463 -15.49 37.43 -67.14
C GLU E 463 -14.94 36.17 -67.81
N LEU E 464 -15.78 35.14 -67.96
CA LEU E 464 -15.42 33.91 -68.70
C LEU E 464 -15.18 34.22 -70.20
N ALA E 465 -16.00 35.13 -70.78
CA ALA E 465 -15.90 35.54 -72.18
C ALA E 465 -14.57 36.23 -72.50
N GLU E 466 -14.10 37.10 -71.60
CA GLU E 466 -12.81 37.80 -71.73
C GLU E 466 -11.65 36.84 -71.60
N ALA E 467 -11.85 35.74 -70.84
CA ALA E 467 -10.83 34.70 -70.60
C ALA E 467 -10.65 33.91 -71.88
N ILE E 468 -11.75 33.33 -72.40
CA ILE E 468 -11.74 32.54 -73.62
C ILE E 468 -10.93 33.30 -74.68
N GLU E 469 -11.31 34.56 -74.94
CA GLU E 469 -10.63 35.47 -75.86
C GLU E 469 -9.12 35.56 -75.59
N PHE E 470 -8.74 35.73 -74.31
CA PHE E 470 -7.35 35.90 -73.88
C PHE E 470 -6.48 34.63 -73.91
N TYR E 471 -6.99 33.51 -73.36
CA TYR E 471 -6.24 32.25 -73.23
C TYR E 471 -6.20 31.41 -74.52
N LEU E 472 -6.82 31.87 -75.64
CA LEU E 472 -6.77 31.17 -76.94
C LEU E 472 -6.18 32.07 -78.07
N ASN E 473 -5.54 33.22 -77.71
CA ASN E 473 -4.95 34.15 -78.68
C ASN E 473 -3.58 34.63 -78.18
C1 CAP F . -19.66 1.76 31.49
C2 CAP F . -18.17 2.06 31.24
C3 CAP F . -17.74 3.45 31.73
C4 CAP F . -17.78 3.71 33.24
C5 CAP F . -16.92 4.90 33.63
C CAP F . -17.25 0.98 31.77
O1 CAP F . -20.05 0.53 30.90
O2 CAP F . -18.07 2.04 29.81
O3 CAP F . -16.46 3.78 31.18
O4 CAP F . -19.10 3.99 33.66
O5 CAP F . -17.15 5.20 35.01
O6 CAP F . -17.43 0.43 32.89
O7 CAP F . -16.27 0.64 31.07
P1 CAP F . -21.32 -0.30 31.47
P2 CAP F . -17.54 6.69 35.41
O1P CAP F . -22.53 0.52 31.03
O2P CAP F . -21.23 -1.65 30.81
O3P CAP F . -21.16 -0.40 32.96
O4P CAP F . -18.81 6.91 34.63
O5P CAP F . -17.78 6.69 36.90
O6P CAP F . -16.31 7.50 35.01
MG MG G . -16.06 2.11 29.83
MG MG H . -25.34 45.03 32.43
CL CL I . -3.38 35.62 61.37
C1 CAP J . 12.03 19.87 46.28
C2 CAP J . 10.86 20.06 45.31
C3 CAP J . 10.50 18.81 44.50
C4 CAP J . 9.99 17.60 45.30
C5 CAP J . 9.12 16.67 44.49
C CAP J . 9.61 20.58 45.98
O1 CAP J . 12.41 21.10 46.89
O2 CAP J . 11.29 21.02 44.35
O3 CAP J . 9.54 19.25 43.52
O4 CAP J . 11.12 16.89 45.77
O5 CAP J . 8.86 15.49 45.24
O6 CAP J . 8.88 21.31 45.30
O7 CAP J . 9.33 20.26 47.15
P1 CAP J . 13.34 21.14 48.19
P2 CAP J . 9.34 14.07 44.70
O1P CAP J . 12.63 20.29 49.21
O2P CAP J . 14.64 20.60 47.66
O3P CAP J . 13.42 22.55 48.65
O4P CAP J . 8.40 13.77 43.57
O5P CAP J . 10.79 14.27 44.25
O6P CAP J . 9.17 13.19 45.91
MG MG K . 9.40 21.55 43.21
MG MG L . 23.70 -14.31 21.47
CL CL M . -9.54 -22.37 37.30
C1 CAP N . -10.74 -19.68 -24.20
C2 CAP N . -9.54 -18.92 -23.66
C3 CAP N . -9.48 -18.82 -22.14
C4 CAP N . -9.56 -20.12 -21.33
C5 CAP N . -8.78 -20.07 -20.01
C CAP N . -8.26 -19.50 -24.20
O1 CAP N . -10.90 -19.45 -25.59
O2 CAP N . -9.66 -17.58 -24.15
O3 CAP N . -8.36 -18.00 -21.80
O4 CAP N . -10.96 -20.31 -21.03
O5 CAP N . -9.05 -21.25 -19.26
O6 CAP N . -8.14 -20.74 -24.37
O7 CAP N . -7.31 -18.71 -24.45
P1 CAP N . -12.09 -20.17 -26.40
P2 CAP N . -9.95 -21.24 -17.92
O1P CAP N . -13.32 -19.62 -25.73
O2P CAP N . -11.85 -19.71 -27.82
O3P CAP N . -11.92 -21.67 -26.18
O4P CAP N . -10.27 -22.69 -17.61
O5P CAP N . -11.17 -20.41 -18.26
O6P CAP N . -9.03 -20.63 -16.88
MG MG O . -7.66 -16.85 -23.58
MG MG P . -27.66 -6.68 14.01
CL CL Q . -2.91 -34.62 20.77
C1 CAP R . 15.54 -23.64 4.74
C2 CAP R . 14.25 -22.90 4.35
C3 CAP R . 14.09 -22.69 2.83
C4 CAP R . 13.98 -23.94 1.94
C5 CAP R . 13.63 -23.57 0.51
C CAP R . 13.00 -23.59 4.93
O1 CAP R . 15.79 -23.73 6.15
O2 CAP R . 14.42 -21.60 4.92
O3 CAP R . 13.00 -21.79 2.55
O4 CAP R . 15.25 -24.60 1.92
O5 CAP R . 13.67 -24.74 -0.30
O6 CAP R . 12.76 -24.80 4.70
O7 CAP R . 12.19 -22.94 5.62
P1 CAP R . 16.37 -25.05 6.89
P2 CAP R . 14.37 -24.69 -1.73
O1P CAP R . 15.70 -26.21 6.22
O2P CAP R . 17.88 -25.01 6.75
O3P CAP R . 15.92 -24.89 8.32
O4P CAP R . 14.19 -26.12 -2.22
O5P CAP R . 15.80 -24.28 -1.46
O6P CAP R . 13.61 -23.67 -2.55
MG MG S . 12.51 -20.61 4.48
MG MG T . 34.53 -10.58 -32.02
CL CL U . 5.17 -31.78 -41.58
C1 CAP V . 1.79 26.89 -60.46
C2 CAP V . 2.83 26.75 -59.34
C3 CAP V . 2.95 25.31 -58.82
C4 CAP V . 3.45 24.26 -59.81
C5 CAP V . 3.91 22.98 -59.13
C CAP V . 4.20 27.30 -59.74
O1 CAP V . 1.63 28.25 -60.87
O2 CAP V . 2.31 27.51 -58.25
O3 CAP V . 3.75 25.32 -57.63
O4 CAP V . 2.36 23.96 -60.70
O5 CAP V . 3.90 21.94 -60.10
O6 CAP V . 4.64 27.14 -60.91
O7 CAP V . 4.88 27.90 -58.87
P1 CAP V . 0.74 28.64 -62.15
P2 CAP V . 3.33 20.47 -59.77
O1P CAP V . -0.70 28.27 -61.78
O2P CAP V . 1.04 30.10 -62.32
O3P CAP V . 1.30 27.81 -63.28
O4P CAP V . 1.87 20.67 -59.36
O5P CAP V . 3.50 19.67 -61.06
O6P CAP V . 4.28 20.03 -58.68
MG MG W . 4.19 27.59 -56.91
MG MG X . -16.73 -6.99 -39.69
CL CL Y . 14.58 -19.33 -57.12
#